data_4QL6
#
_entry.id   4QL6
#
_cell.length_a   86.730
_cell.length_b   183.990
_cell.length_c   209.620
_cell.angle_alpha   90.00
_cell.angle_beta   90.00
_cell.angle_gamma   90.00
#
_symmetry.space_group_name_H-M   'P 2 21 21'
#
_entity_poly.entity_id   1
_entity_poly.type   'polypeptide(L)'
_entity_poly.pdbx_seq_one_letter_code
;GPRSACAEPLRRQDVRKTVDKLVEHHIDTQQISPYILSRSLEDYVRSFDSHKAYLTQDEVFSHAFSEEATHPLFKQYQED
NFSSFKELDTCIQQSISRAREWRSSWLTDSIRVIQDAMSHTIEKKPSAWASSIEEVKQRQYDLLLSYASIYLEDAAKNRY
QGKEHGLVKLCIRQIENHENPYIGINDHGYRMSPEEEANSFHVRIIKSIAHSLDAHTAYFSQEEALSMRAQLEKGMCGIG
VVLKEDIDGVVVKEVLAGGPADKTGSLRVGDIIYRVNGKNIENTPFPGVLDSLRGSPGSSVTLDIHRQNNDHVIQLRREK
ILLDSRRVDVSYEPYGNGIIGKITLHSFYEGENQVSSEQDLRKAIRELQEKNLLGLVLDIRENTGGFLSQAIKVSGLFLT
NGVVVVSRYADGSVKRYRTISPQKFYDGPLAVLVSKSSAAAAEIVAQTLQDYGVALIVGDQQTYGKGTIQHQTITGSNSQ
EDFFKVTVGRYYSPSGKSTQLEGVKSDIVIPSRYAEDKLGERFLEYALPADQYDNVINDNLGDLDINIRPWFQKYYSPHL
QKPELVWREMLPQLAHNSQERLEKNKNFEIFVQHLKKTNKQDRSFGSNDLQMEESVNIVKDMILLKSISQTPAQ
;
_entity_poly.pdbx_strand_id   A,B,C
#
# COMPACT_ATOMS: atom_id res chain seq x y z
N ALA A 7 34.33 8.45 79.06
CA ALA A 7 32.92 8.29 79.40
C ALA A 7 32.55 9.13 80.63
N GLU A 8 31.29 9.54 80.71
CA GLU A 8 30.81 10.38 81.80
C GLU A 8 29.28 10.43 81.85
N PRO A 9 28.71 10.32 83.06
CA PRO A 9 27.27 10.50 83.25
C PRO A 9 26.89 11.97 83.23
N LEU A 10 25.59 12.28 83.26
CA LEU A 10 25.15 13.66 83.20
C LEU A 10 24.26 14.06 84.38
N ARG A 11 24.63 15.13 85.07
CA ARG A 11 23.88 15.65 86.21
C ARG A 11 22.75 16.55 85.71
N ARG A 12 21.82 16.89 86.59
CA ARG A 12 20.71 17.82 86.29
C ARG A 12 21.20 19.09 85.60
N GLN A 13 22.21 19.73 86.18
CA GLN A 13 22.75 20.99 85.66
C GLN A 13 23.38 20.86 84.28
N ASP A 14 23.81 19.65 83.93
CA ASP A 14 24.44 19.40 82.64
C ASP A 14 23.49 19.59 81.45
N VAL A 15 22.28 19.05 81.57
CA VAL A 15 21.27 19.11 80.51
C VAL A 15 21.02 20.54 80.02
N ARG A 16 20.80 21.46 80.96
CA ARG A 16 20.58 22.86 80.61
C ARG A 16 21.82 23.46 79.96
N LYS A 17 23.00 23.14 80.49
CA LYS A 17 24.26 23.61 79.93
C LYS A 17 24.48 23.13 78.49
N THR A 18 24.17 21.87 78.24
CA THR A 18 24.25 21.30 76.89
C THR A 18 23.27 21.98 75.93
N VAL A 19 22.05 22.20 76.40
CA VAL A 19 21.01 22.86 75.61
C VAL A 19 21.37 24.30 75.23
N ASP A 20 21.94 25.04 76.18
CA ASP A 20 22.39 26.41 75.94
C ASP A 20 23.43 26.44 74.81
N LYS A 21 24.25 25.40 74.77
CA LYS A 21 25.26 25.22 73.74
C LYS A 21 24.59 24.89 72.39
N LEU A 22 23.40 24.31 72.47
CA LEU A 22 22.63 23.91 71.29
C LEU A 22 21.82 25.06 70.71
N VAL A 23 21.32 25.93 71.59
CA VAL A 23 20.47 27.04 71.18
C VAL A 23 21.26 28.32 70.96
N GLU A 24 22.59 28.21 70.91
CA GLU A 24 23.44 29.38 70.77
C GLU A 24 23.35 29.99 69.37
N HIS A 25 23.38 29.14 68.36
CA HIS A 25 23.32 29.61 66.98
C HIS A 25 22.19 28.97 66.17
N HIS A 26 21.05 28.73 66.83
CA HIS A 26 19.87 28.20 66.15
C HIS A 26 19.21 29.32 65.35
N ILE A 27 18.51 28.96 64.28
CA ILE A 27 17.97 29.94 63.34
C ILE A 27 16.86 30.83 63.93
N ASP A 28 15.86 30.24 64.57
CA ASP A 28 14.70 30.99 65.03
C ASP A 28 14.57 31.13 66.56
N THR A 29 15.23 30.25 67.29
CA THR A 29 15.13 30.25 68.75
C THR A 29 16.49 30.14 69.44
N GLN A 30 16.85 31.18 70.18
CA GLN A 30 18.10 31.18 70.96
C GLN A 30 17.83 31.11 72.45
N GLN A 31 16.57 31.27 72.83
CA GLN A 31 16.16 31.19 74.24
C GLN A 31 15.11 30.12 74.47
N ILE A 32 15.34 29.28 75.47
CA ILE A 32 14.37 28.25 75.82
C ILE A 32 13.12 28.90 76.43
N SER A 33 12.01 28.84 75.68
CA SER A 33 10.73 29.37 76.15
C SER A 33 9.91 28.20 76.68
N PRO A 34 8.80 28.47 77.40
CA PRO A 34 7.97 27.36 77.84
C PRO A 34 7.36 26.61 76.66
N TYR A 35 7.03 27.33 75.60
CA TYR A 35 6.49 26.77 74.37
C TYR A 35 7.35 25.64 73.83
N ILE A 36 8.65 25.90 73.70
CA ILE A 36 9.62 24.92 73.22
C ILE A 36 9.66 23.71 74.15
N LEU A 37 9.57 23.97 75.46
CA LEU A 37 9.59 22.91 76.47
C LEU A 37 8.34 22.03 76.46
N SER A 38 7.18 22.63 76.19
CA SER A 38 5.94 21.87 76.10
C SER A 38 6.02 20.84 74.98
N ARG A 39 6.57 21.25 73.84
CA ARG A 39 6.78 20.35 72.70
C ARG A 39 7.75 19.23 73.05
N SER A 40 8.83 19.57 73.76
CA SER A 40 9.83 18.59 74.19
C SER A 40 9.20 17.51 75.06
N LEU A 41 8.24 17.90 75.90
CA LEU A 41 7.53 16.94 76.73
C LEU A 41 6.55 16.12 75.88
N GLU A 42 5.93 16.76 74.89
CA GLU A 42 5.06 16.05 73.97
C GLU A 42 5.87 15.08 73.10
N ASP A 43 7.04 15.53 72.65
CA ASP A 43 7.90 14.70 71.82
C ASP A 43 8.47 13.53 72.63
N TYR A 44 8.48 13.66 73.95
CA TYR A 44 9.00 12.60 74.81
C TYR A 44 8.19 11.31 74.69
N VAL A 45 6.86 11.43 74.78
CA VAL A 45 5.99 10.25 74.65
C VAL A 45 6.01 9.68 73.23
N ARG A 46 5.95 10.56 72.23
CA ARG A 46 5.90 10.14 70.84
C ARG A 46 7.21 9.47 70.42
N SER A 47 8.31 9.88 71.03
CA SER A 47 9.61 9.25 70.79
C SER A 47 9.63 7.85 71.39
N PHE A 48 8.95 7.69 72.53
CA PHE A 48 8.83 6.39 73.18
C PHE A 48 7.73 5.54 72.55
N ASP A 49 6.56 6.13 72.39
CA ASP A 49 5.40 5.43 71.86
C ASP A 49 5.01 5.97 70.49
N SER A 50 5.57 5.38 69.44
CA SER A 50 5.34 5.85 68.07
C SER A 50 3.92 5.53 67.59
N HIS A 51 3.43 4.35 67.95
CA HIS A 51 2.14 3.88 67.45
C HIS A 51 0.99 4.19 68.42
N LYS A 52 1.31 4.86 69.53
CA LYS A 52 0.33 5.22 70.55
C LYS A 52 -0.39 3.99 71.09
N ALA A 53 0.38 2.97 71.48
CA ALA A 53 -0.17 1.69 71.89
C ALA A 53 0.18 1.31 73.33
N TYR A 54 0.73 2.25 74.09
CA TYR A 54 1.15 1.98 75.46
C TYR A 54 0.36 2.77 76.50
N LEU A 55 -0.19 3.92 76.12
CA LEU A 55 -0.85 4.80 77.08
C LEU A 55 -2.30 5.11 76.74
N THR A 56 -3.04 5.59 77.73
CA THR A 56 -4.41 6.07 77.51
C THR A 56 -4.38 7.55 77.11
N GLN A 57 -5.50 8.06 76.63
CA GLN A 57 -5.63 9.47 76.29
C GLN A 57 -5.29 10.34 77.49
N ASP A 58 -5.81 9.96 78.65
CA ASP A 58 -5.58 10.71 79.89
C ASP A 58 -4.15 10.55 80.41
N GLU A 59 -3.64 9.32 80.46
CA GLU A 59 -2.25 9.06 80.83
C GLU A 59 -1.34 9.94 79.98
N VAL A 60 -1.61 9.96 78.68
CA VAL A 60 -0.96 10.91 77.79
C VAL A 60 -1.28 12.34 78.23
N PHE A 61 -2.55 12.73 78.11
CA PHE A 61 -2.98 14.10 78.42
C PHE A 61 -2.52 14.63 79.78
N SER A 62 -2.61 13.80 80.82
CA SER A 62 -2.27 14.25 82.18
C SER A 62 -0.76 14.45 82.40
N HIS A 63 0.05 13.62 81.76
CA HIS A 63 1.50 13.62 81.99
C HIS A 63 2.21 14.55 81.03
N ALA A 64 1.62 14.75 79.86
CA ALA A 64 2.09 15.76 78.90
C ALA A 64 0.78 16.25 78.29
N PHE A 65 0.63 17.58 78.10
CA PHE A 65 -0.61 18.27 77.62
C PHE A 65 -1.41 18.90 78.76
N SER A 66 -1.27 18.39 79.98
CA SER A 66 -1.97 19.03 81.12
C SER A 66 -1.12 20.14 81.73
N GLU A 67 -1.76 21.11 82.39
CA GLU A 67 -1.01 22.24 82.96
C GLU A 67 -0.22 21.77 84.17
N GLU A 68 -0.73 20.76 84.86
CA GLU A 68 0.05 20.16 85.95
C GLU A 68 1.32 19.55 85.38
N ALA A 69 1.25 19.19 84.10
CA ALA A 69 2.35 18.57 83.40
C ALA A 69 3.28 19.58 82.73
N THR A 70 2.68 20.62 82.13
CA THR A 70 3.44 21.52 81.26
C THR A 70 3.57 22.98 81.74
N HIS A 71 2.77 23.39 82.72
CA HIS A 71 2.88 24.75 83.25
C HIS A 71 4.18 25.03 84.05
N PRO A 72 4.60 24.10 84.94
CA PRO A 72 5.79 24.46 85.73
C PRO A 72 7.11 24.20 85.00
N LEU A 73 7.03 23.75 83.75
CA LEU A 73 8.21 23.31 83.01
C LEU A 73 9.35 24.33 82.91
N PHE A 74 9.03 25.54 82.45
CA PHE A 74 10.03 26.59 82.21
C PHE A 74 10.84 26.95 83.45
N LYS A 75 10.15 27.28 84.54
CA LYS A 75 10.83 27.69 85.76
C LYS A 75 11.60 26.55 86.42
N GLN A 76 11.01 25.35 86.43
CA GLN A 76 11.71 24.15 86.91
C GLN A 76 13.00 23.97 86.14
N TYR A 77 12.92 24.20 84.83
CA TYR A 77 14.06 24.05 83.93
C TYR A 77 15.19 25.01 84.31
N GLN A 78 14.84 26.24 84.64
CA GLN A 78 15.83 27.23 85.08
C GLN A 78 16.52 26.75 86.36
N GLU A 79 15.76 26.07 87.21
CA GLU A 79 16.29 25.54 88.46
C GLU A 79 16.96 24.20 88.22
N ASP A 80 17.15 23.86 86.95
CA ASP A 80 17.77 22.59 86.55
C ASP A 80 17.05 21.38 87.12
N ASN A 81 15.73 21.50 87.26
CA ASN A 81 14.89 20.41 87.74
C ASN A 81 14.04 19.83 86.61
N PHE A 82 13.89 18.51 86.61
CA PHE A 82 13.11 17.83 85.58
C PHE A 82 12.12 16.85 86.20
N SER A 83 11.09 17.40 86.85
CA SER A 83 10.06 16.59 87.51
C SER A 83 9.13 15.93 86.50
N SER A 84 8.49 16.74 85.67
CA SER A 84 7.52 16.26 84.69
C SER A 84 8.06 15.18 83.76
N PHE A 85 9.36 15.23 83.49
CA PHE A 85 10.01 14.21 82.68
C PHE A 85 10.14 12.91 83.46
N LYS A 86 10.47 13.03 84.75
CA LYS A 86 10.58 11.86 85.62
C LYS A 86 9.21 11.26 85.92
N GLU A 87 8.20 12.10 86.07
CA GLU A 87 6.82 11.66 86.23
C GLU A 87 6.42 10.84 85.01
N LEU A 88 6.62 11.44 83.85
CA LEU A 88 6.28 10.81 82.58
C LEU A 88 7.07 9.51 82.37
N ASP A 89 8.38 9.56 82.61
CA ASP A 89 9.21 8.37 82.49
C ASP A 89 8.73 7.27 83.41
N THR A 90 8.30 7.65 84.61
CA THR A 90 7.73 6.69 85.56
C THR A 90 6.45 6.07 84.99
N CYS A 91 5.56 6.91 84.46
CA CYS A 91 4.35 6.42 83.83
C CYS A 91 4.67 5.55 82.62
N ILE A 92 5.68 5.96 81.86
CA ILE A 92 6.19 5.14 80.76
C ILE A 92 6.62 3.77 81.29
N GLN A 93 7.41 3.77 82.37
CA GLN A 93 7.88 2.53 82.99
C GLN A 93 6.73 1.62 83.45
N GLN A 94 5.63 2.22 83.89
CA GLN A 94 4.47 1.47 84.35
C GLN A 94 3.85 0.69 83.20
N SER A 95 3.45 1.40 82.15
CA SER A 95 2.85 0.78 80.97
C SER A 95 3.76 -0.29 80.36
N ILE A 96 5.07 -0.02 80.35
CA ILE A 96 6.05 -0.99 79.89
C ILE A 96 5.96 -2.29 80.69
N SER A 97 6.02 -2.18 82.01
CA SER A 97 5.86 -3.32 82.89
C SER A 97 4.46 -3.91 82.76
N ARG A 98 3.47 -3.03 82.63
CA ARG A 98 2.08 -3.43 82.47
C ARG A 98 1.87 -4.25 81.19
N ALA A 99 2.46 -3.80 80.10
CA ALA A 99 2.31 -4.48 78.82
C ALA A 99 3.14 -5.76 78.72
N ARG A 100 4.16 -5.87 79.56
CA ARG A 100 5.05 -7.03 79.52
C ARG A 100 4.47 -8.25 80.24
N GLU A 101 3.71 -8.01 81.31
CA GLU A 101 3.04 -9.09 82.02
C GLU A 101 1.83 -9.57 81.24
N TRP A 102 1.44 -8.80 80.23
CA TRP A 102 0.43 -9.22 79.26
C TRP A 102 1.07 -10.17 78.25
N ARG A 103 2.29 -9.85 77.84
CA ARG A 103 3.03 -10.64 76.86
C ARG A 103 3.30 -12.05 77.36
N SER A 104 3.68 -12.16 78.62
CA SER A 104 4.03 -13.43 79.25
C SER A 104 2.93 -14.47 79.07
N SER A 105 1.68 -14.04 79.21
CA SER A 105 0.54 -14.92 79.00
C SER A 105 0.38 -15.26 77.52
N TRP A 106 0.67 -14.28 76.66
CA TRP A 106 0.60 -14.49 75.22
C TRP A 106 1.68 -15.46 74.75
N LEU A 107 2.70 -15.65 75.58
CA LEU A 107 3.77 -16.59 75.25
C LEU A 107 3.34 -18.04 75.47
N THR A 108 2.63 -18.28 76.58
CA THR A 108 2.11 -19.60 76.91
C THR A 108 1.32 -20.18 75.74
N ASP A 109 0.32 -19.44 75.27
CA ASP A 109 -0.39 -19.79 74.06
C ASP A 109 0.22 -19.02 72.90
N SER A 110 1.34 -19.52 72.38
CA SER A 110 2.09 -18.85 71.33
C SER A 110 1.60 -19.18 69.93
N ILE A 111 1.09 -20.41 69.76
CA ILE A 111 0.61 -20.86 68.46
C ILE A 111 -0.52 -19.96 67.95
N ARG A 112 -1.43 -19.61 68.86
CA ARG A 112 -2.52 -18.70 68.53
C ARG A 112 -2.00 -17.32 68.11
N VAL A 113 -0.93 -16.85 68.76
CA VAL A 113 -0.38 -15.53 68.46
C VAL A 113 0.08 -15.42 67.00
N ILE A 114 0.55 -16.54 66.46
CA ILE A 114 1.01 -16.60 65.08
C ILE A 114 -0.14 -16.33 64.08
N GLN A 115 -1.37 -16.29 64.58
CA GLN A 115 -2.53 -15.98 63.73
C GLN A 115 -2.35 -14.70 62.90
N ASP A 116 -2.54 -14.84 61.59
CA ASP A 116 -2.58 -13.67 60.71
C ASP A 116 -3.76 -13.80 59.74
N ALA A 117 -4.95 -13.92 60.31
CA ALA A 117 -6.18 -14.11 59.56
C ALA A 117 -6.43 -12.96 58.58
N LYS A 125 -0.68 3.69 63.40
CA LYS A 125 -0.73 5.15 63.57
C LYS A 125 -2.16 5.66 63.56
N PRO A 126 -2.71 5.91 64.75
CA PRO A 126 -4.00 6.59 64.91
C PRO A 126 -3.81 8.07 65.17
N SER A 127 -4.89 8.80 65.06
CA SER A 127 -4.85 10.24 65.34
C SER A 127 -4.77 10.47 66.85
N ALA A 128 -5.40 9.58 67.62
CA ALA A 128 -5.48 9.73 69.06
C ALA A 128 -5.17 8.44 69.80
N TRP A 129 -4.65 8.59 71.02
CA TRP A 129 -4.39 7.45 71.89
C TRP A 129 -5.69 6.75 72.28
N ALA A 130 -5.57 5.56 72.86
CA ALA A 130 -6.75 4.82 73.30
C ALA A 130 -7.36 5.45 74.55
N SER A 131 -8.68 5.44 74.63
CA SER A 131 -9.38 6.00 75.79
C SER A 131 -9.70 4.93 76.82
N SER A 132 -9.04 3.78 76.71
CA SER A 132 -9.24 2.67 77.63
C SER A 132 -8.10 1.65 77.55
N ILE A 133 -7.79 1.02 78.69
CA ILE A 133 -6.73 0.02 78.79
C ILE A 133 -6.94 -1.14 77.80
N GLU A 134 -8.20 -1.57 77.67
CA GLU A 134 -8.54 -2.66 76.76
C GLU A 134 -8.26 -2.29 75.31
N GLU A 135 -8.58 -1.05 74.95
CA GLU A 135 -8.32 -0.54 73.61
C GLU A 135 -6.81 -0.50 73.35
N VAL A 136 -6.04 -0.28 74.41
CA VAL A 136 -4.59 -0.41 74.36
C VAL A 136 -4.20 -1.88 74.22
N LYS A 137 -4.83 -2.72 75.05
CA LYS A 137 -4.54 -4.15 75.09
C LYS A 137 -4.70 -4.81 73.72
N GLN A 138 -5.61 -4.30 72.92
CA GLN A 138 -5.79 -4.77 71.55
C GLN A 138 -4.65 -4.28 70.65
N ARG A 139 -4.34 -2.98 70.73
CA ARG A 139 -3.25 -2.41 69.97
C ARG A 139 -1.90 -3.07 70.28
N GLN A 140 -1.71 -3.42 71.55
CA GLN A 140 -0.51 -4.11 71.97
C GLN A 140 -0.49 -5.51 71.36
N TYR A 141 -1.68 -6.08 71.20
CA TYR A 141 -1.84 -7.38 70.56
C TYR A 141 -1.73 -7.21 69.05
N ASP A 142 -2.28 -6.11 68.54
CA ASP A 142 -2.20 -5.78 67.12
C ASP A 142 -0.76 -5.46 66.72
N LEU A 143 0.08 -5.16 67.71
CA LEU A 143 1.49 -4.92 67.47
C LEU A 143 2.17 -6.25 67.12
N LEU A 144 1.84 -7.28 67.88
CA LEU A 144 2.32 -8.63 67.60
C LEU A 144 1.77 -9.10 66.26
N LEU A 145 0.53 -8.71 65.97
CA LEU A 145 -0.06 -8.95 64.66
C LEU A 145 0.90 -8.37 63.63
N SER A 146 1.11 -7.07 63.70
CA SER A 146 2.01 -6.35 62.78
C SER A 146 3.39 -6.99 62.55
N TYR A 147 4.07 -7.37 63.63
CA TYR A 147 5.39 -7.99 63.52
C TYR A 147 5.31 -9.41 62.96
N ALA A 148 4.28 -10.15 63.33
CA ALA A 148 4.09 -11.50 62.80
C ALA A 148 3.44 -11.47 61.41
N SER A 149 2.58 -10.48 61.16
CA SER A 149 1.88 -10.37 59.89
C SER A 149 2.82 -10.17 58.71
N ILE A 150 3.95 -9.50 58.95
CA ILE A 150 4.94 -9.29 57.89
C ILE A 150 5.58 -10.62 57.49
N TYR A 151 5.26 -11.67 58.24
CA TYR A 151 5.74 -13.01 57.95
C TYR A 151 4.59 -13.94 57.53
N LEU A 152 4.57 -14.46 56.29
CA LEU A 152 5.57 -14.27 55.23
C LEU A 152 7.01 -14.65 55.59
N LEU A 170 9.62 -14.71 69.61
CA LEU A 170 10.64 -13.92 68.93
C LEU A 170 10.33 -12.43 69.08
N CYS A 171 9.18 -12.00 68.60
CA CYS A 171 8.76 -10.60 68.64
C CYS A 171 8.79 -10.07 70.06
N ILE A 172 8.39 -10.90 71.01
CA ILE A 172 8.36 -10.55 72.43
C ILE A 172 9.64 -9.89 72.94
N ARG A 173 10.78 -10.24 72.34
CA ARG A 173 12.06 -9.65 72.74
C ARG A 173 12.49 -8.53 71.79
N GLN A 174 12.17 -8.70 70.51
CA GLN A 174 12.45 -7.68 69.50
C GLN A 174 11.75 -6.35 69.84
N ILE A 175 10.52 -6.46 70.33
CA ILE A 175 9.72 -5.27 70.65
C ILE A 175 10.00 -4.78 72.07
N GLU A 176 10.98 -5.40 72.72
CA GLU A 176 11.43 -4.95 74.04
C GLU A 176 12.61 -3.98 73.90
N ASN A 177 13.38 -4.16 72.83
CA ASN A 177 14.59 -3.35 72.60
C ASN A 177 14.30 -1.86 72.60
N HIS A 178 13.13 -1.47 72.08
CA HIS A 178 12.73 -0.07 72.06
C HIS A 178 12.49 0.47 73.46
N GLU A 179 11.91 -0.36 74.33
CA GLU A 179 11.50 0.09 75.66
C GLU A 179 12.49 -0.25 76.77
N ASN A 180 13.41 -1.17 76.50
CA ASN A 180 14.42 -1.55 77.49
C ASN A 180 15.27 -0.40 78.06
N PRO A 181 15.71 0.54 77.21
CA PRO A 181 16.47 1.66 77.78
C PRO A 181 15.63 2.64 78.61
N TYR A 182 14.30 2.48 78.57
CA TYR A 182 13.42 3.33 79.37
C TYR A 182 13.27 2.82 80.80
N ILE A 183 13.42 1.51 80.97
CA ILE A 183 13.29 0.87 82.28
C ILE A 183 14.63 0.64 82.96
N GLY A 184 15.69 1.14 82.34
CA GLY A 184 17.03 1.00 82.89
C GLY A 184 17.75 -0.26 82.45
N ILE A 185 17.19 -0.92 81.44
CA ILE A 185 17.78 -2.14 80.90
C ILE A 185 18.71 -1.80 79.74
N ASN A 186 19.96 -2.27 79.78
CA ASN A 186 20.91 -1.97 78.71
C ASN A 186 20.71 -2.88 77.49
N ASP A 187 21.52 -2.66 76.46
CA ASP A 187 21.50 -3.47 75.25
C ASP A 187 21.57 -4.95 75.61
N HIS A 188 22.56 -5.30 76.42
CA HIS A 188 22.76 -6.68 76.83
C HIS A 188 21.73 -7.13 77.86
N GLY A 189 21.07 -6.17 78.52
CA GLY A 189 19.95 -6.48 79.38
C GLY A 189 20.17 -6.32 80.87
N TYR A 190 21.42 -6.12 81.28
CA TYR A 190 21.72 -5.98 82.70
C TYR A 190 21.33 -4.61 83.22
N ARG A 191 20.68 -4.57 84.38
CA ARG A 191 20.20 -3.30 84.94
C ARG A 191 21.37 -2.37 85.26
N MET A 192 21.26 -1.14 84.76
CA MET A 192 22.35 -0.16 84.87
C MET A 192 22.35 0.57 86.22
N SER A 193 23.49 1.17 86.54
CA SER A 193 23.65 1.95 87.77
C SER A 193 22.71 3.15 87.76
N PRO A 194 22.35 3.67 88.95
CA PRO A 194 21.45 4.82 89.07
C PRO A 194 21.88 5.99 88.18
N GLU A 195 23.19 6.21 88.07
CA GLU A 195 23.71 7.25 87.18
C GLU A 195 23.55 6.86 85.72
N GLU A 196 23.92 5.63 85.39
CA GLU A 196 23.82 5.13 84.02
C GLU A 196 22.36 5.14 83.56
N GLU A 197 21.44 5.00 84.52
CA GLU A 197 20.02 5.14 84.25
C GLU A 197 19.65 6.61 84.15
N ALA A 198 20.21 7.42 85.05
CA ALA A 198 20.03 8.86 84.99
C ALA A 198 20.74 9.44 83.75
N ASN A 199 21.79 8.77 83.31
CA ASN A 199 22.50 9.14 82.08
C ASN A 199 21.58 9.04 80.87
N SER A 200 21.06 7.83 80.64
CA SER A 200 20.16 7.58 79.53
C SER A 200 18.89 8.42 79.63
N PHE A 201 18.45 8.69 80.86
CA PHE A 201 17.25 9.49 81.08
C PHE A 201 17.45 10.94 80.62
N HIS A 202 18.60 11.51 80.94
CA HIS A 202 18.92 12.88 80.54
C HIS A 202 19.09 13.01 79.02
N VAL A 203 19.73 12.00 78.42
CA VAL A 203 19.92 11.95 76.96
C VAL A 203 18.58 12.05 76.23
N ARG A 204 17.61 11.25 76.66
CA ARG A 204 16.29 11.22 76.04
C ARG A 204 15.55 12.56 76.16
N ILE A 205 15.80 13.28 77.26
CA ILE A 205 15.25 14.62 77.45
C ILE A 205 15.84 15.60 76.43
N ILE A 206 17.17 15.62 76.35
CA ILE A 206 17.89 16.51 75.44
C ILE A 206 17.50 16.30 73.98
N LYS A 207 17.47 15.04 73.54
CA LYS A 207 17.08 14.69 72.18
C LYS A 207 15.65 15.14 71.89
N SER A 208 14.81 15.17 72.92
CA SER A 208 13.43 15.63 72.77
C SER A 208 13.35 17.15 72.72
N ILE A 209 14.21 17.83 73.48
CA ILE A 209 14.32 19.28 73.40
C ILE A 209 14.89 19.69 72.05
N ALA A 210 15.84 18.89 71.55
CA ALA A 210 16.43 19.12 70.23
C ALA A 210 15.39 19.02 69.11
N HIS A 211 14.64 17.93 69.08
CA HIS A 211 13.59 17.72 68.08
C HIS A 211 12.54 18.83 68.13
N SER A 212 12.30 19.37 69.33
CA SER A 212 11.24 20.36 69.53
C SER A 212 11.67 21.79 69.16
N LEU A 213 12.93 21.95 68.76
CA LEU A 213 13.42 23.23 68.25
C LEU A 213 12.99 23.37 66.78
N ASP A 214 13.33 22.35 66.00
CA ASP A 214 12.81 22.19 64.64
C ASP A 214 13.06 20.76 64.15
N ALA A 215 12.66 20.46 62.91
CA ALA A 215 12.70 19.09 62.40
C ALA A 215 14.10 18.48 62.31
N HIS A 216 15.09 19.31 61.99
CA HIS A 216 16.43 18.78 61.68
C HIS A 216 17.50 19.04 62.75
N THR A 217 17.11 19.63 63.88
CA THR A 217 18.02 19.72 65.02
C THR A 217 18.00 18.41 65.78
N ALA A 218 19.18 17.86 66.08
CA ALA A 218 19.26 16.58 66.77
C ALA A 218 20.48 16.47 67.67
N TYR A 219 20.33 15.79 68.79
CA TYR A 219 21.45 15.53 69.69
C TYR A 219 21.92 14.08 69.53
N PHE A 220 23.21 13.86 69.79
CA PHE A 220 23.75 12.51 69.76
C PHE A 220 24.54 12.26 71.05
N SER A 221 24.03 11.35 71.88
CA SER A 221 24.68 10.99 73.15
C SER A 221 26.10 10.51 72.89
N GLN A 222 27.02 10.71 73.82
CA GLN A 222 28.44 10.42 73.58
C GLN A 222 28.72 8.97 73.17
N GLU A 223 27.77 8.08 73.44
CA GLU A 223 27.90 6.68 73.08
C GLU A 223 27.76 6.52 71.57
N GLU A 224 26.86 7.33 70.98
CA GLU A 224 26.70 7.43 69.53
C GLU A 224 27.44 8.67 69.01
N ALA A 225 28.12 8.56 67.88
CA ALA A 225 28.37 7.29 67.21
C ALA A 225 29.85 6.97 67.30
N LEU A 226 30.15 5.68 67.41
CA LEU A 226 31.51 5.14 67.40
C LEU A 226 31.48 3.62 67.53
N ARG A 327 28.44 7.55 42.30
CA ARG A 327 28.92 8.54 41.35
C ARG A 327 27.83 9.03 40.39
N VAL A 328 28.17 9.04 39.10
CA VAL A 328 27.30 9.54 38.05
C VAL A 328 27.04 8.47 37.00
N ASP A 329 25.76 8.16 36.77
CA ASP A 329 25.37 7.22 35.74
C ASP A 329 25.12 7.97 34.43
N VAL A 330 25.79 7.54 33.36
CA VAL A 330 25.68 8.22 32.07
C VAL A 330 25.17 7.30 30.97
N SER A 331 24.15 7.76 30.25
CA SER A 331 23.62 7.04 29.10
C SER A 331 23.08 8.05 28.10
N TYR A 332 22.93 7.64 26.84
CA TYR A 332 22.39 8.53 25.82
C TYR A 332 21.38 7.82 24.92
N GLU A 333 20.45 8.59 24.37
CA GLU A 333 19.52 8.09 23.37
C GLU A 333 19.70 8.87 22.08
N PRO A 334 19.87 8.16 20.96
CA PRO A 334 20.05 8.80 19.65
C PRO A 334 18.78 9.53 19.21
N TYR A 335 18.93 10.74 18.69
CA TYR A 335 17.80 11.55 18.24
C TYR A 335 18.21 12.37 17.02
N GLY A 336 17.81 11.92 15.83
CA GLY A 336 18.18 12.59 14.60
C GLY A 336 19.64 12.42 14.23
N ASN A 337 20.33 13.54 14.04
CA ASN A 337 21.76 13.51 13.72
C ASN A 337 22.61 13.67 14.97
N GLY A 338 21.96 13.65 16.12
CA GLY A 338 22.64 13.75 17.40
C GLY A 338 22.05 12.84 18.46
N ILE A 339 22.34 13.14 19.72
CA ILE A 339 21.84 12.33 20.84
C ILE A 339 21.21 13.17 21.94
N ILE A 340 20.43 12.51 22.80
CA ILE A 340 19.95 13.12 24.04
C ILE A 340 20.62 12.42 25.20
N GLY A 341 21.26 13.18 26.08
CA GLY A 341 21.99 12.60 27.19
C GLY A 341 21.17 12.42 28.45
N LYS A 342 21.25 11.22 29.04
CA LYS A 342 20.63 10.97 30.34
C LYS A 342 21.71 10.88 31.39
N ILE A 343 21.61 11.70 32.44
CA ILE A 343 22.62 11.71 33.50
C ILE A 343 21.97 11.64 34.89
N THR A 344 22.33 10.62 35.66
CA THR A 344 21.83 10.46 37.03
C THR A 344 22.88 10.90 38.05
N LEU A 345 22.54 11.91 38.84
CA LEU A 345 23.44 12.42 39.88
C LEU A 345 22.88 12.05 41.25
N HIS A 346 23.39 10.96 41.81
CA HIS A 346 22.87 10.43 43.07
C HIS A 346 23.13 11.33 44.28
N SER A 347 24.24 12.08 44.25
CA SER A 347 24.58 12.97 45.36
C SER A 347 25.58 14.05 44.96
N PHE A 348 25.72 15.07 45.80
CA PHE A 348 26.74 16.09 45.59
C PHE A 348 27.95 15.80 46.45
N TYR A 349 28.91 15.08 45.87
CA TYR A 349 30.09 14.65 46.61
C TYR A 349 31.33 15.46 46.24
N GLU A 350 32.18 15.72 47.22
CA GLU A 350 33.37 16.53 47.02
C GLU A 350 34.63 15.78 47.41
N ASN A 353 41.37 13.82 47.33
CA ASN A 353 40.76 13.12 46.21
C ASN A 353 41.03 13.82 44.89
N GLN A 354 40.44 13.30 43.81
CA GLN A 354 40.58 13.87 42.49
C GLN A 354 39.22 14.02 41.85
N VAL A 355 38.21 13.45 42.50
CA VAL A 355 36.87 13.39 41.93
C VAL A 355 35.78 14.05 42.79
N SER A 356 34.88 14.77 42.12
CA SER A 356 33.70 15.35 42.75
C SER A 356 32.54 15.23 41.78
N SER A 357 31.35 15.66 42.22
CA SER A 357 30.17 15.61 41.36
C SER A 357 30.32 16.51 40.14
N GLU A 358 30.96 17.66 40.31
CA GLU A 358 31.18 18.61 39.22
C GLU A 358 32.07 18.03 38.12
N GLN A 359 33.25 17.55 38.51
CA GLN A 359 34.24 17.03 37.56
C GLN A 359 33.72 15.81 36.81
N ASP A 360 32.96 14.97 37.51
CA ASP A 360 32.33 13.81 36.89
C ASP A 360 31.29 14.24 35.87
N LEU A 361 30.66 15.38 36.12
CA LEU A 361 29.63 15.92 35.22
C LEU A 361 30.28 16.52 33.97
N ARG A 362 31.30 17.34 34.17
CA ARG A 362 32.09 17.90 33.08
C ARG A 362 32.60 16.81 32.14
N LYS A 363 33.15 15.76 32.73
CA LYS A 363 33.67 14.63 31.98
C LYS A 363 32.53 13.93 31.24
N ALA A 364 31.42 13.74 31.93
CA ALA A 364 30.23 13.13 31.33
C ALA A 364 29.73 13.90 30.12
N ILE A 365 29.49 15.21 30.29
CA ILE A 365 29.00 16.07 29.22
C ILE A 365 29.96 16.14 28.03
N ARG A 366 31.25 16.34 28.31
CA ARG A 366 32.27 16.40 27.26
C ARG A 366 32.36 15.11 26.44
N GLU A 367 32.23 13.97 27.12
CA GLU A 367 32.18 12.67 26.45
C GLU A 367 30.93 12.58 25.58
N LEU A 368 29.83 13.17 26.06
CA LEU A 368 28.58 13.18 25.32
C LEU A 368 28.65 14.13 24.12
N GLN A 369 29.37 15.24 24.28
CA GLN A 369 29.52 16.24 23.22
C GLN A 369 30.38 15.75 22.06
N GLU A 370 31.03 14.61 22.24
CA GLU A 370 31.76 13.96 21.15
C GLU A 370 30.76 13.49 20.10
N LYS A 371 29.67 12.89 20.58
CA LYS A 371 28.50 12.65 19.75
C LYS A 371 27.75 13.97 19.77
N ASN A 372 26.85 14.20 18.83
CA ASN A 372 26.16 15.49 18.81
C ASN A 372 25.13 15.61 19.93
N LEU A 373 25.48 16.34 20.98
CA LEU A 373 24.60 16.48 22.14
C LEU A 373 23.51 17.52 21.89
N LEU A 374 22.36 17.05 21.44
CA LEU A 374 21.24 17.92 21.11
C LEU A 374 20.40 18.26 22.34
N GLY A 375 20.29 17.30 23.26
CA GLY A 375 19.50 17.49 24.48
C GLY A 375 20.12 16.81 25.67
N LEU A 376 19.59 17.09 26.87
CA LEU A 376 20.16 16.53 28.09
C LEU A 376 19.13 16.42 29.22
N VAL A 377 18.98 15.21 29.76
CA VAL A 377 18.15 15.02 30.95
C VAL A 377 19.05 14.86 32.18
N LEU A 378 18.81 15.65 33.22
CA LEU A 378 19.59 15.53 34.46
C LEU A 378 18.72 14.93 35.57
N ASP A 379 19.04 13.71 35.97
CA ASP A 379 18.24 12.97 36.95
C ASP A 379 18.76 13.16 38.38
N ILE A 380 17.88 13.62 39.26
CA ILE A 380 18.18 13.80 40.68
C ILE A 380 17.02 13.32 41.56
N ARG A 381 16.25 12.35 41.06
CA ARG A 381 15.07 11.83 41.76
C ARG A 381 15.42 11.23 43.13
N GLU A 382 16.57 10.56 43.21
CA GLU A 382 17.00 9.95 44.46
C GLU A 382 18.19 10.69 45.07
N ASN A 383 18.29 11.98 44.77
CA ASN A 383 19.33 12.83 45.35
C ASN A 383 18.81 13.49 46.64
N THR A 384 19.49 13.22 47.76
CA THR A 384 19.05 13.71 49.07
C THR A 384 19.91 14.86 49.60
N GLY A 385 20.78 15.40 48.74
CA GLY A 385 21.58 16.56 49.09
C GLY A 385 23.08 16.31 49.05
N GLY A 386 23.82 17.09 49.83
CA GLY A 386 25.27 16.95 49.88
C GLY A 386 25.97 18.28 50.06
N PHE A 387 27.13 18.42 49.44
CA PHE A 387 27.93 19.65 49.58
C PHE A 387 27.34 20.84 48.82
N LEU A 388 27.19 21.97 49.53
CA LEU A 388 26.74 23.21 48.92
C LEU A 388 27.74 23.68 47.87
N SER A 389 29.03 23.45 48.15
CA SER A 389 30.11 23.85 47.25
C SER A 389 30.00 23.18 45.89
N GLN A 390 29.43 21.98 45.87
CA GLN A 390 29.23 21.24 44.62
C GLN A 390 27.95 21.66 43.92
N ALA A 391 26.91 21.95 44.70
CA ALA A 391 25.67 22.47 44.14
C ALA A 391 25.92 23.76 43.34
N ILE A 392 26.74 24.64 43.90
CA ILE A 392 27.15 25.87 43.24
C ILE A 392 27.88 25.57 41.93
N LYS A 393 28.79 24.61 41.97
CA LYS A 393 29.61 24.26 40.80
C LYS A 393 28.87 23.42 39.75
N VAL A 394 27.94 22.57 40.20
CA VAL A 394 27.09 21.80 39.28
C VAL A 394 26.14 22.71 38.51
N SER A 395 25.44 23.59 39.23
CA SER A 395 24.49 24.52 38.61
C SER A 395 25.18 25.54 37.71
N GLY A 396 26.46 25.79 37.96
CA GLY A 396 27.20 26.78 37.19
C GLY A 396 27.69 26.27 35.85
N LEU A 397 27.47 24.98 35.58
CA LEU A 397 27.83 24.39 34.30
C LEU A 397 26.81 24.79 33.23
N PHE A 398 25.67 25.30 33.68
CA PHE A 398 24.59 25.68 32.77
C PHE A 398 24.29 27.18 32.86
N LEU A 399 25.14 27.88 33.61
CA LEU A 399 24.97 29.31 33.82
C LEU A 399 26.25 30.09 33.49
N THR A 400 26.10 31.31 33.00
CA THR A 400 27.25 32.15 32.62
C THR A 400 27.84 32.94 33.79
N ASN A 401 26.97 33.66 34.52
CA ASN A 401 27.43 34.56 35.58
C ASN A 401 26.30 34.90 36.53
N GLY A 402 26.60 35.06 37.82
CA GLY A 402 25.56 35.49 38.73
C GLY A 402 25.42 34.67 40.00
N VAL A 403 24.40 35.00 40.78
CA VAL A 403 24.13 34.36 42.06
C VAL A 403 23.38 33.04 41.86
N VAL A 404 23.80 32.01 42.59
CA VAL A 404 23.21 30.68 42.50
C VAL A 404 22.33 30.40 43.71
N VAL A 405 22.83 30.72 44.90
CA VAL A 405 22.11 30.45 46.13
C VAL A 405 22.43 31.50 47.21
N VAL A 406 21.41 31.94 47.94
CA VAL A 406 21.62 32.93 49.00
C VAL A 406 21.40 32.32 50.37
N SER A 407 22.34 32.52 51.29
CA SER A 407 22.21 32.01 52.65
C SER A 407 21.96 33.12 53.66
N ARG A 408 21.01 32.90 54.56
CA ARG A 408 20.79 33.82 55.67
C ARG A 408 20.86 33.09 57.01
N TYR A 409 21.85 33.43 57.82
CA TYR A 409 21.99 32.86 59.15
C TYR A 409 21.21 33.72 60.14
N ALA A 410 21.31 33.40 61.43
CA ALA A 410 20.63 34.16 62.48
C ALA A 410 20.97 35.65 62.37
N ASP A 411 22.19 35.94 61.96
CA ASP A 411 22.61 37.29 61.65
C ASP A 411 23.43 37.33 60.36
N GLY A 412 23.09 38.24 59.46
CA GLY A 412 23.83 38.41 58.22
C GLY A 412 23.34 37.57 57.06
N SER A 413 23.85 37.87 55.86
CA SER A 413 23.42 37.19 54.65
C SER A 413 24.61 36.99 53.69
N VAL A 414 24.59 35.88 52.94
CA VAL A 414 25.70 35.56 52.03
C VAL A 414 25.18 35.25 50.63
N LYS A 415 25.87 35.76 49.60
CA LYS A 415 25.52 35.46 48.21
C LYS A 415 26.62 34.62 47.57
N ARG A 416 26.24 33.43 47.09
CA ARG A 416 27.19 32.52 46.47
C ARG A 416 27.25 32.77 44.97
N TYR A 417 28.23 33.55 44.53
CA TYR A 417 28.39 33.86 43.12
C TYR A 417 28.81 32.63 42.30
N ARG A 418 28.50 32.66 41.00
CA ARG A 418 29.08 31.71 40.07
C ARG A 418 29.68 32.49 38.90
N THR A 419 31.00 32.68 38.95
CA THR A 419 31.69 33.36 37.86
C THR A 419 32.38 32.34 36.95
N ILE A 420 31.77 32.07 35.81
CA ILE A 420 32.42 31.28 34.77
C ILE A 420 32.51 32.18 33.54
N SER A 421 33.48 31.91 32.67
CA SER A 421 33.60 32.61 31.39
C SER A 421 32.26 32.50 30.68
N PRO A 422 31.90 33.50 29.85
CA PRO A 422 30.51 33.56 29.32
C PRO A 422 30.07 32.26 28.67
N GLN A 423 31.05 31.49 28.21
CA GLN A 423 30.81 30.12 27.77
C GLN A 423 30.13 29.30 28.87
N LYS A 424 28.86 28.96 28.64
CA LYS A 424 28.22 27.93 29.45
C LYS A 424 28.99 26.64 29.20
N PHE A 425 29.07 25.76 30.19
CA PHE A 425 29.65 24.45 29.92
C PHE A 425 28.70 23.61 29.07
N TYR A 426 27.41 23.78 29.31
CA TYR A 426 26.40 23.17 28.46
C TYR A 426 25.35 24.18 28.01
N ASP A 427 25.27 24.39 26.69
CA ASP A 427 24.27 25.29 26.12
C ASP A 427 23.29 24.54 25.22
N GLY A 428 22.09 24.30 25.74
CA GLY A 428 21.05 23.60 25.00
C GLY A 428 19.85 23.29 25.88
N PRO A 429 18.86 22.55 25.33
CA PRO A 429 17.69 22.19 26.12
C PRO A 429 18.08 21.27 27.27
N LEU A 430 17.51 21.50 28.45
CA LEU A 430 17.86 20.74 29.64
C LEU A 430 16.63 20.41 30.48
N ALA A 431 16.34 19.12 30.62
CA ALA A 431 15.27 18.68 31.50
C ALA A 431 15.85 18.20 32.82
N VAL A 432 15.32 18.71 33.93
CA VAL A 432 15.77 18.26 35.25
C VAL A 432 14.70 17.42 35.93
N LEU A 433 14.96 16.11 36.03
CA LEU A 433 13.99 15.16 36.58
C LEU A 433 14.09 15.08 38.10
N VAL A 434 12.99 15.38 38.79
CA VAL A 434 12.97 15.41 40.25
C VAL A 434 11.83 14.55 40.83
N SER A 435 11.82 14.40 42.15
CA SER A 435 10.75 13.69 42.84
C SER A 435 10.53 14.25 44.25
N LYS A 436 9.58 13.69 44.97
CA LYS A 436 9.31 14.05 46.36
C LYS A 436 10.53 13.83 47.25
N SER A 437 11.39 12.90 46.85
CA SER A 437 12.55 12.55 47.65
C SER A 437 13.71 13.50 47.41
N SER A 438 13.64 14.28 46.34
CA SER A 438 14.71 15.21 45.99
C SER A 438 14.82 16.38 46.97
N ALA A 439 16.01 16.53 47.53
CA ALA A 439 16.34 17.56 48.51
C ALA A 439 17.85 17.47 48.63
N ALA A 440 18.50 18.42 49.30
CA ALA A 440 17.99 19.73 49.63
C ALA A 440 18.87 20.66 48.83
N ALA A 441 20.09 20.17 48.59
CA ALA A 441 21.00 20.80 47.65
C ALA A 441 20.53 20.50 46.23
N ALA A 442 19.93 19.33 46.05
CA ALA A 442 19.33 18.96 44.77
C ALA A 442 18.23 19.95 44.42
N GLU A 443 17.53 20.44 45.45
CA GLU A 443 16.50 21.45 45.27
C GLU A 443 17.10 22.80 44.91
N ILE A 444 18.22 23.14 45.52
CA ILE A 444 18.91 24.40 45.25
C ILE A 444 19.33 24.49 43.78
N VAL A 445 19.95 23.43 43.26
CA VAL A 445 20.30 23.34 41.85
C VAL A 445 19.05 23.43 40.98
N ALA A 446 18.03 22.66 41.34
CA ALA A 446 16.77 22.61 40.59
C ALA A 446 16.06 23.96 40.46
N GLN A 447 15.99 24.72 41.56
CA GLN A 447 15.28 25.99 41.56
C GLN A 447 16.11 27.14 40.99
N THR A 448 17.43 27.09 41.18
CA THR A 448 18.33 28.09 40.61
C THR A 448 18.34 27.99 39.08
N LEU A 449 18.42 26.75 38.57
CA LEU A 449 18.36 26.51 37.14
C LEU A 449 17.00 26.88 36.55
N GLN A 450 15.96 26.80 37.39
CA GLN A 450 14.60 27.14 36.95
C GLN A 450 14.41 28.65 36.84
N ASP A 451 14.97 29.39 37.81
CA ASP A 451 14.82 30.84 37.84
C ASP A 451 15.47 31.53 36.64
N TYR A 452 16.63 31.01 36.21
CA TYR A 452 17.30 31.54 35.03
C TYR A 452 16.66 30.96 33.76
N GLY A 453 15.74 30.01 33.93
CA GLY A 453 15.00 29.46 32.81
C GLY A 453 15.83 28.67 31.82
N VAL A 454 17.00 28.20 32.27
CA VAL A 454 17.85 27.37 31.42
C VAL A 454 17.43 25.90 31.49
N ALA A 455 16.62 25.58 32.49
CA ALA A 455 16.17 24.21 32.70
C ALA A 455 14.68 24.15 33.03
N LEU A 456 14.00 23.12 32.52
CA LEU A 456 12.62 22.87 32.90
C LEU A 456 12.58 21.76 33.94
N ILE A 457 11.86 21.99 35.03
CA ILE A 457 11.77 21.01 36.10
C ILE A 457 10.61 20.04 35.83
N VAL A 458 10.94 18.78 35.54
CA VAL A 458 9.93 17.74 35.34
C VAL A 458 10.02 16.69 36.43
N GLY A 459 8.91 16.01 36.69
CA GLY A 459 8.86 15.01 37.76
C GLY A 459 7.63 15.19 38.61
N ASP A 460 7.75 14.85 39.90
CA ASP A 460 6.64 15.01 40.83
C ASP A 460 6.22 16.47 40.97
N GLN A 461 4.96 16.68 41.39
CA GLN A 461 4.39 18.01 41.53
C GLN A 461 5.22 18.93 42.42
N GLN A 462 5.99 18.32 43.32
CA GLN A 462 6.71 19.06 44.35
C GLN A 462 7.90 18.25 44.84
N THR A 463 8.97 18.93 45.27
CA THR A 463 10.11 18.25 45.88
C THR A 463 9.88 18.05 47.38
N TYR A 464 10.92 17.62 48.09
CA TYR A 464 10.82 17.35 49.52
C TYR A 464 10.41 18.61 50.30
N GLY A 465 11.20 19.67 50.17
CA GLY A 465 10.90 20.90 50.88
C GLY A 465 11.88 21.23 51.98
N LYS A 466 13.10 20.71 51.85
CA LYS A 466 14.15 20.98 52.84
C LYS A 466 14.94 22.22 52.42
N GLY A 467 14.63 23.36 53.03
CA GLY A 467 15.27 24.61 52.66
C GLY A 467 16.02 25.27 53.80
N THR A 468 16.56 24.47 54.71
CA THR A 468 17.33 25.00 55.84
C THR A 468 18.75 24.41 55.87
N ILE A 469 19.65 25.10 56.58
CA ILE A 469 21.04 24.67 56.66
C ILE A 469 21.33 24.03 58.02
N GLN A 470 22.00 22.88 58.02
CA GLN A 470 22.38 22.24 59.28
C GLN A 470 23.88 22.36 59.55
N HIS A 471 24.23 23.00 60.67
CA HIS A 471 25.61 23.01 61.14
C HIS A 471 25.85 21.82 62.07
N GLN A 472 27.05 21.25 62.00
CA GLN A 472 27.40 20.13 62.87
C GLN A 472 28.60 20.50 63.74
N THR A 473 28.52 20.16 65.02
CA THR A 473 29.60 20.46 65.96
C THR A 473 30.27 19.18 66.45
N ASP A 482 28.60 13.49 71.98
CA ASP A 482 28.83 14.83 72.51
C ASP A 482 28.77 15.87 71.40
N PHE A 483 28.14 15.53 70.29
CA PHE A 483 27.99 16.45 69.17
C PHE A 483 26.54 16.50 68.70
N PHE A 484 26.17 17.62 68.08
CA PHE A 484 24.79 17.82 67.64
C PHE A 484 24.71 18.46 66.26
N LYS A 485 23.53 18.43 65.67
CA LYS A 485 23.27 19.14 64.42
C LYS A 485 22.26 20.25 64.66
N VAL A 486 22.64 21.48 64.34
CA VAL A 486 21.74 22.63 64.51
C VAL A 486 21.36 23.23 63.16
N THR A 487 20.05 23.47 62.98
CA THR A 487 19.59 24.25 61.84
C THR A 487 19.89 25.72 62.16
N VAL A 488 20.76 26.32 61.36
CA VAL A 488 21.31 27.65 61.67
C VAL A 488 20.91 28.74 60.68
N GLY A 489 20.17 28.36 59.63
CA GLY A 489 19.78 29.33 58.62
C GLY A 489 18.97 28.79 57.47
N ARG A 490 18.60 29.67 56.54
CA ARG A 490 17.80 29.28 55.39
C ARG A 490 18.54 29.53 54.08
N TYR A 491 18.28 28.69 53.09
CA TYR A 491 18.77 28.92 51.73
C TYR A 491 17.72 29.69 50.94
N TYR A 492 18.15 30.37 49.89
CA TYR A 492 17.23 31.05 48.98
C TYR A 492 17.73 30.99 47.54
N SER A 493 16.82 30.72 46.60
CA SER A 493 17.13 30.79 45.18
C SER A 493 17.32 32.27 44.82
N PRO A 494 18.04 32.55 43.70
CA PRO A 494 18.38 33.93 43.33
C PRO A 494 17.18 34.88 43.27
N SER A 495 16.01 34.36 42.87
CA SER A 495 14.80 35.16 42.85
C SER A 495 14.29 35.47 44.25
N GLY A 496 14.80 34.75 45.25
CA GLY A 496 14.44 35.01 46.64
C GLY A 496 13.30 34.16 47.16
N LYS A 497 13.13 32.98 46.58
CA LYS A 497 12.08 32.06 47.02
C LYS A 497 12.67 30.83 47.71
N SER A 498 12.11 30.47 48.86
CA SER A 498 12.62 29.35 49.64
C SER A 498 12.00 28.02 49.21
N THR A 499 12.79 26.95 49.29
CA THR A 499 12.32 25.61 48.92
C THR A 499 11.59 24.94 50.08
N GLN A 500 11.40 25.67 51.16
CA GLN A 500 10.69 25.15 52.32
C GLN A 500 9.51 26.08 52.62
N LEU A 501 8.32 25.50 52.89
CA LEU A 501 8.10 24.06 52.87
C LEU A 501 7.59 23.64 51.49
N GLU A 502 7.33 24.63 50.63
CA GLU A 502 6.70 24.38 49.34
C GLU A 502 7.52 23.56 48.35
N GLY A 503 8.81 23.39 48.62
CA GLY A 503 9.66 22.65 47.69
C GLY A 503 9.85 23.37 46.38
N VAL A 504 10.39 22.66 45.39
CA VAL A 504 10.47 23.19 44.04
C VAL A 504 9.33 22.62 43.21
N LYS A 505 8.61 23.48 42.49
CA LYS A 505 7.46 23.05 41.70
C LYS A 505 7.87 22.61 40.30
N SER A 506 7.41 21.43 39.89
CA SER A 506 7.67 20.96 38.54
C SER A 506 6.79 21.69 37.54
N ASP A 507 7.36 22.02 36.39
CA ASP A 507 6.61 22.68 35.32
C ASP A 507 5.78 21.66 34.57
N ILE A 508 6.30 20.43 34.52
CA ILE A 508 5.58 19.30 33.94
C ILE A 508 5.55 18.15 34.94
N VAL A 509 4.37 17.61 35.23
CA VAL A 509 4.23 16.55 36.23
C VAL A 509 4.39 15.14 35.66
N ILE A 510 5.43 14.44 36.11
CA ILE A 510 5.61 13.02 35.80
C ILE A 510 5.73 12.28 37.13
N PRO A 511 4.60 11.73 37.62
CA PRO A 511 4.53 11.09 38.93
C PRO A 511 5.56 9.97 39.12
N SER A 512 6.33 10.04 40.20
CA SER A 512 7.29 9.00 40.52
C SER A 512 6.64 7.92 41.37
N ARG A 513 7.46 7.05 41.96
CA ARG A 513 6.96 5.93 42.76
C ARG A 513 6.46 6.39 44.13
N TYR A 514 6.75 7.63 44.49
CA TYR A 514 6.31 8.19 45.77
C TYR A 514 5.06 9.06 45.58
N ALA A 515 4.48 9.01 44.39
CA ALA A 515 3.34 9.87 44.04
C ALA A 515 2.16 9.77 45.00
N GLU A 516 1.84 8.56 45.44
CA GLU A 516 0.73 8.35 46.38
C GLU A 516 1.18 8.48 47.83
N ASP A 517 2.45 8.16 48.09
CA ASP A 517 3.00 8.27 49.44
C ASP A 517 3.06 9.72 49.89
N LYS A 518 2.92 9.94 51.20
CA LYS A 518 3.10 11.27 51.75
C LYS A 518 4.57 11.45 52.12
N LEU A 519 5.28 12.25 51.33
CA LEU A 519 6.72 12.43 51.53
C LEU A 519 7.10 13.90 51.35
N GLY A 520 7.67 14.49 52.40
CA GLY A 520 8.09 15.88 52.38
C GLY A 520 8.44 16.42 53.75
N GLU A 521 9.01 17.62 53.78
CA GLU A 521 9.39 18.29 55.03
C GLU A 521 8.15 18.65 55.85
N ARG A 522 7.07 19.00 55.16
CA ARG A 522 5.85 19.47 55.79
C ARG A 522 5.15 18.40 56.64
N PHE A 523 5.60 17.15 56.50
CA PHE A 523 5.01 16.05 57.26
C PHE A 523 5.87 15.69 58.48
N LEU A 524 6.95 16.43 58.67
CA LEU A 524 7.84 16.22 59.81
C LEU A 524 7.38 17.06 61.01
N GLU A 525 7.75 16.61 62.21
CA GLU A 525 7.37 17.31 63.43
C GLU A 525 8.16 18.61 63.59
N TYR A 526 7.45 19.68 63.92
CA TYR A 526 8.07 20.99 64.19
C TYR A 526 8.89 21.52 63.01
N ALA A 527 8.44 21.23 61.80
CA ALA A 527 9.05 21.79 60.59
C ALA A 527 8.89 23.31 60.62
N LEU A 528 9.92 24.02 60.18
CA LEU A 528 9.90 25.49 60.22
C LEU A 528 9.10 26.08 59.06
N PRO A 529 8.55 27.29 59.26
CA PRO A 529 7.73 27.94 58.22
C PRO A 529 8.51 28.39 56.99
N ALA A 530 7.77 28.81 55.96
CA ALA A 530 8.37 29.30 54.71
C ALA A 530 8.67 30.80 54.79
N ASP A 531 9.76 31.22 54.16
CA ASP A 531 10.10 32.64 54.10
C ASP A 531 10.32 33.10 52.67
N GLN A 532 10.64 34.38 52.50
CA GLN A 532 10.95 34.94 51.19
C GLN A 532 12.10 35.94 51.34
N TYR A 533 12.91 36.09 50.29
CA TYR A 533 14.01 37.04 50.33
C TYR A 533 14.02 37.92 49.08
N ASP A 534 14.80 38.99 49.10
CA ASP A 534 14.94 39.88 47.96
C ASP A 534 15.44 39.15 46.73
N ASN A 535 15.00 39.60 45.54
CA ASN A 535 15.53 39.09 44.29
C ASN A 535 16.96 39.62 44.08
N VAL A 536 17.80 38.82 43.44
CA VAL A 536 19.22 39.13 43.31
C VAL A 536 19.72 38.90 41.86
N ILE A 537 18.82 38.44 40.99
CA ILE A 537 19.16 38.19 39.57
C ILE A 537 19.88 39.38 38.93
N ASN A 538 19.43 40.59 39.26
CA ASN A 538 20.22 41.78 39.00
C ASN A 538 21.08 42.07 40.22
N ASP A 539 22.33 41.62 40.14
CA ASP A 539 23.20 41.52 41.32
C ASP A 539 23.75 42.85 41.83
N ASN A 540 23.38 43.19 43.06
CA ASN A 540 23.83 44.41 43.72
C ASN A 540 25.34 44.56 43.84
N LEU A 541 26.01 43.44 44.11
CA LEU A 541 27.38 43.42 44.63
C LEU A 541 27.38 44.07 46.01
N GLY A 542 26.19 44.20 46.60
CA GLY A 542 26.00 44.91 47.85
C GLY A 542 26.55 44.20 49.07
N ASP A 543 26.78 42.89 48.94
CA ASP A 543 27.31 42.11 50.05
C ASP A 543 28.84 42.07 50.07
N LEU A 544 29.45 42.51 48.96
CA LEU A 544 30.91 42.58 48.89
C LEU A 544 31.37 43.87 49.56
N ASP A 545 32.61 43.88 50.04
CA ASP A 545 33.17 45.12 50.58
C ASP A 545 33.27 46.14 49.45
N ILE A 546 33.25 47.43 49.78
CA ILE A 546 33.14 48.47 48.76
C ILE A 546 34.42 48.65 47.92
N ASN A 547 35.50 48.02 48.36
CA ASN A 547 36.79 48.16 47.66
C ASN A 547 37.11 47.00 46.72
N ILE A 548 36.21 46.03 46.63
CA ILE A 548 36.40 44.87 45.76
C ILE A 548 35.38 44.85 44.60
N ARG A 549 34.27 45.57 44.78
CA ARG A 549 33.27 45.74 43.71
C ARG A 549 33.80 46.19 42.34
N PRO A 550 34.76 47.14 42.30
CA PRO A 550 35.43 47.54 41.06
C PRO A 550 35.71 46.41 40.06
N TRP A 551 36.28 45.30 40.51
CA TRP A 551 36.47 44.14 39.65
C TRP A 551 35.14 43.68 39.06
N PHE A 552 34.15 43.52 39.93
CA PHE A 552 32.86 42.96 39.55
C PHE A 552 31.99 43.93 38.76
N GLN A 553 32.36 45.21 38.77
CA GLN A 553 31.73 46.21 37.94
C GLN A 553 32.34 46.19 36.54
N LYS A 554 33.61 45.79 36.48
CA LYS A 554 34.41 45.84 35.26
C LYS A 554 34.29 44.56 34.43
N TYR A 555 34.37 43.40 35.09
CA TYR A 555 34.43 42.12 34.39
C TYR A 555 33.27 41.17 34.71
N TYR A 556 32.42 41.54 35.66
CA TYR A 556 31.37 40.62 36.13
C TYR A 556 29.95 41.10 35.86
N SER A 557 29.65 42.36 36.17
CA SER A 557 28.30 42.88 35.99
C SER A 557 27.82 43.03 34.54
N PRO A 558 28.68 43.52 33.63
CA PRO A 558 28.28 43.57 32.21
C PRO A 558 27.92 42.23 31.60
N HIS A 559 28.29 41.12 32.24
CA HIS A 559 28.05 39.79 31.68
C HIS A 559 27.20 38.88 32.57
N LEU A 560 26.30 39.45 33.36
CA LEU A 560 25.41 38.67 34.22
C LEU A 560 24.53 37.72 33.41
N GLN A 561 24.12 36.62 34.02
CA GLN A 561 23.17 35.71 33.37
C GLN A 561 21.77 36.31 33.43
N LYS A 562 21.18 36.53 32.26
CA LYS A 562 19.82 37.02 32.17
C LYS A 562 18.87 35.82 32.09
N PRO A 563 17.76 35.87 32.83
CA PRO A 563 16.76 34.81 32.76
C PRO A 563 16.30 34.56 31.33
N GLU A 564 16.31 33.30 30.91
CA GLU A 564 15.94 32.95 29.54
C GLU A 564 14.44 32.70 29.42
N LEU A 565 13.90 32.97 28.23
CA LEU A 565 12.46 32.87 27.99
C LEU A 565 12.16 31.79 26.94
N VAL A 566 13.18 31.44 26.16
CA VAL A 566 13.04 30.50 25.04
C VAL A 566 12.34 29.20 25.41
N TRP A 567 12.69 28.64 26.57
CA TRP A 567 12.19 27.33 26.96
C TRP A 567 10.87 27.40 27.73
N ARG A 568 10.73 28.38 28.61
CA ARG A 568 9.50 28.54 29.40
C ARG A 568 8.29 28.93 28.54
N GLU A 569 8.56 29.41 27.33
CA GLU A 569 7.51 29.71 26.37
C GLU A 569 6.93 28.41 25.81
N MET A 570 7.79 27.39 25.69
CA MET A 570 7.38 26.10 25.16
C MET A 570 6.45 25.35 26.14
N LEU A 571 6.44 25.79 27.41
CA LEU A 571 5.73 25.10 28.49
C LEU A 571 4.30 24.60 28.20
N PRO A 572 3.40 25.48 27.72
CA PRO A 572 2.03 25.00 27.47
C PRO A 572 1.99 23.93 26.38
N GLN A 573 2.78 24.09 25.32
CA GLN A 573 2.86 23.08 24.28
C GLN A 573 3.46 21.77 24.82
N LEU A 574 4.39 21.90 25.77
CA LEU A 574 5.06 20.75 26.36
C LEU A 574 4.16 20.03 27.37
N ALA A 575 3.56 20.80 28.28
CA ALA A 575 2.68 20.25 29.30
C ALA A 575 1.48 19.53 28.67
N HIS A 576 0.95 20.10 27.59
CA HIS A 576 -0.18 19.50 26.87
C HIS A 576 0.20 18.15 26.27
N ASN A 577 1.30 18.14 25.51
CA ASN A 577 1.78 16.90 24.90
C ASN A 577 2.15 15.84 25.93
N SER A 578 2.79 16.27 27.02
CA SER A 578 3.19 15.36 28.09
C SER A 578 1.98 14.71 28.77
N GLN A 579 0.93 15.49 28.97
CA GLN A 579 -0.30 15.00 29.60
C GLN A 579 -0.98 13.97 28.71
N GLU A 580 -1.13 14.30 27.43
CA GLU A 580 -1.76 13.40 26.46
C GLU A 580 -0.96 12.12 26.25
N ARG A 581 0.36 12.25 26.20
CA ARG A 581 1.25 11.11 25.94
C ARG A 581 1.20 10.08 27.08
N LEU A 582 1.10 10.57 28.31
CA LEU A 582 1.00 9.69 29.48
C LEU A 582 -0.33 8.94 29.49
N GLU A 583 -1.42 9.65 29.22
CA GLU A 583 -2.76 9.06 29.22
C GLU A 583 -2.91 8.02 28.11
N LYS A 584 -2.24 8.25 26.98
CA LYS A 584 -2.30 7.33 25.85
C LYS A 584 -1.31 6.19 25.98
N ASN A 585 -0.47 6.23 27.01
CA ASN A 585 0.45 5.13 27.30
C ASN A 585 -0.18 4.12 28.22
N LYS A 586 -0.07 2.84 27.88
CA LYS A 586 -0.67 1.77 28.67
C LYS A 586 0.14 1.45 29.93
N ASN A 587 1.44 1.23 29.76
CA ASN A 587 2.34 0.94 30.87
C ASN A 587 2.27 1.98 31.99
N PHE A 588 2.25 3.25 31.63
CA PHE A 588 2.22 4.31 32.62
C PHE A 588 0.87 4.36 33.34
N GLU A 589 -0.22 4.11 32.60
CA GLU A 589 -1.55 4.09 33.19
C GLU A 589 -1.72 2.89 34.13
N ILE A 590 -1.06 1.79 33.77
CA ILE A 590 -0.98 0.62 34.64
C ILE A 590 -0.17 0.97 35.88
N PHE A 591 0.95 1.67 35.67
CA PHE A 591 1.82 2.10 36.76
C PHE A 591 1.09 2.99 37.77
N VAL A 592 0.26 3.92 37.26
CA VAL A 592 -0.53 4.80 38.13
C VAL A 592 -1.50 3.98 38.99
N GLN A 593 -2.18 3.02 38.36
CA GLN A 593 -3.05 2.11 39.08
C GLN A 593 -2.28 1.32 40.13
N HIS A 594 -1.13 0.78 39.74
CA HIS A 594 -0.26 0.04 40.63
C HIS A 594 0.11 0.82 41.88
N LEU A 595 0.15 2.15 41.75
CA LEU A 595 0.41 3.03 42.89
C LEU A 595 -0.79 3.07 43.85
N LYS A 596 -1.98 3.13 43.28
CA LYS A 596 -3.21 3.16 44.07
C LYS A 596 -3.68 1.73 44.39
N LYS A 597 -2.91 0.75 43.92
CA LYS A 597 -3.24 -0.66 44.08
C LYS A 597 -4.60 -1.00 43.45
N THR A 598 -4.85 -0.40 42.29
CA THR A 598 -6.05 -0.68 41.50
C THR A 598 -5.72 -1.77 40.48
N ASN A 599 -4.42 -2.05 40.31
CA ASN A 599 -3.98 -3.13 39.45
C ASN A 599 -4.35 -4.50 40.05
N LYS A 600 -5.65 -4.77 40.12
CA LYS A 600 -6.16 -6.02 40.68
C LYS A 600 -5.58 -7.22 39.94
N GLN A 601 -5.71 -7.20 38.61
CA GLN A 601 -5.05 -8.18 37.79
C GLN A 601 -3.58 -7.83 37.80
N ASP A 602 -2.70 -8.83 37.77
CA ASP A 602 -1.27 -8.55 37.71
C ASP A 602 -0.83 -8.17 36.30
N ARG A 603 -0.98 -6.88 35.98
CA ARG A 603 -0.45 -6.32 34.75
C ARG A 603 0.90 -5.67 35.02
N SER A 604 1.87 -5.95 34.17
CA SER A 604 3.21 -5.40 34.32
C SER A 604 3.38 -4.14 33.48
N PHE A 605 3.97 -3.11 34.08
CA PHE A 605 4.26 -1.89 33.35
C PHE A 605 5.63 -1.92 32.69
N GLY A 606 6.24 -3.11 32.68
CA GLY A 606 7.49 -3.30 31.98
C GLY A 606 8.74 -3.09 32.83
N SER A 607 9.89 -3.22 32.18
CA SER A 607 11.17 -3.04 32.85
C SER A 607 11.92 -1.82 32.31
N ASN A 608 11.19 -0.74 32.05
CA ASN A 608 11.80 0.52 31.60
C ASN A 608 11.48 1.67 32.55
N ASP A 609 12.40 2.65 32.63
CA ASP A 609 12.16 3.85 33.42
C ASP A 609 11.12 4.73 32.71
N LEU A 610 9.90 4.75 33.25
CA LEU A 610 8.79 5.48 32.63
C LEU A 610 8.97 6.99 32.76
N GLN A 611 9.48 7.44 33.91
CA GLN A 611 9.70 8.87 34.16
C GLN A 611 10.84 9.42 33.30
N MET A 612 11.83 8.58 32.99
CA MET A 612 12.96 8.98 32.16
C MET A 612 12.59 8.96 30.67
N GLU A 613 11.84 7.94 30.26
CA GLU A 613 11.39 7.83 28.87
C GLU A 613 10.56 9.05 28.47
N GLU A 614 9.74 9.54 29.40
CA GLU A 614 8.91 10.73 29.17
C GLU A 614 9.76 12.01 29.20
N SER A 615 10.71 12.06 30.11
CA SER A 615 11.63 13.20 30.21
C SER A 615 12.43 13.39 28.93
N VAL A 616 12.84 12.28 28.31
CA VAL A 616 13.50 12.31 27.02
C VAL A 616 12.55 12.83 25.94
N ASN A 617 11.30 12.35 25.96
CA ASN A 617 10.27 12.81 25.03
C ASN A 617 10.00 14.31 25.12
N ILE A 618 10.06 14.85 26.33
CA ILE A 618 9.89 16.29 26.55
C ILE A 618 11.02 17.08 25.90
N VAL A 619 12.26 16.56 26.00
CA VAL A 619 13.41 17.16 25.34
C VAL A 619 13.30 17.05 23.83
N LYS A 620 12.78 15.92 23.34
CA LYS A 620 12.57 15.70 21.92
C LYS A 620 11.65 16.76 21.32
N ASP A 621 10.63 17.17 22.08
CA ASP A 621 9.74 18.25 21.67
C ASP A 621 10.48 19.58 21.71
N MET A 622 11.21 19.81 22.80
CA MET A 622 11.97 21.05 23.01
C MET A 622 12.94 21.35 21.86
N ILE A 623 13.56 20.30 21.32
CA ILE A 623 14.49 20.43 20.20
C ILE A 623 13.74 20.81 18.92
N LEU A 624 12.61 20.14 18.67
CA LEU A 624 11.80 20.41 17.48
C LEU A 624 11.14 21.78 17.56
N LEU A 625 10.64 22.15 18.74
CA LEU A 625 9.99 23.44 18.95
C LEU A 625 10.96 24.61 18.79
N LYS A 626 12.25 24.33 18.87
CA LYS A 626 13.30 25.33 18.67
C LYS A 626 13.73 25.37 17.19
N SER A 627 13.72 24.21 16.55
CA SER A 627 14.13 24.08 15.16
C SER A 627 13.18 24.80 14.20
N ILE A 628 11.92 24.93 14.61
CA ILE A 628 10.91 25.61 13.79
C ILE A 628 10.93 27.11 14.02
N SER A 629 11.51 27.53 15.14
CA SER A 629 11.61 28.96 15.47
C SER A 629 12.84 29.60 14.82
N ALA B 7 7.17 -23.66 -52.30
CA ALA B 7 7.74 -24.91 -52.76
C ALA B 7 6.91 -26.11 -52.33
N GLU B 8 5.97 -25.86 -51.41
CA GLU B 8 5.10 -26.92 -50.92
C GLU B 8 3.70 -26.80 -51.51
N PRO B 9 3.37 -27.70 -52.45
CA PRO B 9 2.09 -27.68 -53.17
C PRO B 9 0.90 -27.93 -52.26
N LEU B 10 -0.26 -27.41 -52.65
CA LEU B 10 -1.49 -27.60 -51.89
C LEU B 10 -2.21 -28.89 -52.29
N ARG B 11 -2.72 -29.61 -51.29
CA ARG B 11 -3.53 -30.79 -51.55
C ARG B 11 -4.97 -30.54 -51.12
N ARG B 12 -5.86 -31.48 -51.43
CA ARG B 12 -7.29 -31.35 -51.11
C ARG B 12 -7.51 -30.93 -49.66
N GLN B 13 -6.74 -31.53 -48.77
CA GLN B 13 -6.86 -31.29 -47.33
C GLN B 13 -6.37 -29.89 -46.94
N ASP B 14 -5.63 -29.23 -47.83
CA ASP B 14 -5.08 -27.91 -47.55
C ASP B 14 -6.08 -26.76 -47.83
N VAL B 15 -7.09 -27.03 -48.66
CA VAL B 15 -8.11 -26.04 -48.95
C VAL B 15 -8.89 -25.67 -47.69
N ARG B 16 -9.54 -26.66 -47.08
CA ARG B 16 -10.33 -26.45 -45.87
C ARG B 16 -9.45 -25.96 -44.72
N LYS B 17 -8.23 -26.48 -44.64
CA LYS B 17 -7.25 -26.03 -43.65
C LYS B 17 -6.95 -24.54 -43.80
N THR B 18 -6.76 -24.09 -45.04
CA THR B 18 -6.49 -22.69 -45.33
C THR B 18 -7.72 -21.81 -45.12
N VAL B 19 -8.88 -22.32 -45.57
CA VAL B 19 -10.14 -21.57 -45.50
C VAL B 19 -10.70 -21.40 -44.08
N ASP B 20 -10.54 -22.41 -43.25
CA ASP B 20 -11.04 -22.34 -41.88
C ASP B 20 -10.25 -21.33 -41.04
N LYS B 21 -8.96 -21.20 -41.31
CA LYS B 21 -8.13 -20.18 -40.68
C LYS B 21 -8.56 -18.80 -41.15
N LEU B 22 -9.12 -18.76 -42.36
CA LEU B 22 -9.55 -17.51 -42.99
C LEU B 22 -10.73 -16.88 -42.28
N VAL B 23 -11.84 -17.62 -42.23
CA VAL B 23 -13.09 -17.11 -41.65
C VAL B 23 -13.01 -16.91 -40.14
N GLU B 24 -11.92 -17.39 -39.54
CA GLU B 24 -11.67 -17.21 -38.10
C GLU B 24 -11.69 -15.73 -37.72
N HIS B 25 -11.15 -14.90 -38.60
CA HIS B 25 -11.06 -13.46 -38.34
C HIS B 25 -12.07 -12.63 -39.14
N HIS B 26 -12.79 -13.26 -40.06
CA HIS B 26 -13.77 -12.54 -40.87
C HIS B 26 -14.88 -11.92 -40.01
N ILE B 27 -15.31 -10.72 -40.39
CA ILE B 27 -16.22 -9.91 -39.58
C ILE B 27 -17.65 -10.45 -39.43
N ASP B 28 -18.28 -10.83 -40.54
CA ASP B 28 -19.69 -11.20 -40.52
C ASP B 28 -19.96 -12.70 -40.43
N THR B 29 -19.14 -13.48 -41.12
CA THR B 29 -19.30 -14.93 -41.14
C THR B 29 -18.03 -15.63 -40.67
N GLN B 30 -18.12 -16.35 -39.55
CA GLN B 30 -16.97 -17.05 -39.00
C GLN B 30 -17.01 -18.56 -39.26
N GLN B 31 -17.88 -18.99 -40.16
CA GLN B 31 -17.95 -20.40 -40.55
C GLN B 31 -18.48 -20.59 -41.96
N ILE B 32 -17.89 -21.53 -42.69
CA ILE B 32 -18.31 -21.83 -44.06
C ILE B 32 -19.69 -22.48 -44.10
N SER B 33 -20.59 -21.90 -44.89
CA SER B 33 -21.95 -22.40 -45.05
C SER B 33 -22.12 -22.95 -46.46
N PRO B 34 -23.19 -23.74 -46.69
CA PRO B 34 -23.50 -24.16 -48.06
C PRO B 34 -23.97 -22.98 -48.90
N TYR B 35 -24.31 -21.88 -48.23
CA TYR B 35 -24.66 -20.63 -48.90
C TYR B 35 -23.45 -20.00 -49.59
N ILE B 36 -22.39 -19.77 -48.82
CA ILE B 36 -21.15 -19.17 -49.32
C ILE B 36 -20.49 -20.02 -50.41
N LEU B 37 -20.54 -21.34 -50.23
CA LEU B 37 -19.99 -22.29 -51.21
C LEU B 37 -20.69 -22.19 -52.56
N SER B 38 -21.97 -21.83 -52.54
CA SER B 38 -22.73 -21.64 -53.77
C SER B 38 -22.29 -20.38 -54.51
N ARG B 39 -22.00 -19.32 -53.76
CA ARG B 39 -21.43 -18.10 -54.34
C ARG B 39 -20.01 -18.38 -54.84
N SER B 40 -19.32 -19.29 -54.16
CA SER B 40 -17.95 -19.65 -54.50
C SER B 40 -17.87 -20.40 -55.83
N LEU B 41 -18.80 -21.33 -56.05
CA LEU B 41 -18.89 -22.05 -57.32
C LEU B 41 -19.25 -21.07 -58.42
N GLU B 42 -20.03 -20.06 -58.07
CA GLU B 42 -20.41 -19.01 -59.02
C GLU B 42 -19.23 -18.08 -59.34
N ASP B 43 -18.47 -17.71 -58.32
CA ASP B 43 -17.31 -16.84 -58.54
C ASP B 43 -16.25 -17.57 -59.36
N TYR B 44 -16.33 -18.89 -59.38
CA TYR B 44 -15.42 -19.69 -60.19
C TYR B 44 -15.64 -19.46 -61.69
N VAL B 45 -16.90 -19.40 -62.13
CA VAL B 45 -17.23 -19.19 -63.54
C VAL B 45 -17.29 -17.73 -63.99
N ARG B 46 -17.12 -16.79 -63.05
CA ARG B 46 -17.11 -15.37 -63.40
C ARG B 46 -15.68 -14.84 -63.41
N SER B 47 -14.78 -15.58 -62.77
CA SER B 47 -13.34 -15.27 -62.81
C SER B 47 -12.72 -15.75 -64.14
N PHE B 48 -13.13 -16.93 -64.60
CA PHE B 48 -12.86 -17.38 -65.96
C PHE B 48 -14.10 -17.02 -66.77
N ASP B 49 -13.94 -16.73 -68.06
CA ASP B 49 -15.06 -16.38 -68.92
C ASP B 49 -15.84 -15.20 -68.33
N SER B 50 -15.10 -14.18 -67.91
CA SER B 50 -15.71 -13.02 -67.27
C SER B 50 -16.62 -12.26 -68.23
N HIS B 51 -16.38 -12.44 -69.52
CA HIS B 51 -17.16 -11.78 -70.56
C HIS B 51 -18.32 -12.65 -71.04
N LYS B 52 -18.48 -13.82 -70.44
CA LYS B 52 -19.51 -14.80 -70.84
C LYS B 52 -19.40 -15.17 -72.32
N ALA B 53 -18.18 -15.38 -72.79
CA ALA B 53 -17.95 -15.70 -74.20
C ALA B 53 -17.52 -17.13 -74.42
N TYR B 54 -17.36 -17.90 -73.34
CA TYR B 54 -16.86 -19.26 -73.42
C TYR B 54 -17.93 -20.33 -73.29
N LEU B 55 -18.89 -20.11 -72.40
CA LEU B 55 -19.87 -21.15 -72.08
C LEU B 55 -21.29 -20.78 -72.51
N THR B 56 -22.12 -21.78 -72.76
CA THR B 56 -23.54 -21.58 -73.03
C THR B 56 -24.27 -21.49 -71.69
N GLN B 57 -25.58 -21.23 -71.73
CA GLN B 57 -26.35 -21.05 -70.51
C GLN B 57 -26.64 -22.37 -69.81
N ASP B 58 -26.93 -23.42 -70.59
CA ASP B 58 -27.17 -24.75 -70.04
C ASP B 58 -25.91 -25.30 -69.37
N GLU B 59 -24.75 -25.09 -69.99
CA GLU B 59 -23.47 -25.54 -69.45
C GLU B 59 -23.14 -24.84 -68.13
N VAL B 60 -23.30 -23.52 -68.11
CA VAL B 60 -23.10 -22.73 -66.89
C VAL B 60 -24.06 -23.15 -65.78
N PHE B 61 -25.36 -23.21 -66.10
CA PHE B 61 -26.37 -23.60 -65.14
C PHE B 61 -26.16 -25.02 -64.60
N SER B 62 -26.00 -25.99 -65.49
CA SER B 62 -25.85 -27.39 -65.10
C SER B 62 -24.62 -27.64 -64.24
N HIS B 63 -23.59 -26.82 -64.40
CA HIS B 63 -22.35 -27.01 -63.65
C HIS B 63 -22.17 -26.02 -62.48
N ALA B 64 -22.67 -24.79 -62.65
CA ALA B 64 -22.47 -23.76 -61.63
C ALA B 64 -23.70 -23.41 -60.80
N PHE B 65 -24.90 -23.64 -61.34
CA PHE B 65 -26.11 -23.15 -60.69
C PHE B 65 -27.17 -24.21 -60.36
N SER B 66 -27.13 -25.37 -61.02
CA SER B 66 -28.12 -26.42 -60.78
C SER B 66 -28.11 -26.92 -59.34
N GLU B 67 -29.25 -27.42 -58.88
CA GLU B 67 -29.37 -28.00 -57.55
C GLU B 67 -28.45 -29.21 -57.45
N GLU B 68 -28.17 -29.80 -58.61
CA GLU B 68 -27.29 -30.96 -58.73
C GLU B 68 -25.86 -30.65 -58.30
N ALA B 69 -25.45 -29.39 -58.44
CA ALA B 69 -24.07 -28.99 -58.17
C ALA B 69 -23.91 -28.16 -56.89
N THR B 70 -24.80 -27.19 -56.69
CA THR B 70 -24.73 -26.30 -55.54
C THR B 70 -24.97 -26.99 -54.19
N HIS B 71 -25.71 -28.09 -54.20
CA HIS B 71 -26.08 -28.77 -52.95
C HIS B 71 -25.02 -29.73 -52.35
N PRO B 72 -24.38 -30.59 -53.17
CA PRO B 72 -23.37 -31.47 -52.57
C PRO B 72 -22.15 -30.70 -52.04
N LEU B 73 -22.03 -29.43 -52.40
CA LEU B 73 -20.90 -28.58 -52.01
C LEU B 73 -20.46 -28.67 -50.55
N PHE B 74 -21.38 -28.51 -49.61
CA PHE B 74 -21.00 -28.41 -48.20
C PHE B 74 -20.47 -29.70 -47.59
N LYS B 75 -21.16 -30.82 -47.84
CA LYS B 75 -20.69 -32.11 -47.35
C LYS B 75 -19.37 -32.52 -48.00
N GLN B 76 -19.29 -32.32 -49.31
CA GLN B 76 -18.06 -32.59 -50.06
C GLN B 76 -16.91 -31.75 -49.55
N TYR B 77 -17.22 -30.54 -49.09
CA TYR B 77 -16.22 -29.66 -48.49
C TYR B 77 -15.72 -30.22 -47.15
N GLN B 78 -16.62 -30.87 -46.40
CA GLN B 78 -16.25 -31.46 -45.12
C GLN B 78 -15.49 -32.77 -45.31
N GLU B 79 -15.71 -33.42 -46.45
CA GLU B 79 -14.97 -34.63 -46.80
C GLU B 79 -13.79 -34.25 -47.69
N ASP B 80 -13.63 -32.95 -47.94
CA ASP B 80 -12.58 -32.42 -48.81
C ASP B 80 -12.69 -32.97 -50.24
N ASN B 81 -13.92 -33.13 -50.74
CA ASN B 81 -14.16 -33.76 -52.04
C ASN B 81 -13.92 -32.82 -53.24
N PHE B 82 -14.67 -31.72 -53.29
CA PHE B 82 -14.56 -30.72 -54.37
C PHE B 82 -14.84 -31.28 -55.76
N SER B 83 -15.88 -32.11 -55.88
CA SER B 83 -16.24 -32.68 -57.18
C SER B 83 -17.00 -31.69 -58.07
N SER B 84 -17.85 -30.88 -57.46
CA SER B 84 -18.63 -29.89 -58.19
C SER B 84 -17.74 -28.87 -58.88
N PHE B 85 -16.68 -28.43 -58.20
CA PHE B 85 -15.68 -27.56 -58.79
C PHE B 85 -14.95 -28.28 -59.92
N LYS B 86 -14.64 -29.55 -59.68
CA LYS B 86 -13.95 -30.40 -60.66
C LYS B 86 -14.76 -30.56 -61.95
N GLU B 87 -16.06 -30.82 -61.79
CA GLU B 87 -16.94 -30.97 -62.94
C GLU B 87 -17.04 -29.66 -63.72
N LEU B 88 -17.04 -28.55 -62.99
CA LEU B 88 -17.06 -27.23 -63.59
C LEU B 88 -15.76 -26.93 -64.32
N ASP B 89 -14.63 -27.18 -63.65
CA ASP B 89 -13.31 -26.91 -64.22
C ASP B 89 -13.04 -27.78 -65.45
N THR B 90 -13.71 -28.93 -65.51
CA THR B 90 -13.63 -29.79 -66.69
C THR B 90 -14.43 -29.20 -67.85
N CYS B 91 -15.65 -28.74 -67.55
CA CYS B 91 -16.48 -28.04 -68.53
C CYS B 91 -15.74 -26.81 -69.06
N ILE B 92 -15.07 -26.10 -68.17
CA ILE B 92 -14.25 -24.94 -68.53
C ILE B 92 -13.17 -25.30 -69.56
N GLN B 93 -12.45 -26.40 -69.30
CA GLN B 93 -11.38 -26.85 -70.19
C GLN B 93 -11.90 -27.23 -71.58
N GLN B 94 -13.11 -27.77 -71.63
CA GLN B 94 -13.74 -28.17 -72.88
C GLN B 94 -14.18 -26.95 -73.68
N SER B 95 -14.70 -25.94 -72.98
CA SER B 95 -15.10 -24.68 -73.63
C SER B 95 -13.88 -24.00 -74.23
N ILE B 96 -12.74 -24.12 -73.56
CA ILE B 96 -11.47 -23.58 -74.06
C ILE B 96 -11.01 -24.32 -75.31
N SER B 97 -10.85 -25.64 -75.19
CA SER B 97 -10.45 -26.48 -76.32
C SER B 97 -11.40 -26.29 -77.51
N ARG B 98 -12.67 -26.06 -77.21
CA ARG B 98 -13.67 -25.74 -78.21
C ARG B 98 -13.29 -24.43 -78.93
N ALA B 99 -13.12 -23.36 -78.15
CA ALA B 99 -12.85 -22.04 -78.69
C ALA B 99 -11.50 -21.94 -79.42
N ARG B 100 -10.48 -22.63 -78.91
CA ARG B 100 -9.14 -22.53 -79.46
C ARG B 100 -9.02 -23.14 -80.86
N GLU B 101 -9.88 -24.10 -81.19
CA GLU B 101 -9.89 -24.67 -82.53
C GLU B 101 -10.88 -23.94 -83.43
N TRP B 102 -11.49 -22.89 -82.89
CA TRP B 102 -12.24 -21.93 -83.70
C TRP B 102 -11.27 -20.87 -84.20
N ARG B 103 -10.40 -20.43 -83.30
CA ARG B 103 -9.42 -19.38 -83.62
C ARG B 103 -8.37 -19.87 -84.60
N SER B 104 -8.06 -21.16 -84.55
CA SER B 104 -7.05 -21.75 -85.42
C SER B 104 -7.42 -21.55 -86.89
N SER B 105 -8.71 -21.73 -87.19
CA SER B 105 -9.21 -21.48 -88.53
C SER B 105 -9.26 -19.98 -88.81
N TRP B 106 -9.53 -19.20 -87.78
CA TRP B 106 -9.55 -17.74 -87.89
C TRP B 106 -8.15 -17.20 -88.17
N LEU B 107 -7.13 -18.01 -87.88
CA LEU B 107 -5.74 -17.61 -88.12
C LEU B 107 -5.40 -17.73 -89.61
N THR B 108 -5.89 -18.79 -90.24
CA THR B 108 -5.67 -19.00 -91.67
C THR B 108 -6.10 -17.79 -92.49
N ASP B 109 -7.36 -17.40 -92.33
CA ASP B 109 -7.86 -16.16 -92.90
C ASP B 109 -7.76 -15.06 -91.83
N SER B 110 -6.55 -14.54 -91.66
CA SER B 110 -6.26 -13.54 -90.63
C SER B 110 -6.57 -12.12 -91.07
N ILE B 111 -6.42 -11.86 -92.37
CA ILE B 111 -6.66 -10.53 -92.93
C ILE B 111 -8.09 -10.08 -92.66
N ARG B 112 -9.04 -11.00 -92.82
CA ARG B 112 -10.44 -10.73 -92.57
C ARG B 112 -10.69 -10.42 -91.09
N VAL B 113 -9.97 -11.12 -90.20
CA VAL B 113 -10.14 -10.93 -88.76
C VAL B 113 -9.85 -9.48 -88.32
N ILE B 114 -8.91 -8.84 -88.99
CA ILE B 114 -8.54 -7.47 -88.69
C ILE B 114 -9.69 -6.49 -88.96
N GLN B 115 -10.76 -6.98 -89.61
CA GLN B 115 -11.93 -6.16 -89.85
C GLN B 115 -12.41 -5.45 -88.58
N ASP B 116 -12.50 -4.13 -88.67
CA ASP B 116 -13.13 -3.34 -87.62
C ASP B 116 -14.06 -2.34 -88.30
N ALA B 117 -14.92 -2.86 -89.17
CA ALA B 117 -15.98 -2.10 -89.81
C ALA B 117 -16.67 -1.29 -88.73
N MET B 118 -16.90 -1.95 -87.59
CA MET B 118 -17.31 -1.27 -86.37
C MET B 118 -16.47 -1.81 -85.22
N SER B 119 -16.35 -1.01 -84.17
CA SER B 119 -15.58 -1.41 -82.98
C SER B 119 -16.11 -2.72 -82.43
N HIS B 120 -17.43 -2.84 -82.37
CA HIS B 120 -18.10 -4.01 -81.80
C HIS B 120 -17.53 -4.23 -80.39
N THR B 121 -17.32 -3.12 -79.69
CA THR B 121 -16.51 -3.09 -78.48
C THR B 121 -17.36 -2.75 -77.24
N ILE B 122 -18.66 -2.50 -77.47
CA ILE B 122 -19.62 -2.35 -76.38
C ILE B 122 -19.42 -3.48 -75.38
N GLU B 123 -19.53 -3.18 -74.09
CA GLU B 123 -19.32 -4.19 -73.06
C GLU B 123 -20.12 -5.44 -73.37
N LYS B 124 -19.42 -6.48 -73.85
CA LYS B 124 -20.04 -7.77 -74.16
C LYS B 124 -20.79 -8.27 -72.94
N LYS B 125 -20.30 -7.87 -71.77
CA LYS B 125 -20.95 -8.10 -70.48
C LYS B 125 -22.46 -8.04 -70.57
N PRO B 126 -23.10 -9.22 -70.61
CA PRO B 126 -24.55 -9.30 -70.77
C PRO B 126 -25.22 -9.66 -69.46
N SER B 127 -26.55 -9.66 -69.46
CA SER B 127 -27.29 -10.13 -68.31
C SER B 127 -27.08 -11.63 -68.16
N ALA B 128 -26.76 -12.31 -69.26
CA ALA B 128 -26.64 -13.77 -69.24
C ALA B 128 -25.75 -14.34 -70.35
N TRP B 129 -25.28 -15.57 -70.11
CA TRP B 129 -24.55 -16.34 -71.11
C TRP B 129 -25.44 -16.60 -72.34
N ALA B 130 -24.80 -16.80 -73.50
CA ALA B 130 -25.53 -17.13 -74.72
C ALA B 130 -26.29 -18.45 -74.56
N SER B 131 -27.43 -18.56 -75.24
CA SER B 131 -28.26 -19.77 -75.17
C SER B 131 -27.79 -20.82 -76.18
N SER B 132 -27.28 -20.36 -77.31
CA SER B 132 -26.80 -21.26 -78.37
C SER B 132 -25.28 -21.27 -78.48
N ILE B 133 -24.72 -22.40 -78.89
CA ILE B 133 -23.28 -22.52 -79.14
C ILE B 133 -22.87 -21.55 -80.24
N GLU B 134 -23.69 -21.48 -81.29
CA GLU B 134 -23.43 -20.60 -82.42
C GLU B 134 -23.29 -19.14 -81.99
N GLU B 135 -24.00 -18.75 -80.94
CA GLU B 135 -23.89 -17.40 -80.41
C GLU B 135 -22.61 -17.23 -79.57
N VAL B 136 -22.21 -18.30 -78.89
CA VAL B 136 -20.95 -18.32 -78.14
C VAL B 136 -19.76 -18.12 -79.09
N LYS B 137 -19.83 -18.80 -80.24
CA LYS B 137 -18.81 -18.68 -81.27
C LYS B 137 -18.67 -17.24 -81.75
N GLN B 138 -19.79 -16.52 -81.79
CA GLN B 138 -19.80 -15.13 -82.18
C GLN B 138 -19.14 -14.25 -81.12
N ARG B 139 -19.45 -14.53 -79.85
CA ARG B 139 -18.87 -13.80 -78.74
C ARG B 139 -17.36 -14.03 -78.63
N GLN B 140 -16.95 -15.26 -78.91
CA GLN B 140 -15.53 -15.61 -78.92
C GLN B 140 -14.82 -14.82 -80.02
N TYR B 141 -15.55 -14.56 -81.10
CA TYR B 141 -15.01 -13.80 -82.21
C TYR B 141 -14.87 -12.32 -81.83
N ASP B 142 -15.93 -11.78 -81.24
CA ASP B 142 -15.95 -10.39 -80.77
C ASP B 142 -14.83 -10.12 -79.76
N LEU B 143 -14.47 -11.15 -79.00
CA LEU B 143 -13.38 -11.06 -78.03
C LEU B 143 -12.04 -10.86 -78.74
N LEU B 144 -11.85 -11.60 -79.83
CA LEU B 144 -10.62 -11.49 -80.63
C LEU B 144 -10.54 -10.11 -81.30
N LEU B 145 -11.68 -9.62 -81.80
CA LEU B 145 -11.73 -8.32 -82.45
C LEU B 145 -11.47 -7.18 -81.47
N SER B 146 -12.01 -7.32 -80.27
CA SER B 146 -11.83 -6.31 -79.22
C SER B 146 -10.37 -6.19 -78.82
N TYR B 147 -9.60 -7.27 -79.01
CA TYR B 147 -8.17 -7.25 -78.77
C TYR B 147 -7.42 -6.62 -79.94
N ALA B 148 -8.05 -6.65 -81.11
CA ALA B 148 -7.46 -6.07 -82.31
C ALA B 148 -7.71 -4.57 -82.39
N SER B 149 -8.89 -4.15 -81.92
CA SER B 149 -9.29 -2.74 -81.96
C SER B 149 -8.43 -1.87 -81.06
N ILE B 150 -7.99 -2.42 -79.94
CA ILE B 150 -7.11 -1.71 -79.01
C ILE B 150 -5.77 -1.39 -79.69
N TYR B 151 -5.34 -2.28 -80.58
CA TYR B 151 -4.11 -2.07 -81.33
C TYR B 151 -4.38 -1.27 -82.61
N LEU B 152 -5.63 -0.84 -82.77
CA LEU B 152 -6.07 -0.06 -83.94
C LEU B 152 -5.82 -0.80 -85.25
N TYR B 160 -0.04 0.50 -91.69
CA TYR B 160 -0.16 0.40 -90.24
C TYR B 160 0.28 -0.96 -89.74
N GLN B 161 -0.57 -1.96 -89.95
CA GLN B 161 -0.24 -3.35 -89.63
C GLN B 161 -0.34 -4.15 -90.93
N GLY B 162 0.59 -3.90 -91.84
CA GLY B 162 0.55 -4.50 -93.17
C GLY B 162 0.41 -6.01 -93.18
N LYS B 163 1.23 -6.69 -92.38
CA LYS B 163 1.14 -8.14 -92.27
C LYS B 163 0.39 -8.49 -91.00
N GLU B 164 -0.91 -8.67 -91.16
CA GLU B 164 -1.85 -8.76 -90.04
C GLU B 164 -1.75 -10.06 -89.25
N HIS B 165 -1.41 -11.16 -89.93
CA HIS B 165 -1.36 -12.47 -89.30
C HIS B 165 -0.54 -12.48 -88.00
N GLY B 166 0.42 -11.57 -87.90
CA GLY B 166 1.22 -11.46 -86.69
C GLY B 166 0.50 -10.73 -85.58
N LEU B 167 -0.51 -9.94 -85.94
CA LEU B 167 -1.31 -9.22 -84.95
C LEU B 167 -2.30 -10.15 -84.26
N VAL B 168 -3.07 -10.90 -85.05
CA VAL B 168 -4.00 -11.89 -84.51
C VAL B 168 -3.26 -13.00 -83.76
N LYS B 169 -2.12 -13.42 -84.30
CA LYS B 169 -1.27 -14.41 -83.65
C LYS B 169 -0.89 -13.95 -82.25
N LEU B 170 -0.54 -12.66 -82.16
CA LEU B 170 -0.20 -12.05 -80.87
C LEU B 170 -1.45 -11.89 -80.01
N CYS B 171 -2.57 -11.59 -80.65
CA CYS B 171 -3.84 -11.40 -79.95
C CYS B 171 -4.34 -12.68 -79.27
N ILE B 172 -4.28 -13.81 -79.98
CA ILE B 172 -4.72 -15.08 -79.41
C ILE B 172 -3.83 -15.52 -78.24
N ARG B 173 -2.56 -15.09 -78.25
CA ARG B 173 -1.62 -15.43 -77.19
C ARG B 173 -2.01 -14.74 -75.89
N GLN B 174 -2.47 -13.50 -75.99
CA GLN B 174 -2.95 -12.73 -74.85
C GLN B 174 -4.16 -13.44 -74.21
N ILE B 175 -5.03 -13.98 -75.05
CA ILE B 175 -6.23 -14.67 -74.59
C ILE B 175 -5.88 -16.01 -73.92
N GLU B 176 -4.99 -16.76 -74.55
CA GLU B 176 -4.52 -18.03 -74.02
C GLU B 176 -3.84 -17.86 -72.66
N ASN B 177 -3.16 -16.72 -72.48
CA ASN B 177 -2.50 -16.40 -71.21
C ASN B 177 -3.43 -16.51 -70.00
N HIS B 178 -4.72 -16.23 -70.22
CA HIS B 178 -5.71 -16.32 -69.16
C HIS B 178 -6.30 -17.73 -69.05
N GLU B 179 -6.29 -18.47 -70.16
CA GLU B 179 -6.88 -19.80 -70.22
C GLU B 179 -5.94 -20.88 -69.70
N ASN B 180 -4.64 -20.69 -69.92
CA ASN B 180 -3.61 -21.68 -69.60
C ASN B 180 -3.63 -22.35 -68.21
N PRO B 181 -3.79 -21.55 -67.12
CA PRO B 181 -3.79 -22.20 -65.80
C PRO B 181 -5.01 -23.10 -65.55
N TYR B 182 -5.98 -23.08 -66.46
CA TYR B 182 -7.16 -23.93 -66.34
C TYR B 182 -6.98 -25.27 -67.06
N ILE B 183 -6.23 -25.27 -68.17
CA ILE B 183 -6.07 -26.47 -68.99
C ILE B 183 -4.78 -27.23 -68.67
N GLY B 184 -3.99 -26.71 -67.75
CA GLY B 184 -2.83 -27.44 -67.26
C GLY B 184 -1.51 -27.20 -68.00
N ILE B 185 -1.39 -26.09 -68.71
CA ILE B 185 -0.10 -25.68 -69.22
C ILE B 185 0.42 -24.49 -68.42
N ASN B 186 1.68 -24.56 -68.00
CA ASN B 186 2.24 -23.57 -67.09
C ASN B 186 2.52 -22.22 -67.72
N ASP B 187 2.90 -21.25 -66.89
CA ASP B 187 3.55 -20.05 -67.39
C ASP B 187 4.86 -20.55 -67.96
N HIS B 188 5.20 -20.08 -69.16
CA HIS B 188 6.28 -20.57 -70.03
C HIS B 188 5.74 -21.51 -71.11
N GLY B 189 4.47 -21.90 -70.98
CA GLY B 189 3.79 -22.64 -72.02
C GLY B 189 4.06 -24.13 -72.06
N TYR B 190 4.55 -24.68 -70.95
CA TYR B 190 4.79 -26.11 -70.87
C TYR B 190 3.70 -26.76 -70.01
N ARG B 191 3.29 -27.97 -70.35
CA ARG B 191 2.27 -28.64 -69.56
C ARG B 191 2.81 -28.94 -68.16
N MET B 192 2.06 -28.53 -67.14
CA MET B 192 2.51 -28.71 -65.76
C MET B 192 2.19 -30.10 -65.20
N SER B 193 2.96 -30.49 -64.18
CA SER B 193 2.83 -31.82 -63.58
C SER B 193 1.51 -31.99 -62.82
N PRO B 194 1.04 -33.24 -62.68
CA PRO B 194 -0.19 -33.57 -61.96
C PRO B 194 -0.28 -32.90 -60.59
N GLU B 195 0.87 -32.64 -59.96
CA GLU B 195 0.91 -31.91 -58.68
C GLU B 195 0.75 -30.41 -58.89
N GLU B 196 1.38 -29.88 -59.95
CA GLU B 196 1.24 -28.46 -60.28
C GLU B 196 -0.19 -28.16 -60.71
N GLU B 197 -0.73 -28.97 -61.63
CA GLU B 197 -2.07 -28.78 -62.15
C GLU B 197 -3.11 -28.84 -61.03
N ALA B 198 -2.89 -29.76 -60.10
CA ALA B 198 -3.77 -29.86 -58.92
C ALA B 198 -3.57 -28.67 -57.99
N ASN B 199 -2.36 -28.10 -57.98
CA ASN B 199 -2.07 -26.94 -57.15
C ASN B 199 -2.86 -25.69 -57.58
N SER B 200 -2.75 -25.33 -58.86
CA SER B 200 -3.50 -24.21 -59.42
C SER B 200 -5.01 -24.38 -59.18
N PHE B 201 -5.52 -25.57 -59.45
CA PHE B 201 -6.92 -25.88 -59.26
C PHE B 201 -7.36 -25.61 -57.82
N HIS B 202 -6.54 -26.05 -56.87
CA HIS B 202 -6.83 -25.84 -55.45
C HIS B 202 -6.65 -24.37 -55.04
N VAL B 203 -5.83 -23.63 -55.79
CA VAL B 203 -5.63 -22.20 -55.52
C VAL B 203 -6.88 -21.40 -55.92
N ARG B 204 -7.38 -21.66 -57.13
CA ARG B 204 -8.58 -20.98 -57.64
C ARG B 204 -9.80 -21.17 -56.74
N ILE B 205 -9.94 -22.37 -56.18
CA ILE B 205 -11.02 -22.65 -55.23
C ILE B 205 -10.93 -21.73 -54.02
N ILE B 206 -9.77 -21.74 -53.36
CA ILE B 206 -9.52 -20.88 -52.20
C ILE B 206 -9.69 -19.40 -52.57
N LYS B 207 -9.29 -19.03 -53.78
CA LYS B 207 -9.43 -17.66 -54.26
C LYS B 207 -10.88 -17.25 -54.43
N SER B 208 -11.69 -18.12 -55.05
CA SER B 208 -13.10 -17.82 -55.29
C SER B 208 -13.93 -17.85 -54.00
N ILE B 209 -13.52 -18.68 -53.04
CA ILE B 209 -14.19 -18.76 -51.74
C ILE B 209 -14.00 -17.46 -50.95
N ALA B 210 -12.78 -16.96 -50.92
CA ALA B 210 -12.47 -15.68 -50.28
C ALA B 210 -13.29 -14.55 -50.90
N HIS B 211 -13.42 -14.59 -52.22
CA HIS B 211 -14.23 -13.63 -52.96
C HIS B 211 -15.70 -13.68 -52.54
N SER B 212 -16.19 -14.87 -52.19
CA SER B 212 -17.60 -15.09 -51.87
C SER B 212 -17.95 -14.71 -50.43
N LEU B 213 -16.94 -14.43 -49.62
CA LEU B 213 -17.12 -14.00 -48.24
C LEU B 213 -17.42 -12.51 -48.19
N ASP B 214 -16.68 -11.75 -49.01
CA ASP B 214 -16.69 -10.30 -48.97
C ASP B 214 -16.07 -9.80 -50.27
N ALA B 215 -16.35 -8.55 -50.65
CA ALA B 215 -15.78 -7.98 -51.86
C ALA B 215 -14.28 -7.78 -51.73
N HIS B 216 -13.84 -7.37 -50.54
CA HIS B 216 -12.44 -7.03 -50.33
C HIS B 216 -11.65 -8.13 -49.61
N THR B 217 -12.17 -9.36 -49.66
CA THR B 217 -11.43 -10.51 -49.17
C THR B 217 -10.87 -11.31 -50.34
N ALA B 218 -9.55 -11.52 -50.34
CA ALA B 218 -8.89 -12.22 -51.44
C ALA B 218 -7.73 -13.10 -50.98
N TYR B 219 -7.42 -14.11 -51.78
CA TYR B 219 -6.31 -15.01 -51.49
C TYR B 219 -5.11 -14.69 -52.37
N PHE B 220 -3.92 -14.88 -51.82
CA PHE B 220 -2.70 -14.73 -52.59
C PHE B 220 -1.83 -15.97 -52.41
N SER B 221 -1.72 -16.78 -53.47
CA SER B 221 -0.89 -17.98 -53.44
C SER B 221 0.55 -17.62 -53.11
N GLN B 222 1.31 -18.60 -52.61
CA GLN B 222 2.69 -18.38 -52.22
C GLN B 222 3.54 -17.91 -53.39
N GLU B 223 3.22 -18.40 -54.58
CA GLU B 223 3.87 -17.95 -55.80
C GLU B 223 3.64 -16.46 -55.99
N GLU B 224 2.43 -16.00 -55.67
CA GLU B 224 2.08 -14.58 -55.77
C GLU B 224 2.62 -13.80 -54.58
N ALA B 225 2.77 -14.47 -53.44
CA ALA B 225 3.21 -13.84 -52.21
C ALA B 225 4.65 -13.31 -52.31
N LEU B 226 5.57 -14.15 -52.79
CA LEU B 226 6.96 -13.75 -52.95
C LEU B 226 7.13 -12.74 -54.10
N SER B 227 6.39 -12.94 -55.18
CA SER B 227 6.52 -12.12 -56.37
C SER B 227 5.73 -10.82 -56.26
N ARG B 327 -0.22 16.03 -52.69
CA ARG B 327 -0.25 16.88 -51.50
C ARG B 327 -1.57 17.62 -51.37
N VAL B 328 -1.49 18.92 -51.09
CA VAL B 328 -2.69 19.74 -50.89
C VAL B 328 -2.71 20.96 -51.78
N ASP B 329 -3.76 21.07 -52.60
CA ASP B 329 -3.97 22.26 -53.43
C ASP B 329 -4.70 23.33 -52.63
N VAL B 330 -4.26 24.59 -52.79
CA VAL B 330 -4.93 25.71 -52.13
C VAL B 330 -5.21 26.83 -53.12
N SER B 331 -6.46 27.29 -53.15
CA SER B 331 -6.85 28.43 -53.97
C SER B 331 -8.00 29.13 -53.26
N TYR B 332 -8.22 30.41 -53.54
CA TYR B 332 -9.29 31.15 -52.89
C TYR B 332 -9.98 32.11 -53.85
N GLU B 333 -11.16 32.56 -53.47
CA GLU B 333 -11.89 33.57 -54.23
C GLU B 333 -12.39 34.65 -53.28
N PRO B 334 -12.16 35.93 -53.64
CA PRO B 334 -12.58 37.04 -52.78
C PRO B 334 -14.11 37.14 -52.72
N TYR B 335 -14.63 37.52 -51.56
CA TYR B 335 -16.08 37.64 -51.38
C TYR B 335 -16.37 38.59 -50.21
N GLY B 336 -16.98 39.73 -50.50
CA GLY B 336 -17.19 40.76 -49.50
C GLY B 336 -15.89 41.40 -49.08
N ASN B 337 -15.64 41.45 -47.77
CA ASN B 337 -14.40 41.98 -47.24
C ASN B 337 -13.42 40.87 -46.87
N GLY B 338 -13.73 39.64 -47.28
CA GLY B 338 -12.87 38.50 -47.02
C GLY B 338 -12.75 37.59 -48.22
N ILE B 339 -12.31 36.35 -48.00
CA ILE B 339 -12.17 35.38 -49.07
C ILE B 339 -12.85 34.05 -48.73
N ILE B 340 -13.02 33.20 -49.74
CA ILE B 340 -13.51 31.84 -49.53
C ILE B 340 -12.44 30.83 -49.91
N GLY B 341 -12.00 30.03 -48.94
CA GLY B 341 -10.97 29.06 -49.20
C GLY B 341 -11.45 27.86 -50.00
N LYS B 342 -10.64 27.44 -50.96
CA LYS B 342 -10.91 26.22 -51.71
C LYS B 342 -9.72 25.28 -51.57
N ILE B 343 -9.89 24.23 -50.77
CA ILE B 343 -8.82 23.29 -50.51
C ILE B 343 -9.13 21.90 -51.07
N THR B 344 -8.19 21.35 -51.83
CA THR B 344 -8.36 20.00 -52.38
C THR B 344 -7.43 19.01 -51.68
N LEU B 345 -8.03 17.97 -51.09
CA LEU B 345 -7.28 16.97 -50.32
C LEU B 345 -7.37 15.64 -51.06
N HIS B 346 -6.31 15.31 -51.78
CA HIS B 346 -6.32 14.13 -52.66
C HIS B 346 -6.31 12.81 -51.90
N SER B 347 -5.67 12.80 -50.74
CA SER B 347 -5.60 11.59 -49.91
C SER B 347 -5.16 11.91 -48.49
N PHE B 348 -5.31 10.94 -47.58
CA PHE B 348 -4.78 11.08 -46.24
C PHE B 348 -3.42 10.42 -46.15
N TYR B 349 -2.39 11.22 -45.99
CA TYR B 349 -1.01 10.75 -46.03
C TYR B 349 -0.24 11.14 -44.78
N GLU B 350 0.63 10.26 -44.33
CA GLU B 350 1.55 10.56 -43.24
C GLU B 350 2.96 10.32 -43.77
N GLY B 351 3.76 11.38 -43.81
CA GLY B 351 5.07 11.28 -44.43
C GLY B 351 6.21 11.78 -43.57
N GLU B 352 7.28 12.22 -44.25
CA GLU B 352 8.45 12.79 -43.60
C GLU B 352 8.05 13.90 -42.63
N ASN B 353 8.61 13.87 -41.43
CA ASN B 353 8.31 14.89 -40.42
C ASN B 353 8.55 16.30 -40.97
N GLN B 354 7.54 17.16 -40.83
CA GLN B 354 6.28 16.77 -40.20
C GLN B 354 5.15 16.59 -41.22
N VAL B 355 5.52 16.51 -42.49
CA VAL B 355 4.53 16.42 -43.58
C VAL B 355 3.42 15.39 -43.36
N SER B 356 2.18 15.86 -43.46
CA SER B 356 0.99 15.01 -43.41
C SER B 356 -0.22 15.79 -43.91
N SER B 357 -1.37 15.14 -44.01
CA SER B 357 -2.59 15.79 -44.46
C SER B 357 -3.06 16.85 -43.45
N GLU B 358 -3.07 16.48 -42.18
CA GLU B 358 -3.49 17.37 -41.11
C GLU B 358 -2.64 18.63 -41.05
N GLN B 359 -1.32 18.46 -41.24
CA GLN B 359 -0.39 19.58 -41.11
C GLN B 359 -0.41 20.53 -42.32
N ASP B 360 -0.58 19.97 -43.52
CA ASP B 360 -0.71 20.80 -44.71
C ASP B 360 -2.03 21.56 -44.67
N LEU B 361 -3.11 20.88 -44.30
CA LEU B 361 -4.42 21.51 -44.13
C LEU B 361 -4.34 22.57 -43.02
N ARG B 362 -3.54 22.28 -42.00
CA ARG B 362 -3.30 23.22 -40.92
C ARG B 362 -2.54 24.43 -41.44
N LYS B 363 -1.52 24.16 -42.25
CA LYS B 363 -0.69 25.19 -42.85
C LYS B 363 -1.48 26.02 -43.86
N ALA B 364 -2.30 25.34 -44.67
CA ALA B 364 -3.11 25.98 -45.69
C ALA B 364 -4.11 26.99 -45.11
N ILE B 365 -4.82 26.59 -44.06
CA ILE B 365 -5.83 27.43 -43.43
C ILE B 365 -5.23 28.71 -42.82
N ARG B 366 -4.10 28.56 -42.12
CA ARG B 366 -3.41 29.71 -41.51
C ARG B 366 -3.12 30.82 -42.53
N GLU B 367 -2.53 30.43 -43.66
CA GLU B 367 -2.26 31.37 -44.75
C GLU B 367 -3.56 31.93 -45.31
N LEU B 368 -4.59 31.10 -45.35
CA LEU B 368 -5.91 31.54 -45.81
C LEU B 368 -6.55 32.52 -44.83
N GLN B 369 -6.35 32.28 -43.53
CA GLN B 369 -6.91 33.12 -42.48
C GLN B 369 -6.22 34.48 -42.37
N GLU B 370 -5.07 34.62 -43.02
CA GLU B 370 -4.38 35.91 -43.08
C GLU B 370 -5.28 36.94 -43.77
N LYS B 371 -5.73 36.60 -44.97
CA LYS B 371 -6.83 37.31 -45.59
C LYS B 371 -8.05 36.90 -44.78
N ASN B 372 -9.01 37.80 -44.58
CA ASN B 372 -10.19 37.46 -43.78
C ASN B 372 -10.90 36.22 -44.34
N LEU B 373 -10.96 35.16 -43.55
CA LEU B 373 -11.59 33.92 -44.00
C LEU B 373 -13.06 33.88 -43.60
N LEU B 374 -13.93 33.77 -44.59
CA LEU B 374 -15.37 33.83 -44.37
C LEU B 374 -16.05 32.50 -44.62
N GLY B 375 -15.47 31.70 -45.51
CA GLY B 375 -16.03 30.39 -45.83
C GLY B 375 -14.94 29.41 -46.22
N LEU B 376 -15.31 28.13 -46.33
CA LEU B 376 -14.33 27.10 -46.67
C LEU B 376 -14.96 25.95 -47.46
N VAL B 377 -14.28 25.52 -48.52
CA VAL B 377 -14.71 24.37 -49.31
C VAL B 377 -13.62 23.30 -49.32
N LEU B 378 -13.94 22.11 -48.79
CA LEU B 378 -12.98 21.01 -48.77
C LEU B 378 -13.28 19.99 -49.86
N ASP B 379 -12.42 19.92 -50.86
CA ASP B 379 -12.65 19.02 -52.01
C ASP B 379 -12.01 17.65 -51.80
N ILE B 380 -12.85 16.64 -51.59
CA ILE B 380 -12.40 15.26 -51.42
C ILE B 380 -13.02 14.33 -52.46
N ARG B 381 -13.29 14.89 -53.65
CA ARG B 381 -13.94 14.16 -54.74
C ARG B 381 -13.12 12.96 -55.25
N GLU B 382 -11.80 13.13 -55.32
CA GLU B 382 -10.94 12.07 -55.83
C GLU B 382 -10.15 11.37 -54.71
N ASN B 383 -10.57 11.61 -53.48
CA ASN B 383 -9.99 10.92 -52.32
C ASN B 383 -10.47 9.47 -52.27
N THR B 384 -9.53 8.53 -52.33
CA THR B 384 -9.86 7.11 -52.39
C THR B 384 -9.48 6.33 -51.14
N GLY B 385 -8.77 6.99 -50.22
CA GLY B 385 -8.40 6.36 -48.96
C GLY B 385 -7.23 7.06 -48.28
N GLY B 386 -6.89 6.58 -47.08
CA GLY B 386 -5.77 7.14 -46.34
C GLY B 386 -5.66 6.58 -44.93
N PHE B 387 -4.66 7.07 -44.20
CA PHE B 387 -4.47 6.65 -42.81
C PHE B 387 -5.66 7.06 -41.94
N LEU B 388 -6.22 6.09 -41.22
CA LEU B 388 -7.33 6.34 -40.31
C LEU B 388 -6.96 7.45 -39.32
N SER B 389 -5.71 7.41 -38.87
CA SER B 389 -5.18 8.44 -37.97
C SER B 389 -5.33 9.83 -38.59
N GLN B 390 -4.94 9.98 -39.85
CA GLN B 390 -5.06 11.25 -40.56
C GLN B 390 -6.51 11.69 -40.73
N ALA B 391 -7.39 10.74 -40.98
CA ALA B 391 -8.82 11.02 -41.09
C ALA B 391 -9.34 11.62 -39.77
N ILE B 392 -8.84 11.11 -38.65
CA ILE B 392 -9.21 11.60 -37.32
C ILE B 392 -8.61 12.99 -37.06
N LYS B 393 -7.36 13.18 -37.47
CA LYS B 393 -6.67 14.46 -37.30
C LYS B 393 -7.32 15.58 -38.12
N VAL B 394 -7.61 15.30 -39.39
CA VAL B 394 -8.27 16.24 -40.28
C VAL B 394 -9.64 16.66 -39.74
N SER B 395 -10.42 15.68 -39.31
CA SER B 395 -11.74 15.93 -38.75
C SER B 395 -11.65 16.75 -37.47
N GLY B 396 -10.51 16.66 -36.77
CA GLY B 396 -10.32 17.36 -35.52
C GLY B 396 -10.19 18.87 -35.66
N LEU B 397 -9.78 19.32 -36.84
CA LEU B 397 -9.60 20.73 -37.12
C LEU B 397 -10.93 21.50 -37.05
N PHE B 398 -12.04 20.79 -37.23
CA PHE B 398 -13.36 21.42 -37.28
C PHE B 398 -14.25 20.99 -36.11
N LEU B 399 -13.64 20.37 -35.10
CA LEU B 399 -14.39 19.91 -33.94
C LEU B 399 -13.70 20.30 -32.63
N THR B 400 -14.45 20.23 -31.52
CA THR B 400 -13.94 20.63 -30.20
C THR B 400 -13.55 19.44 -29.33
N ASN B 401 -14.46 18.48 -29.14
CA ASN B 401 -14.25 17.34 -28.25
C ASN B 401 -15.31 16.28 -28.50
N GLY B 402 -14.92 15.13 -29.04
CA GLY B 402 -15.88 14.08 -29.32
C GLY B 402 -15.32 12.85 -30.00
N VAL B 403 -16.21 11.89 -30.25
CA VAL B 403 -15.86 10.69 -30.99
C VAL B 403 -15.91 11.03 -32.48
N VAL B 404 -14.99 10.46 -33.25
CA VAL B 404 -14.93 10.71 -34.69
C VAL B 404 -15.37 9.47 -35.45
N VAL B 405 -14.84 8.32 -35.03
CA VAL B 405 -15.14 7.05 -35.68
C VAL B 405 -15.22 5.90 -34.66
N VAL B 406 -16.15 4.97 -34.89
CA VAL B 406 -16.29 3.80 -34.02
C VAL B 406 -15.89 2.53 -34.77
N SER B 407 -15.01 1.73 -34.17
CA SER B 407 -14.60 0.47 -34.78
C SER B 407 -15.34 -0.69 -34.14
N ARG B 408 -15.65 -1.70 -34.95
CA ARG B 408 -16.23 -2.94 -34.46
C ARG B 408 -15.52 -4.06 -35.19
N TYR B 409 -15.07 -5.07 -34.46
CA TYR B 409 -14.35 -6.18 -35.08
C TYR B 409 -15.09 -7.49 -34.88
N ALA B 410 -14.50 -8.58 -35.36
CA ALA B 410 -15.06 -9.91 -35.14
C ALA B 410 -15.17 -10.16 -33.64
N ASP B 411 -14.29 -9.50 -32.89
CA ASP B 411 -14.29 -9.56 -31.44
C ASP B 411 -14.11 -8.16 -30.85
N GLY B 412 -15.04 -7.73 -30.00
CA GLY B 412 -14.90 -6.48 -29.29
C GLY B 412 -15.08 -5.22 -30.13
N SER B 413 -14.92 -4.05 -29.50
CA SER B 413 -15.17 -2.79 -30.18
C SER B 413 -14.19 -1.68 -29.76
N VAL B 414 -14.09 -0.64 -30.59
CA VAL B 414 -13.18 0.47 -30.34
C VAL B 414 -13.83 1.81 -30.71
N LYS B 415 -13.73 2.78 -29.80
CA LYS B 415 -14.16 4.14 -30.10
C LYS B 415 -12.93 5.03 -30.20
N ARG B 416 -12.88 5.88 -31.23
CA ARG B 416 -11.73 6.76 -31.44
C ARG B 416 -12.07 8.23 -31.21
N TYR B 417 -11.46 8.80 -30.18
CA TYR B 417 -11.76 10.16 -29.75
C TYR B 417 -10.96 11.20 -30.50
N ARG B 418 -11.47 12.43 -30.51
CA ARG B 418 -10.69 13.59 -30.93
C ARG B 418 -10.67 14.58 -29.78
N THR B 419 -9.54 14.65 -29.08
CA THR B 419 -9.38 15.59 -27.99
C THR B 419 -8.55 16.79 -28.42
N ILE B 420 -9.17 17.96 -28.37
CA ILE B 420 -8.45 19.22 -28.60
C ILE B 420 -9.11 20.24 -27.67
N SER B 421 -8.35 21.26 -27.27
CA SER B 421 -8.90 22.36 -26.47
C SER B 421 -10.05 22.94 -27.29
N PRO B 422 -11.01 23.64 -26.65
CA PRO B 422 -12.26 23.99 -27.36
C PRO B 422 -11.99 24.78 -28.63
N GLN B 423 -10.75 25.23 -28.77
CA GLN B 423 -10.21 25.81 -29.98
C GLN B 423 -10.46 24.90 -31.18
N LYS B 424 -11.45 25.29 -31.99
CA LYS B 424 -11.58 24.74 -33.33
C LYS B 424 -10.53 25.44 -34.16
N PHE B 425 -9.71 24.67 -34.89
CA PHE B 425 -8.70 25.29 -35.74
C PHE B 425 -9.36 26.17 -36.77
N TYR B 426 -10.48 25.70 -37.32
CA TYR B 426 -11.32 26.52 -38.17
C TYR B 426 -12.78 26.44 -37.72
N ASP B 427 -13.35 27.59 -37.37
CA ASP B 427 -14.77 27.66 -37.03
C ASP B 427 -15.51 28.62 -37.96
N GLY B 428 -16.20 28.06 -38.94
CA GLY B 428 -16.98 28.85 -39.88
C GLY B 428 -17.75 27.93 -40.82
N PRO B 429 -18.49 28.52 -41.76
CA PRO B 429 -19.26 27.70 -42.71
C PRO B 429 -18.33 26.84 -43.56
N LEU B 430 -18.60 25.54 -43.58
CA LEU B 430 -17.76 24.59 -44.30
C LEU B 430 -18.57 23.75 -45.27
N ALA B 431 -18.16 23.75 -46.53
CA ALA B 431 -18.76 22.88 -47.53
C ALA B 431 -17.80 21.75 -47.87
N VAL B 432 -18.27 20.51 -47.80
CA VAL B 432 -17.44 19.36 -48.15
C VAL B 432 -17.90 18.73 -49.47
N LEU B 433 -17.24 19.13 -50.56
CA LEU B 433 -17.57 18.62 -51.89
C LEU B 433 -17.09 17.17 -52.01
N VAL B 434 -18.01 16.26 -52.33
CA VAL B 434 -17.69 14.85 -52.47
C VAL B 434 -18.12 14.30 -53.84
N SER B 435 -17.64 13.11 -54.15
CA SER B 435 -17.97 12.46 -55.42
C SER B 435 -18.39 11.02 -55.21
N LYS B 436 -18.76 10.35 -56.30
CA LYS B 436 -19.07 8.92 -56.26
C LYS B 436 -17.85 8.12 -55.84
N SER B 437 -16.68 8.57 -56.27
CA SER B 437 -15.44 7.85 -56.02
C SER B 437 -14.84 8.18 -54.66
N SER B 438 -15.53 9.01 -53.89
CA SER B 438 -15.04 9.35 -52.55
C SER B 438 -15.22 8.19 -51.57
N ALA B 439 -14.09 7.69 -51.09
CA ALA B 439 -14.02 6.59 -50.12
C ALA B 439 -12.63 6.68 -49.50
N ALA B 440 -12.37 6.00 -48.39
CA ALA B 440 -13.37 5.39 -47.53
C ALA B 440 -13.26 6.15 -46.22
N ALA B 441 -12.02 6.47 -45.86
CA ALA B 441 -11.73 7.36 -44.74
C ALA B 441 -12.24 8.76 -45.06
N ALA B 442 -12.23 9.11 -46.34
CA ALA B 442 -12.77 10.39 -46.81
C ALA B 442 -14.25 10.49 -46.47
N GLU B 443 -14.94 9.35 -46.52
CA GLU B 443 -16.35 9.28 -46.13
C GLU B 443 -16.52 9.39 -44.61
N ILE B 444 -15.56 8.84 -43.87
CA ILE B 444 -15.55 8.92 -42.41
C ILE B 444 -15.50 10.39 -41.96
N VAL B 445 -14.62 11.17 -42.57
CA VAL B 445 -14.54 12.60 -42.32
C VAL B 445 -15.87 13.27 -42.67
N ALA B 446 -16.33 13.03 -43.88
CA ALA B 446 -17.59 13.60 -44.37
C ALA B 446 -18.79 13.25 -43.47
N GLN B 447 -18.97 11.97 -43.19
CA GLN B 447 -20.08 11.51 -42.36
C GLN B 447 -20.02 12.08 -40.93
N THR B 448 -18.82 12.15 -40.37
CA THR B 448 -18.64 12.67 -39.02
C THR B 448 -18.91 14.18 -38.94
N LEU B 449 -18.28 14.94 -39.84
CA LEU B 449 -18.50 16.38 -39.91
C LEU B 449 -19.97 16.71 -40.13
N GLN B 450 -20.68 15.82 -40.82
CA GLN B 450 -22.10 15.96 -41.06
C GLN B 450 -22.90 15.70 -39.77
N ASP B 451 -22.46 14.68 -39.01
CA ASP B 451 -23.14 14.31 -37.77
C ASP B 451 -23.12 15.42 -36.70
N TYR B 452 -21.98 16.12 -36.61
CA TYR B 452 -21.86 17.24 -35.69
C TYR B 452 -22.36 18.54 -36.31
N GLY B 453 -22.90 18.43 -37.53
CA GLY B 453 -23.48 19.57 -38.22
C GLY B 453 -22.56 20.77 -38.38
N VAL B 454 -21.27 20.51 -38.55
CA VAL B 454 -20.29 21.57 -38.74
C VAL B 454 -19.94 21.69 -40.22
N ALA B 455 -20.56 20.86 -41.04
CA ALA B 455 -20.29 20.84 -42.47
C ALA B 455 -21.49 20.34 -43.27
N LEU B 456 -21.83 21.04 -44.34
CA LEU B 456 -22.85 20.56 -45.26
C LEU B 456 -22.17 19.74 -46.35
N ILE B 457 -22.70 18.55 -46.62
CA ILE B 457 -22.10 17.67 -47.61
C ILE B 457 -22.72 17.90 -48.99
N VAL B 458 -21.91 18.37 -49.93
CA VAL B 458 -22.38 18.66 -51.29
C VAL B 458 -21.64 17.80 -52.32
N GLY B 459 -22.27 17.60 -53.48
CA GLY B 459 -21.69 16.77 -54.53
C GLY B 459 -22.66 15.71 -55.00
N ASP B 460 -22.15 14.58 -55.47
CA ASP B 460 -23.01 13.46 -55.86
C ASP B 460 -23.84 13.02 -54.65
N GLN B 461 -25.06 12.56 -54.90
CA GLN B 461 -26.01 12.24 -53.84
C GLN B 461 -25.55 11.09 -52.94
N GLN B 462 -24.46 10.43 -53.33
CA GLN B 462 -23.94 9.29 -52.57
C GLN B 462 -22.45 9.10 -52.85
N THR B 463 -21.68 8.79 -51.80
CA THR B 463 -20.26 8.48 -51.95
C THR B 463 -20.07 7.02 -52.39
N TYR B 464 -18.83 6.54 -52.37
CA TYR B 464 -18.55 5.17 -52.80
C TYR B 464 -19.28 4.16 -51.92
N GLY B 465 -19.13 4.29 -50.61
CA GLY B 465 -19.88 3.43 -49.70
C GLY B 465 -19.09 2.33 -49.03
N LYS B 466 -17.85 2.62 -48.63
CA LYS B 466 -17.06 1.67 -47.86
C LYS B 466 -17.17 1.95 -46.36
N GLY B 467 -17.46 0.89 -45.60
CA GLY B 467 -17.55 1.00 -44.15
C GLY B 467 -16.98 -0.24 -43.49
N THR B 468 -16.04 -0.87 -44.18
CA THR B 468 -15.41 -2.10 -43.69
C THR B 468 -13.89 -1.93 -43.49
N ILE B 469 -13.32 -2.73 -42.60
CA ILE B 469 -11.87 -2.68 -42.35
C ILE B 469 -11.19 -3.94 -42.89
N GLN B 470 -10.13 -3.77 -43.68
CA GLN B 470 -9.41 -4.91 -44.20
C GLN B 470 -8.12 -5.16 -43.41
N HIS B 471 -7.63 -6.40 -43.46
CA HIS B 471 -6.45 -6.80 -42.71
C HIS B 471 -5.66 -7.81 -43.52
N GLN B 472 -4.34 -7.66 -43.53
CA GLN B 472 -3.47 -8.60 -44.24
C GLN B 472 -2.79 -9.54 -43.24
N THR B 473 -2.94 -10.85 -43.48
CA THR B 473 -2.36 -11.85 -42.59
C THR B 473 -1.20 -12.58 -43.25
N ASP B 482 -0.59 -18.87 -49.20
CA ASP B 482 0.29 -18.19 -48.26
C ASP B 482 -0.50 -17.24 -47.37
N PHE B 483 -0.69 -16.00 -47.82
CA PHE B 483 -1.39 -15.00 -47.01
C PHE B 483 -2.72 -14.54 -47.62
N PHE B 484 -3.50 -13.86 -46.81
CA PHE B 484 -4.83 -13.40 -47.22
C PHE B 484 -4.99 -11.90 -46.95
N LYS B 485 -5.99 -11.30 -47.60
CA LYS B 485 -6.49 -9.99 -47.20
C LYS B 485 -7.96 -10.17 -46.85
N VAL B 486 -8.36 -9.75 -45.65
CA VAL B 486 -9.73 -10.00 -45.19
C VAL B 486 -10.39 -8.82 -44.52
N THR B 487 -11.72 -8.79 -44.62
CA THR B 487 -12.52 -7.82 -43.90
C THR B 487 -12.72 -8.31 -42.46
N VAL B 488 -12.23 -7.54 -41.50
CA VAL B 488 -12.25 -7.93 -40.10
C VAL B 488 -13.03 -6.96 -39.24
N GLY B 489 -13.49 -5.87 -39.84
CA GLY B 489 -14.16 -4.84 -39.08
C GLY B 489 -15.16 -3.99 -39.84
N ARG B 490 -15.93 -3.19 -39.10
CA ARG B 490 -16.85 -2.24 -39.69
C ARG B 490 -16.71 -0.86 -39.03
N TYR B 491 -16.53 0.17 -39.85
CA TYR B 491 -16.48 1.53 -39.33
C TYR B 491 -17.88 2.05 -39.07
N TYR B 492 -18.01 2.90 -38.05
CA TYR B 492 -19.26 3.60 -37.78
C TYR B 492 -18.95 5.05 -37.39
N SER B 493 -19.92 5.94 -37.62
CA SER B 493 -19.78 7.35 -37.27
C SER B 493 -20.46 7.58 -35.92
N PRO B 494 -20.19 8.73 -35.26
CA PRO B 494 -20.72 8.97 -33.91
C PRO B 494 -22.23 8.75 -33.77
N SER B 495 -23.00 9.19 -34.76
CA SER B 495 -24.44 8.96 -34.76
C SER B 495 -24.77 7.47 -34.71
N GLY B 496 -23.87 6.65 -35.23
CA GLY B 496 -24.06 5.20 -35.20
C GLY B 496 -24.38 4.62 -36.55
N LYS B 497 -24.33 5.44 -37.59
CA LYS B 497 -24.66 4.98 -38.94
C LYS B 497 -23.44 4.54 -39.72
N SER B 498 -23.64 3.57 -40.62
CA SER B 498 -22.56 3.04 -41.44
C SER B 498 -22.55 3.70 -42.82
N THR B 499 -21.38 3.75 -43.44
CA THR B 499 -21.26 4.28 -44.80
C THR B 499 -21.27 3.13 -45.81
N GLN B 500 -21.39 1.90 -45.29
CA GLN B 500 -21.51 0.74 -46.15
C GLN B 500 -22.93 0.22 -46.08
N LEU B 501 -23.60 0.10 -47.23
CA LEU B 501 -23.06 0.48 -48.52
C LEU B 501 -23.79 1.71 -49.05
N GLU B 502 -24.62 2.30 -48.18
CA GLU B 502 -25.34 3.53 -48.51
C GLU B 502 -24.41 4.71 -48.72
N GLY B 503 -23.29 4.74 -47.98
CA GLY B 503 -22.35 5.83 -48.10
C GLY B 503 -22.79 7.07 -47.36
N VAL B 504 -22.10 8.18 -47.61
CA VAL B 504 -22.50 9.47 -47.06
C VAL B 504 -23.46 10.14 -48.04
N LYS B 505 -24.62 10.56 -47.56
CA LYS B 505 -25.63 11.19 -48.43
C LYS B 505 -25.50 12.71 -48.45
N SER B 506 -25.27 13.25 -49.64
CA SER B 506 -25.10 14.69 -49.81
C SER B 506 -26.36 15.47 -49.46
N ASP B 507 -26.20 16.55 -48.71
CA ASP B 507 -27.33 17.39 -48.32
C ASP B 507 -27.80 18.24 -49.50
N ILE B 508 -26.87 18.55 -50.39
CA ILE B 508 -27.17 19.26 -51.63
C ILE B 508 -26.49 18.53 -52.80
N VAL B 509 -27.26 18.14 -53.80
CA VAL B 509 -26.72 17.34 -54.90
C VAL B 509 -26.10 18.17 -56.04
N ILE B 510 -24.83 17.92 -56.32
CA ILE B 510 -24.13 18.51 -57.46
C ILE B 510 -23.46 17.39 -58.23
N PRO B 511 -24.02 17.01 -59.40
CA PRO B 511 -23.48 15.91 -60.20
C PRO B 511 -22.01 16.07 -60.54
N SER B 512 -21.19 15.05 -60.25
CA SER B 512 -19.78 15.04 -60.64
C SER B 512 -19.66 14.32 -61.98
N ARG B 513 -18.42 14.06 -62.43
CA ARG B 513 -18.21 13.42 -63.73
C ARG B 513 -18.79 12.01 -63.80
N TYR B 514 -18.84 11.33 -62.66
CA TYR B 514 -19.27 9.94 -62.62
C TYR B 514 -20.79 9.82 -62.48
N ALA B 515 -21.48 10.95 -62.51
CA ALA B 515 -22.93 11.01 -62.28
C ALA B 515 -23.73 10.02 -63.12
N GLU B 516 -23.27 9.78 -64.35
CA GLU B 516 -23.93 8.83 -65.25
C GLU B 516 -23.25 7.46 -65.23
N ASP B 517 -22.17 7.33 -64.46
CA ASP B 517 -21.51 6.04 -64.32
C ASP B 517 -22.00 5.32 -63.07
N LYS B 518 -21.79 4.00 -63.03
CA LYS B 518 -22.18 3.21 -61.86
C LYS B 518 -20.98 2.92 -60.96
N LEU B 519 -20.81 3.75 -59.93
CA LEU B 519 -19.69 3.61 -58.99
C LEU B 519 -20.20 3.48 -57.56
N GLY B 520 -19.94 2.33 -56.94
CA GLY B 520 -20.34 2.09 -55.57
C GLY B 520 -19.90 0.74 -55.05
N GLU B 521 -19.95 0.58 -53.73
CA GLU B 521 -19.64 -0.70 -53.08
C GLU B 521 -20.65 -1.76 -53.53
N ARG B 522 -21.89 -1.32 -53.72
CA ARG B 522 -22.99 -2.21 -54.08
C ARG B 522 -22.84 -2.84 -55.48
N PHE B 523 -22.08 -2.19 -56.34
CA PHE B 523 -21.87 -2.67 -57.70
C PHE B 523 -20.74 -3.69 -57.77
N LEU B 524 -20.14 -3.98 -56.61
CA LEU B 524 -19.15 -5.04 -56.49
C LEU B 524 -19.88 -6.38 -56.34
N GLU B 525 -19.18 -7.48 -56.54
CA GLU B 525 -19.82 -8.80 -56.64
C GLU B 525 -20.41 -9.33 -55.33
N TYR B 526 -19.66 -9.26 -54.24
CA TYR B 526 -20.17 -9.68 -52.94
C TYR B 526 -19.92 -8.63 -51.86
N ALA B 527 -20.88 -7.74 -51.67
CA ALA B 527 -20.74 -6.66 -50.69
C ALA B 527 -21.53 -6.92 -49.42
N LEU B 528 -20.90 -6.65 -48.28
CA LEU B 528 -21.55 -6.85 -46.98
C LEU B 528 -22.62 -5.79 -46.74
N PRO B 529 -23.76 -6.19 -46.15
CA PRO B 529 -24.90 -5.30 -45.90
C PRO B 529 -24.59 -4.12 -44.99
N ALA B 530 -25.60 -3.29 -44.73
CA ALA B 530 -25.44 -2.13 -43.85
C ALA B 530 -25.70 -2.49 -42.39
N ASP B 531 -24.99 -1.85 -41.48
CA ASP B 531 -25.21 -2.06 -40.04
C ASP B 531 -25.44 -0.75 -39.31
N GLN B 532 -26.00 -0.85 -38.10
CA GLN B 532 -26.20 0.31 -37.25
C GLN B 532 -25.54 0.06 -35.90
N TYR B 533 -24.86 1.07 -35.36
CA TYR B 533 -24.26 0.95 -34.03
C TYR B 533 -24.86 2.00 -33.10
N ASP B 534 -24.62 1.84 -31.80
CA ASP B 534 -25.14 2.77 -30.81
C ASP B 534 -24.69 4.21 -31.07
N ASN B 535 -25.58 5.16 -30.84
CA ASN B 535 -25.23 6.58 -30.94
C ASN B 535 -24.34 6.98 -29.77
N VAL B 536 -23.26 7.71 -30.07
CA VAL B 536 -22.32 8.15 -29.05
C VAL B 536 -22.02 9.65 -29.15
N ILE B 537 -23.01 10.43 -29.60
CA ILE B 537 -22.84 11.86 -29.80
C ILE B 537 -22.48 12.58 -28.49
N ASN B 538 -23.04 12.10 -27.38
CA ASN B 538 -22.61 12.51 -26.05
C ASN B 538 -22.10 11.28 -25.29
N ASP B 539 -20.78 11.08 -25.35
CA ASP B 539 -20.17 9.84 -24.89
C ASP B 539 -20.40 9.53 -23.41
N ASN B 540 -20.53 8.24 -23.11
CA ASN B 540 -20.64 7.75 -21.75
C ASN B 540 -19.30 7.28 -21.22
N LEU B 541 -18.32 7.23 -22.11
CA LEU B 541 -16.94 6.79 -21.81
C LEU B 541 -16.87 5.31 -21.44
N GLY B 542 -17.88 4.54 -21.86
CA GLY B 542 -17.98 3.13 -21.51
C GLY B 542 -16.86 2.25 -22.04
N ASP B 543 -16.23 2.68 -23.12
CA ASP B 543 -15.15 1.92 -23.74
C ASP B 543 -13.82 2.13 -23.01
N LEU B 544 -13.79 3.14 -22.15
CA LEU B 544 -12.57 3.46 -21.41
C LEU B 544 -12.46 2.66 -20.12
N ASP B 545 -11.23 2.24 -19.79
CA ASP B 545 -10.96 1.62 -18.50
C ASP B 545 -11.33 2.64 -17.42
N ILE B 546 -12.04 2.18 -16.39
CA ILE B 546 -12.49 3.06 -15.31
C ILE B 546 -11.32 3.77 -14.63
N ASN B 547 -10.12 3.22 -14.77
CA ASN B 547 -8.91 3.82 -14.21
C ASN B 547 -8.67 5.26 -14.64
N ILE B 548 -8.84 5.52 -15.94
CA ILE B 548 -8.59 6.84 -16.51
C ILE B 548 -9.88 7.61 -16.77
N ARG B 549 -11.01 6.92 -16.64
CA ARG B 549 -12.33 7.50 -16.90
C ARG B 549 -12.67 8.80 -16.14
N PRO B 550 -12.35 8.88 -14.83
CA PRO B 550 -12.69 10.12 -14.10
C PRO B 550 -11.96 11.36 -14.61
N TRP B 551 -10.85 11.20 -15.33
CA TRP B 551 -10.14 12.33 -15.91
C TRP B 551 -11.00 12.99 -16.99
N PHE B 552 -11.50 12.17 -17.90
CA PHE B 552 -12.30 12.65 -19.02
C PHE B 552 -13.52 13.45 -18.57
N GLN B 553 -14.17 13.01 -17.50
CA GLN B 553 -15.32 13.71 -16.95
C GLN B 553 -14.94 15.09 -16.45
N LYS B 554 -13.71 15.22 -15.96
CA LYS B 554 -13.24 16.46 -15.38
C LYS B 554 -12.87 17.52 -16.43
N TYR B 555 -12.22 17.09 -17.51
CA TYR B 555 -11.75 18.04 -18.52
C TYR B 555 -12.33 17.82 -19.93
N TYR B 556 -12.72 16.58 -20.23
CA TYR B 556 -13.13 16.23 -21.59
C TYR B 556 -14.65 16.20 -21.79
N SER B 557 -15.37 15.58 -20.84
CA SER B 557 -16.84 15.55 -20.88
C SER B 557 -17.59 16.88 -20.68
N PRO B 558 -17.10 17.76 -19.78
CA PRO B 558 -17.90 18.98 -19.58
C PRO B 558 -17.86 19.89 -20.80
N HIS B 559 -16.68 20.03 -21.39
CA HIS B 559 -16.55 20.73 -22.66
C HIS B 559 -16.60 19.71 -23.78
N LEU B 560 -17.80 19.43 -24.28
CA LEU B 560 -17.99 18.41 -25.31
C LEU B 560 -18.68 18.98 -26.55
N GLN B 561 -18.33 18.46 -27.72
CA GLN B 561 -18.94 18.91 -28.96
C GLN B 561 -20.38 18.43 -29.06
N LYS B 562 -21.31 19.38 -29.20
CA LYS B 562 -22.71 19.06 -29.45
C LYS B 562 -23.03 19.60 -30.84
N PRO B 563 -23.66 18.78 -31.69
CA PRO B 563 -23.95 19.14 -33.09
C PRO B 563 -24.64 20.50 -33.23
N GLU B 564 -24.20 21.28 -34.22
CA GLU B 564 -24.76 22.60 -34.47
C GLU B 564 -26.07 22.50 -35.25
N LEU B 565 -26.89 23.54 -35.14
CA LEU B 565 -28.19 23.56 -35.79
C LEU B 565 -28.26 24.61 -36.90
N VAL B 566 -27.37 25.60 -36.84
CA VAL B 566 -27.41 26.77 -37.72
C VAL B 566 -27.34 26.44 -39.23
N TRP B 567 -26.32 25.67 -39.61
CA TRP B 567 -26.03 25.42 -41.03
C TRP B 567 -27.05 24.50 -41.70
N ARG B 568 -27.48 23.46 -40.99
CA ARG B 568 -28.49 22.53 -41.52
C ARG B 568 -29.90 23.14 -41.44
N GLU B 569 -30.02 24.26 -40.74
CA GLU B 569 -31.28 25.00 -40.70
C GLU B 569 -31.43 25.79 -41.99
N MET B 570 -30.31 26.15 -42.60
CA MET B 570 -30.29 26.85 -43.87
C MET B 570 -30.57 25.90 -45.03
N LEU B 571 -30.39 24.60 -44.77
CA LEU B 571 -30.47 23.56 -45.81
C LEU B 571 -31.67 23.61 -46.77
N PRO B 572 -32.89 23.85 -46.26
CA PRO B 572 -34.02 23.97 -47.19
C PRO B 572 -33.84 25.14 -48.17
N GLN B 573 -33.34 26.27 -47.70
CA GLN B 573 -33.14 27.44 -48.56
C GLN B 573 -31.99 27.21 -49.55
N LEU B 574 -30.91 26.60 -49.06
CA LEU B 574 -29.71 26.34 -49.86
C LEU B 574 -29.99 25.33 -50.98
N ALA B 575 -30.64 24.23 -50.64
CA ALA B 575 -31.01 23.21 -51.61
C ALA B 575 -31.88 23.80 -52.73
N HIS B 576 -32.74 24.75 -52.38
CA HIS B 576 -33.59 25.41 -53.35
C HIS B 576 -32.79 26.33 -54.28
N ASN B 577 -31.98 27.19 -53.68
CA ASN B 577 -31.13 28.11 -54.45
C ASN B 577 -30.16 27.37 -55.38
N SER B 578 -29.59 26.27 -54.88
CA SER B 578 -28.65 25.45 -55.65
C SER B 578 -29.34 24.79 -56.85
N GLN B 579 -30.61 24.44 -56.69
CA GLN B 579 -31.37 23.79 -57.75
C GLN B 579 -31.63 24.73 -58.92
N GLU B 580 -32.05 25.96 -58.63
CA GLU B 580 -32.35 26.95 -59.65
C GLU B 580 -31.10 27.37 -60.44
N ARG B 581 -29.99 27.58 -59.73
CA ARG B 581 -28.73 27.96 -60.35
C ARG B 581 -28.26 26.94 -61.38
N LEU B 582 -28.45 25.66 -61.07
CA LEU B 582 -28.00 24.58 -61.96
C LEU B 582 -28.94 24.39 -63.15
N GLU B 583 -30.22 24.67 -62.94
CA GLU B 583 -31.19 24.64 -64.04
C GLU B 583 -30.92 25.80 -65.00
N LYS B 584 -30.55 26.95 -64.44
CA LYS B 584 -30.32 28.16 -65.22
C LYS B 584 -28.85 28.34 -65.62
N ASN B 585 -28.06 27.29 -65.47
CA ASN B 585 -26.66 27.34 -65.89
C ASN B 585 -26.47 26.61 -67.22
N LYS B 586 -26.25 27.37 -68.28
CA LYS B 586 -26.10 26.81 -69.62
C LYS B 586 -24.96 25.81 -69.72
N ASN B 587 -23.79 26.20 -69.20
CA ASN B 587 -22.64 25.30 -69.13
C ASN B 587 -22.96 24.00 -68.40
N PHE B 588 -23.62 24.11 -67.24
CA PHE B 588 -23.96 22.93 -66.46
C PHE B 588 -25.06 22.12 -67.13
N GLU B 589 -26.00 22.80 -67.77
CA GLU B 589 -27.08 22.15 -68.52
C GLU B 589 -26.48 21.28 -69.62
N ILE B 590 -25.40 21.78 -70.22
CA ILE B 590 -24.65 21.02 -71.22
C ILE B 590 -23.88 19.87 -70.58
N PHE B 591 -23.15 20.16 -69.51
CA PHE B 591 -22.37 19.14 -68.79
C PHE B 591 -23.22 17.93 -68.41
N VAL B 592 -24.38 18.18 -67.83
CA VAL B 592 -25.34 17.11 -67.51
C VAL B 592 -25.71 16.36 -68.77
N GLN B 593 -26.10 17.10 -69.81
CA GLN B 593 -26.40 16.53 -71.11
C GLN B 593 -25.20 15.79 -71.69
N HIS B 594 -24.02 16.41 -71.59
CA HIS B 594 -22.79 15.82 -72.10
C HIS B 594 -22.53 14.42 -71.53
N LEU B 595 -22.78 14.26 -70.24
CA LEU B 595 -22.60 12.96 -69.58
C LEU B 595 -23.58 11.93 -70.17
N LYS B 596 -24.81 12.36 -70.41
CA LYS B 596 -25.84 11.50 -70.98
C LYS B 596 -25.56 11.14 -72.43
N LYS B 597 -24.69 11.92 -73.08
CA LYS B 597 -24.34 11.76 -74.50
C LYS B 597 -25.47 12.34 -75.38
N THR B 598 -26.43 13.00 -74.75
CA THR B 598 -27.63 13.47 -75.45
C THR B 598 -27.45 14.70 -76.34
N ASN B 599 -26.49 15.57 -76.01
CA ASN B 599 -26.29 16.80 -76.78
C ASN B 599 -25.97 16.56 -78.26
N LYS B 600 -26.82 17.11 -79.13
CA LYS B 600 -26.68 16.89 -80.57
C LYS B 600 -25.54 17.71 -81.14
N GLN B 601 -25.52 19.00 -80.85
CA GLN B 601 -24.38 19.85 -81.18
C GLN B 601 -23.45 19.87 -79.98
N ASP B 602 -22.18 19.57 -80.21
CA ASP B 602 -21.21 19.64 -79.12
C ASP B 602 -21.07 21.09 -78.67
N ARG B 603 -21.49 21.35 -77.44
CA ARG B 603 -21.31 22.66 -76.85
C ARG B 603 -20.37 22.47 -75.68
N SER B 604 -19.33 23.30 -75.60
CA SER B 604 -18.41 23.21 -74.49
C SER B 604 -19.02 23.84 -73.25
N PHE B 605 -18.70 23.28 -72.08
CA PHE B 605 -19.19 23.81 -70.81
C PHE B 605 -18.15 24.65 -70.10
N GLY B 606 -17.01 24.86 -70.76
CA GLY B 606 -15.96 25.70 -70.21
C GLY B 606 -14.89 24.96 -69.43
N SER B 607 -13.74 25.60 -69.26
CA SER B 607 -12.61 25.01 -68.53
C SER B 607 -12.81 25.03 -67.02
N ASN B 608 -13.65 25.95 -66.55
CA ASN B 608 -13.89 26.13 -65.12
C ASN B 608 -14.45 24.89 -64.42
N ASP B 609 -14.08 24.70 -63.16
CA ASP B 609 -14.61 23.62 -62.33
C ASP B 609 -16.04 23.97 -61.93
N LEU B 610 -17.01 23.36 -62.61
CA LEU B 610 -18.43 23.70 -62.43
C LEU B 610 -18.97 23.27 -61.05
N GLN B 611 -18.42 22.19 -60.50
CA GLN B 611 -18.86 21.70 -59.19
C GLN B 611 -18.28 22.51 -58.04
N MET B 612 -17.06 23.02 -58.24
CA MET B 612 -16.42 23.88 -57.24
C MET B 612 -17.11 25.24 -57.18
N GLU B 613 -17.51 25.75 -58.34
CA GLU B 613 -18.16 27.06 -58.44
C GLU B 613 -19.49 27.10 -57.68
N GLU B 614 -20.28 26.03 -57.79
CA GLU B 614 -21.55 25.96 -57.07
C GLU B 614 -21.32 25.81 -55.57
N SER B 615 -20.31 25.05 -55.19
CA SER B 615 -19.93 24.90 -53.80
C SER B 615 -19.61 26.26 -53.18
N VAL B 616 -18.86 27.08 -53.91
CA VAL B 616 -18.57 28.45 -53.49
C VAL B 616 -19.85 29.28 -53.42
N ASN B 617 -20.70 29.15 -54.44
CA ASN B 617 -22.00 29.81 -54.44
C ASN B 617 -22.85 29.46 -53.22
N ILE B 618 -22.85 28.18 -52.86
CA ILE B 618 -23.55 27.68 -51.68
C ILE B 618 -22.97 28.29 -50.39
N VAL B 619 -21.65 28.35 -50.30
CA VAL B 619 -20.97 28.97 -49.16
C VAL B 619 -21.34 30.46 -49.03
N LYS B 620 -21.39 31.16 -50.16
CA LYS B 620 -21.77 32.57 -50.18
C LYS B 620 -23.16 32.78 -49.59
N ASP B 621 -24.08 31.85 -49.88
CA ASP B 621 -25.42 31.88 -49.31
C ASP B 621 -25.39 31.69 -47.80
N MET B 622 -24.58 30.74 -47.35
CA MET B 622 -24.42 30.44 -45.92
C MET B 622 -23.93 31.65 -45.12
N ILE B 623 -22.94 32.35 -45.68
CA ILE B 623 -22.38 33.55 -45.06
C ILE B 623 -23.44 34.65 -44.93
N LEU B 624 -24.18 34.89 -46.01
CA LEU B 624 -25.24 35.89 -46.02
C LEU B 624 -26.38 35.53 -45.07
N LEU B 625 -26.85 34.28 -45.16
CA LEU B 625 -27.91 33.78 -44.29
C LEU B 625 -27.51 33.87 -42.82
N LYS B 626 -26.22 33.65 -42.55
CA LYS B 626 -25.67 33.83 -41.21
C LYS B 626 -25.68 35.30 -40.82
N SER B 627 -25.29 36.16 -41.76
CA SER B 627 -25.25 37.60 -41.53
C SER B 627 -26.63 38.19 -41.23
N ILE B 628 -27.60 37.87 -42.08
CA ILE B 628 -28.96 38.38 -41.92
C ILE B 628 -29.64 37.87 -40.64
N SER B 629 -29.20 36.71 -40.16
CA SER B 629 -29.80 36.09 -38.98
C SER B 629 -29.71 37.00 -37.75
N PRO C 9 -20.10 -41.10 -9.96
CA PRO C 9 -19.38 -40.67 -11.17
C PRO C 9 -17.87 -40.71 -10.95
N LEU C 10 -17.15 -39.81 -11.61
CA LEU C 10 -15.69 -39.70 -11.46
C LEU C 10 -14.96 -41.02 -11.68
N ARG C 11 -15.20 -41.65 -12.83
CA ARG C 11 -14.48 -42.87 -13.19
C ARG C 11 -13.02 -42.55 -13.51
N ARG C 12 -12.19 -43.58 -13.66
CA ARG C 12 -10.75 -43.43 -13.81
C ARG C 12 -10.33 -42.46 -14.91
N GLN C 13 -11.09 -42.45 -16.00
CA GLN C 13 -10.74 -41.63 -17.17
C GLN C 13 -11.04 -40.15 -17.01
N ASP C 14 -11.77 -39.79 -15.96
CA ASP C 14 -12.15 -38.40 -15.74
C ASP C 14 -10.98 -37.52 -15.35
N VAL C 15 -9.96 -38.11 -14.73
CA VAL C 15 -8.88 -37.33 -14.15
C VAL C 15 -7.96 -36.66 -15.18
N ARG C 16 -7.72 -37.32 -16.31
CA ARG C 16 -6.76 -36.84 -17.29
C ARG C 16 -7.33 -35.66 -18.07
N LYS C 17 -8.64 -35.67 -18.25
CA LYS C 17 -9.36 -34.56 -18.88
C LYS C 17 -9.55 -33.43 -17.89
N THR C 18 -9.72 -33.79 -16.62
CA THR C 18 -9.93 -32.81 -15.55
C THR C 18 -8.74 -31.87 -15.40
N VAL C 19 -7.53 -32.41 -15.47
CA VAL C 19 -6.33 -31.60 -15.28
C VAL C 19 -5.97 -30.77 -16.51
N ASP C 20 -6.30 -31.25 -17.70
CA ASP C 20 -5.95 -30.54 -18.92
C ASP C 20 -6.83 -29.31 -19.12
N LYS C 21 -7.90 -29.23 -18.34
CA LYS C 21 -8.71 -28.04 -18.25
C LYS C 21 -7.93 -27.01 -17.46
N LEU C 22 -7.13 -27.51 -16.51
CA LEU C 22 -6.40 -26.69 -15.55
C LEU C 22 -5.03 -26.21 -16.06
N VAL C 23 -4.22 -27.13 -16.55
CA VAL C 23 -2.83 -26.85 -16.91
C VAL C 23 -2.66 -25.79 -17.99
N GLU C 24 -3.68 -25.59 -18.82
CA GLU C 24 -3.60 -24.66 -19.93
C GLU C 24 -3.69 -23.21 -19.46
N HIS C 25 -4.16 -23.01 -18.24
CA HIS C 25 -4.27 -21.68 -17.66
C HIS C 25 -3.25 -21.49 -16.53
N HIS C 26 -2.58 -22.58 -16.15
CA HIS C 26 -1.60 -22.52 -15.07
C HIS C 26 -0.42 -21.62 -15.43
N ILE C 27 0.14 -20.97 -14.42
CA ILE C 27 1.12 -19.90 -14.60
C ILE C 27 2.46 -20.33 -15.25
N ASP C 28 3.10 -21.36 -14.69
CA ASP C 28 4.44 -21.74 -15.12
C ASP C 28 4.49 -23.10 -15.81
N THR C 29 3.58 -23.99 -15.46
CA THR C 29 3.58 -25.34 -16.00
C THR C 29 2.28 -25.63 -16.76
N GLN C 30 2.40 -26.19 -17.96
CA GLN C 30 1.23 -26.45 -18.80
C GLN C 30 1.19 -27.88 -19.34
N GLN C 31 2.03 -28.75 -18.80
CA GLN C 31 2.09 -30.13 -19.26
C GLN C 31 2.66 -31.07 -18.19
N ILE C 32 1.95 -32.17 -17.94
CA ILE C 32 2.36 -33.15 -16.93
C ILE C 32 3.68 -33.85 -17.31
N SER C 33 4.49 -34.14 -16.29
CA SER C 33 5.77 -34.85 -16.46
C SER C 33 6.00 -35.67 -15.20
N PRO C 34 6.77 -36.77 -15.31
CA PRO C 34 7.11 -37.62 -14.16
C PRO C 34 7.66 -36.84 -12.96
N TYR C 35 8.21 -35.65 -13.21
CA TYR C 35 8.65 -34.75 -12.15
C TYR C 35 7.47 -34.29 -11.30
N ILE C 36 6.36 -33.97 -11.98
CA ILE C 36 5.12 -33.58 -11.31
C ILE C 36 4.51 -34.79 -10.59
N LEU C 37 4.60 -35.96 -11.23
CA LEU C 37 3.96 -37.17 -10.71
C LEU C 37 4.57 -37.73 -9.42
N SER C 38 5.88 -37.77 -9.32
CA SER C 38 6.57 -38.28 -8.13
C SER C 38 6.13 -37.54 -6.87
N ARG C 39 5.83 -36.26 -7.02
CA ARG C 39 5.34 -35.45 -5.91
C ARG C 39 3.82 -35.53 -5.79
N SER C 40 3.15 -35.81 -6.91
CA SER C 40 1.71 -36.03 -6.90
C SER C 40 1.41 -37.23 -6.01
N LEU C 41 2.39 -38.12 -5.91
CA LEU C 41 2.33 -39.28 -5.03
C LEU C 41 2.63 -38.86 -3.59
N GLU C 42 3.45 -37.82 -3.44
CA GLU C 42 3.87 -37.32 -2.12
C GLU C 42 2.76 -36.56 -1.40
N ASP C 43 2.15 -35.61 -2.10
CA ASP C 43 1.08 -34.80 -1.53
C ASP C 43 -0.05 -35.70 -1.06
N TYR C 44 -0.18 -36.86 -1.71
CA TYR C 44 -1.08 -37.91 -1.30
C TYR C 44 -0.74 -38.36 0.13
N VAL C 45 0.55 -38.46 0.42
CA VAL C 45 1.01 -38.90 1.74
C VAL C 45 1.32 -37.73 2.68
N ARG C 46 1.01 -36.51 2.25
CA ARG C 46 1.23 -35.34 3.11
C ARG C 46 -0.06 -34.64 3.52
N SER C 47 -1.09 -34.74 2.68
CA SER C 47 -2.42 -34.29 3.09
C SER C 47 -2.91 -35.28 4.13
N PHE C 48 -2.48 -36.53 3.98
CA PHE C 48 -2.70 -37.59 4.96
C PHE C 48 -1.46 -38.49 4.94
N ASP C 49 -0.70 -38.47 6.05
CA ASP C 49 -1.05 -37.68 7.23
C ASP C 49 -0.04 -36.56 7.47
N SER C 50 -0.51 -35.45 8.04
CA SER C 50 0.34 -34.29 8.28
C SER C 50 1.18 -34.42 9.55
N HIS C 51 1.05 -35.56 10.24
CA HIS C 51 1.74 -35.76 11.50
C HIS C 51 2.71 -36.95 11.45
N LYS C 52 2.67 -37.68 10.35
CA LYS C 52 3.63 -38.75 10.05
C LYS C 52 3.68 -39.86 11.11
N ALA C 53 2.51 -40.30 11.57
CA ALA C 53 2.44 -41.29 12.64
C ALA C 53 1.88 -42.64 12.17
N TYR C 54 1.51 -42.73 10.90
CA TYR C 54 0.87 -43.92 10.37
C TYR C 54 1.82 -44.89 9.67
N LEU C 55 2.95 -44.40 9.18
CA LEU C 55 3.84 -45.24 8.38
C LEU C 55 5.32 -45.22 8.79
N THR C 56 6.06 -46.21 8.30
CA THR C 56 7.49 -46.34 8.50
C THR C 56 8.20 -45.79 7.27
N GLN C 57 9.32 -45.10 7.46
CA GLN C 57 10.13 -44.58 6.37
C GLN C 57 10.32 -45.62 5.27
N ASP C 58 10.75 -46.82 5.67
CA ASP C 58 10.90 -47.94 4.74
C ASP C 58 9.59 -48.23 4.00
N GLU C 59 8.49 -48.24 4.74
CA GLU C 59 7.17 -48.45 4.17
C GLU C 59 6.75 -47.27 3.30
N VAL C 60 6.99 -46.05 3.78
CA VAL C 60 6.75 -44.86 2.97
C VAL C 60 7.62 -44.94 1.73
N PHE C 61 8.92 -45.08 1.93
CA PHE C 61 9.89 -45.08 0.83
C PHE C 61 9.60 -46.08 -0.29
N SER C 62 9.46 -47.35 0.05
CA SER C 62 9.30 -48.40 -0.95
C SER C 62 8.05 -48.19 -1.81
N HIS C 63 7.00 -47.65 -1.20
CA HIS C 63 5.74 -47.40 -1.91
C HIS C 63 5.63 -45.96 -2.42
N ALA C 64 6.42 -45.05 -1.86
CA ALA C 64 6.37 -43.65 -2.29
C ALA C 64 7.63 -43.17 -3.03
N PHE C 65 8.76 -43.84 -2.83
CA PHE C 65 10.01 -43.34 -3.43
C PHE C 65 10.89 -44.38 -4.13
N SER C 66 10.55 -45.67 -4.05
CA SER C 66 11.30 -46.66 -4.80
C SER C 66 11.09 -46.42 -6.30
N GLU C 67 12.02 -46.87 -7.12
CA GLU C 67 11.91 -46.65 -8.57
C GLU C 67 10.69 -47.39 -9.10
N GLU C 68 10.40 -48.53 -8.49
CA GLU C 68 9.18 -49.28 -8.78
C GLU C 68 7.96 -48.45 -8.35
N ALA C 69 8.15 -47.54 -7.40
CA ALA C 69 7.06 -46.69 -6.94
C ALA C 69 7.04 -45.32 -7.62
N THR C 70 8.20 -44.85 -8.06
CA THR C 70 8.32 -43.49 -8.61
C THR C 70 8.22 -43.38 -10.14
N HIS C 71 8.85 -44.28 -10.87
CA HIS C 71 8.90 -44.16 -12.33
C HIS C 71 7.96 -45.02 -13.22
N PRO C 72 7.05 -45.83 -12.62
CA PRO C 72 6.09 -46.39 -13.57
C PRO C 72 4.85 -45.52 -13.71
N LEU C 73 4.67 -44.56 -12.79
CA LEU C 73 3.57 -43.60 -12.83
C LEU C 73 3.35 -43.05 -14.22
N PHE C 74 4.45 -42.79 -14.91
CA PHE C 74 4.47 -42.53 -16.33
C PHE C 74 5.04 -43.81 -16.93
N LYS C 75 4.39 -44.41 -17.91
CA LYS C 75 3.24 -43.84 -18.61
C LYS C 75 1.88 -44.10 -17.96
N GLN C 76 1.88 -44.74 -16.79
CA GLN C 76 0.64 -45.15 -16.12
C GLN C 76 -0.41 -44.04 -16.02
N TYR C 77 0.04 -42.80 -15.81
CA TYR C 77 -0.88 -41.68 -15.72
C TYR C 77 -1.65 -41.48 -17.03
N GLN C 78 -0.91 -41.36 -18.13
CA GLN C 78 -1.49 -41.28 -19.46
C GLN C 78 -2.38 -42.49 -19.70
N GLU C 79 -2.01 -43.61 -19.10
CA GLU C 79 -2.70 -44.88 -19.30
C GLU C 79 -3.89 -45.08 -18.36
N ASP C 80 -3.99 -44.22 -17.34
CA ASP C 80 -5.10 -44.22 -16.38
C ASP C 80 -5.09 -45.38 -15.36
N ASN C 81 -3.97 -46.10 -15.29
CA ASN C 81 -3.86 -47.28 -14.42
C ASN C 81 -3.93 -46.98 -12.91
N PHE C 82 -2.97 -46.19 -12.43
CA PHE C 82 -2.91 -45.74 -11.04
C PHE C 82 -2.62 -46.86 -10.03
N SER C 83 -1.87 -47.88 -10.46
CA SER C 83 -1.58 -49.02 -9.57
C SER C 83 -0.59 -48.64 -8.47
N SER C 84 0.47 -47.94 -8.85
CA SER C 84 1.44 -47.45 -7.89
C SER C 84 0.73 -46.59 -6.84
N PHE C 85 -0.32 -45.90 -7.29
CA PHE C 85 -1.18 -45.15 -6.40
C PHE C 85 -2.14 -46.06 -5.62
N LYS C 86 -2.69 -47.06 -6.29
CA LYS C 86 -3.67 -47.94 -5.67
C LYS C 86 -3.08 -48.82 -4.57
N GLU C 87 -1.82 -49.23 -4.74
CA GLU C 87 -1.14 -50.00 -3.71
C GLU C 87 -0.88 -49.11 -2.51
N LEU C 88 -0.58 -47.85 -2.77
CA LEU C 88 -0.36 -46.87 -1.70
C LEU C 88 -1.64 -46.70 -0.88
N ASP C 89 -2.77 -46.58 -1.58
CA ASP C 89 -4.07 -46.47 -0.93
C ASP C 89 -4.48 -47.83 -0.35
N THR C 90 -3.77 -48.89 -0.75
CA THR C 90 -3.95 -50.19 -0.13
C THR C 90 -2.98 -50.31 1.06
N CYS C 91 -1.79 -49.75 0.89
CA CYS C 91 -0.77 -49.78 1.93
C CYS C 91 -1.17 -48.94 3.15
N ILE C 92 -1.86 -47.83 2.91
CA ILE C 92 -2.33 -47.00 4.02
C ILE C 92 -3.38 -47.71 4.88
N GLN C 93 -4.23 -48.52 4.25
CA GLN C 93 -5.27 -49.25 4.96
C GLN C 93 -4.66 -50.18 6.00
N GLN C 94 -3.56 -50.82 5.63
CA GLN C 94 -2.83 -51.70 6.53
C GLN C 94 -2.30 -50.90 7.72
N SER C 95 -1.84 -49.69 7.44
CA SER C 95 -1.42 -48.77 8.49
C SER C 95 -2.64 -48.29 9.27
N ILE C 96 -3.73 -48.03 8.56
CA ILE C 96 -5.00 -47.62 9.16
C ILE C 96 -5.56 -48.69 10.09
N SER C 97 -5.66 -49.92 9.58
CA SER C 97 -6.15 -51.06 10.35
C SER C 97 -5.37 -51.23 11.65
N ARG C 98 -4.07 -50.99 11.57
CA ARG C 98 -3.17 -51.11 12.72
C ARG C 98 -3.46 -50.04 13.77
N ALA C 99 -3.72 -48.82 13.31
CA ALA C 99 -3.98 -47.69 14.21
C ALA C 99 -5.22 -47.90 15.09
N ARG C 100 -6.37 -48.12 14.46
CA ARG C 100 -7.63 -48.34 15.17
C ARG C 100 -7.51 -49.42 16.26
N GLU C 101 -6.99 -50.58 15.88
CA GLU C 101 -6.86 -51.73 16.79
C GLU C 101 -6.03 -51.38 18.02
N TRP C 102 -4.86 -50.80 17.80
CA TRP C 102 -4.00 -50.31 18.88
C TRP C 102 -4.80 -49.48 19.88
N ARG C 103 -5.68 -48.64 19.34
CA ARG C 103 -6.50 -47.75 20.16
C ARG C 103 -7.60 -48.53 20.89
N SER C 104 -8.08 -49.60 20.29
CA SER C 104 -9.14 -50.42 20.90
C SER C 104 -8.70 -50.94 22.26
N SER C 105 -7.46 -51.40 22.34
CA SER C 105 -6.92 -51.91 23.59
C SER C 105 -6.77 -50.82 24.64
N TRP C 106 -6.52 -49.58 24.22
CA TRP C 106 -6.44 -48.47 25.16
C TRP C 106 -7.82 -48.06 25.66
N LEU C 107 -8.85 -48.31 24.86
CA LEU C 107 -10.20 -47.94 25.27
C LEU C 107 -10.50 -48.66 26.56
N THR C 108 -10.09 -49.93 26.61
CA THR C 108 -10.15 -50.75 27.80
C THR C 108 -9.50 -50.03 28.98
N ASP C 109 -8.21 -49.72 28.87
CA ASP C 109 -7.53 -48.93 29.90
C ASP C 109 -7.51 -47.46 29.49
N SER C 110 -8.65 -46.79 29.64
CA SER C 110 -8.81 -45.41 29.18
C SER C 110 -8.30 -44.39 30.19
N ILE C 111 -8.39 -44.73 31.47
CA ILE C 111 -7.98 -43.82 32.54
C ILE C 111 -6.51 -43.45 32.42
N ARG C 112 -5.69 -44.44 32.08
CA ARG C 112 -4.26 -44.23 31.89
C ARG C 112 -3.98 -43.31 30.71
N VAL C 113 -4.79 -43.42 29.65
CA VAL C 113 -4.61 -42.59 28.45
C VAL C 113 -4.78 -41.10 28.78
N ILE C 114 -5.68 -40.80 29.70
CA ILE C 114 -5.98 -39.42 30.07
C ILE C 114 -4.78 -38.66 30.67
N GLN C 115 -3.93 -39.37 31.40
CA GLN C 115 -2.78 -38.74 32.06
C GLN C 115 -1.94 -37.90 31.11
N ASP C 116 -1.45 -36.76 31.58
CA ASP C 116 -0.66 -35.86 30.74
C ASP C 116 0.59 -35.37 31.44
N LYS C 124 6.07 -32.08 16.60
CA LYS C 124 7.20 -32.82 16.05
C LYS C 124 6.92 -33.28 14.62
N LYS C 125 7.40 -32.50 13.65
CA LYS C 125 7.20 -32.82 12.25
C LYS C 125 8.56 -32.92 11.55
N PRO C 126 9.26 -34.04 11.74
CA PRO C 126 10.64 -34.22 11.26
C PRO C 126 10.77 -34.20 9.74
N SER C 127 9.65 -34.34 9.04
CA SER C 127 9.63 -34.57 7.58
C SER C 127 10.26 -35.92 7.25
N ALA C 128 10.51 -36.72 8.28
CA ALA C 128 11.01 -38.07 8.14
C ALA C 128 10.19 -38.98 9.04
N TRP C 129 9.57 -40.00 8.45
CA TRP C 129 8.77 -40.94 9.23
C TRP C 129 9.66 -41.80 10.12
N ALA C 130 9.07 -42.34 11.19
CA ALA C 130 9.82 -43.18 12.13
C ALA C 130 10.37 -44.43 11.45
N SER C 131 11.62 -44.78 11.77
CA SER C 131 12.29 -45.91 11.13
C SER C 131 11.75 -47.25 11.64
N SER C 132 11.47 -47.32 12.94
CA SER C 132 11.05 -48.56 13.56
C SER C 132 9.54 -48.59 13.78
N ILE C 133 8.95 -49.78 13.63
CA ILE C 133 7.49 -49.93 13.74
C ILE C 133 6.99 -49.68 15.17
N GLU C 134 7.80 -50.01 16.17
CA GLU C 134 7.44 -49.78 17.56
C GLU C 134 7.50 -48.30 17.88
N GLU C 135 8.11 -47.53 16.99
CA GLU C 135 8.13 -46.08 17.11
C GLU C 135 6.89 -45.51 16.41
N VAL C 136 6.44 -46.18 15.37
CA VAL C 136 5.15 -45.87 14.74
C VAL C 136 4.07 -46.07 15.79
N LYS C 137 4.26 -47.08 16.63
CA LYS C 137 3.41 -47.30 17.78
C LYS C 137 3.36 -46.04 18.62
N GLN C 138 4.44 -45.76 19.35
CA GLN C 138 4.51 -44.65 20.29
C GLN C 138 3.89 -43.30 19.86
N ARG C 139 4.09 -42.88 18.62
CA ARG C 139 3.49 -41.61 18.20
C ARG C 139 1.99 -41.70 17.89
N GLN C 140 1.56 -42.79 17.25
CA GLN C 140 0.13 -43.03 17.10
C GLN C 140 -0.45 -43.15 18.50
N TYR C 141 0.39 -43.64 19.42
CA TYR C 141 0.06 -43.73 20.82
C TYR C 141 0.03 -42.33 21.45
N ASP C 142 0.99 -41.49 21.04
CA ASP C 142 1.06 -40.11 21.49
C ASP C 142 0.29 -39.14 20.58
N LEU C 143 -0.53 -39.68 19.67
CA LEU C 143 -1.30 -38.85 18.75
C LEU C 143 -2.53 -38.23 19.41
N LEU C 144 -3.35 -39.07 20.05
CA LEU C 144 -4.57 -38.60 20.69
C LEU C 144 -4.29 -37.56 21.77
N LEU C 145 -3.10 -37.66 22.38
CA LEU C 145 -2.64 -36.71 23.40
C LEU C 145 -2.79 -35.25 22.96
N SER C 146 -2.72 -35.01 21.65
CA SER C 146 -2.94 -33.68 21.10
C SER C 146 -4.35 -33.20 21.39
N TYR C 147 -5.35 -33.93 20.89
CA TYR C 147 -6.75 -33.60 21.12
C TYR C 147 -7.20 -33.94 22.54
N ALA C 148 -6.50 -34.85 23.20
CA ALA C 148 -6.84 -35.22 24.56
C ALA C 148 -6.51 -34.11 25.55
N SER C 149 -5.33 -33.53 25.42
CA SER C 149 -4.83 -32.54 26.37
C SER C 149 -5.33 -31.11 26.11
N ILE C 150 -6.15 -30.94 25.08
CA ILE C 150 -6.67 -29.62 24.74
C ILE C 150 -7.82 -29.24 25.67
N TYR C 151 -8.20 -30.15 26.57
CA TYR C 151 -9.24 -29.88 27.55
C TYR C 151 -8.80 -30.19 29.00
N LEU C 152 -8.27 -29.21 29.75
CA LEU C 152 -7.90 -27.84 29.35
C LEU C 152 -8.98 -26.98 28.69
N VAL C 168 -13.34 -39.25 25.14
CA VAL C 168 -12.65 -40.13 24.20
C VAL C 168 -13.50 -40.45 22.98
N LYS C 169 -14.73 -40.89 23.21
CA LYS C 169 -15.66 -41.20 22.13
C LYS C 169 -15.89 -39.98 21.25
N LEU C 170 -16.04 -38.82 21.90
CA LEU C 170 -16.16 -37.55 21.19
C LEU C 170 -14.86 -37.24 20.46
N CYS C 171 -13.76 -37.70 21.04
CA CYS C 171 -12.43 -37.44 20.49
C CYS C 171 -12.09 -38.40 19.35
N ILE C 172 -12.12 -39.69 19.64
CA ILE C 172 -11.66 -40.73 18.72
C ILE C 172 -12.24 -40.62 17.30
N ARG C 173 -13.43 -40.02 17.19
CA ARG C 173 -14.05 -39.80 15.90
C ARG C 173 -13.39 -38.65 15.15
N GLN C 174 -12.93 -37.64 15.90
CA GLN C 174 -12.31 -36.46 15.30
C GLN C 174 -11.01 -36.75 14.56
N ILE C 175 -10.38 -37.88 14.89
CA ILE C 175 -9.18 -38.32 14.20
C ILE C 175 -9.50 -39.45 13.23
N GLU C 176 -10.77 -39.85 13.18
CA GLU C 176 -11.20 -40.96 12.33
C GLU C 176 -12.05 -40.48 11.15
N ASN C 177 -12.84 -39.44 11.37
CA ASN C 177 -13.66 -38.85 10.30
C ASN C 177 -12.82 -38.43 9.09
N HIS C 178 -11.59 -37.99 9.36
CA HIS C 178 -10.66 -37.61 8.29
C HIS C 178 -9.81 -38.79 7.87
N GLU C 179 -9.92 -39.90 8.62
CA GLU C 179 -9.18 -41.12 8.31
C GLU C 179 -10.03 -42.04 7.42
N ASN C 180 -11.34 -41.87 7.51
CA ASN C 180 -12.31 -42.73 6.83
C ASN C 180 -12.57 -42.59 5.30
N PRO C 181 -12.24 -41.45 4.67
CA PRO C 181 -12.47 -41.39 3.22
C PRO C 181 -11.72 -42.45 2.40
N TYR C 182 -10.74 -43.10 3.02
CA TYR C 182 -10.01 -44.18 2.37
C TYR C 182 -10.79 -45.48 2.43
N ILE C 183 -11.93 -45.44 3.12
CA ILE C 183 -12.83 -46.59 3.22
C ILE C 183 -13.99 -46.45 2.22
N GLY C 184 -14.53 -45.25 2.12
CA GLY C 184 -15.65 -44.96 1.23
C GLY C 184 -16.84 -44.42 2.01
N ILE C 185 -16.54 -43.90 3.19
CA ILE C 185 -17.53 -43.57 4.21
C ILE C 185 -18.42 -42.37 3.85
N ASN C 186 -19.68 -42.43 4.29
CA ASN C 186 -20.62 -41.31 4.23
C ASN C 186 -20.12 -40.15 5.10
N ASP C 187 -20.75 -38.99 4.95
CA ASP C 187 -20.50 -37.86 5.83
C ASP C 187 -20.66 -38.30 7.30
N HIS C 188 -21.78 -38.96 7.60
CA HIS C 188 -22.10 -39.35 8.97
C HIS C 188 -21.43 -40.64 9.44
N GLY C 189 -21.15 -41.56 8.52
CA GLY C 189 -20.47 -42.78 8.90
C GLY C 189 -20.73 -44.04 8.09
N TYR C 190 -21.80 -44.05 7.29
CA TYR C 190 -22.16 -45.22 6.51
C TYR C 190 -21.22 -45.44 5.33
N ARG C 191 -20.87 -46.68 5.04
CA ARG C 191 -20.05 -46.97 3.87
C ARG C 191 -20.88 -46.83 2.60
N MET C 192 -20.34 -46.08 1.63
CA MET C 192 -21.05 -45.85 0.38
C MET C 192 -20.56 -46.81 -0.71
N SER C 193 -21.26 -46.82 -1.84
CA SER C 193 -20.93 -47.69 -2.97
C SER C 193 -19.50 -47.48 -3.45
N PRO C 194 -18.89 -48.54 -4.00
CA PRO C 194 -17.56 -48.45 -4.62
C PRO C 194 -17.47 -47.32 -5.63
N GLU C 195 -18.58 -47.00 -6.28
CA GLU C 195 -18.63 -45.90 -7.24
C GLU C 195 -18.56 -44.55 -6.56
N GLU C 196 -19.08 -44.47 -5.34
CA GLU C 196 -18.95 -43.26 -4.53
C GLU C 196 -17.80 -43.43 -3.54
N GLU C 197 -17.15 -44.58 -3.60
CA GLU C 197 -15.87 -44.80 -2.94
C GLU C 197 -14.80 -44.51 -4.00
N ALA C 198 -15.22 -44.56 -5.25
CA ALA C 198 -14.33 -44.26 -6.38
C ALA C 198 -13.99 -42.79 -6.45
N ASN C 199 -14.88 -41.95 -5.92
CA ASN C 199 -14.62 -40.51 -5.88
C ASN C 199 -13.40 -40.18 -5.04
N SER C 200 -13.40 -40.63 -3.79
CA SER C 200 -12.33 -40.32 -2.86
C SER C 200 -10.94 -40.74 -3.34
N PHE C 201 -10.81 -41.91 -3.94
CA PHE C 201 -9.52 -42.31 -4.49
C PHE C 201 -9.13 -41.43 -5.68
N HIS C 202 -10.12 -41.00 -6.45
CA HIS C 202 -9.89 -40.16 -7.63
C HIS C 202 -9.89 -38.67 -7.31
N VAL C 203 -10.62 -38.26 -6.28
CA VAL C 203 -10.56 -36.87 -5.83
C VAL C 203 -9.20 -36.59 -5.21
N ARG C 204 -8.74 -37.55 -4.39
CA ARG C 204 -7.47 -37.39 -3.69
C ARG C 204 -6.26 -37.76 -4.55
N ILE C 205 -6.49 -38.11 -5.82
CA ILE C 205 -5.40 -38.26 -6.77
C ILE C 205 -5.22 -36.95 -7.56
N ILE C 206 -6.30 -36.18 -7.66
CA ILE C 206 -6.29 -34.92 -8.41
C ILE C 206 -5.91 -33.73 -7.50
N LYS C 207 -6.41 -33.75 -6.27
CA LYS C 207 -6.03 -32.75 -5.28
C LYS C 207 -4.55 -32.92 -4.94
N SER C 208 -4.08 -34.15 -5.02
CA SER C 208 -2.66 -34.45 -4.81
C SER C 208 -1.85 -34.10 -6.04
N ILE C 209 -2.53 -33.80 -7.15
CA ILE C 209 -1.88 -33.35 -8.37
C ILE C 209 -1.83 -31.82 -8.43
N ALA C 210 -2.96 -31.19 -8.11
CA ALA C 210 -3.06 -29.73 -8.14
C ALA C 210 -2.04 -29.08 -7.20
N HIS C 211 -1.75 -29.75 -6.09
CA HIS C 211 -0.78 -29.27 -5.11
C HIS C 211 0.65 -29.34 -5.66
N SER C 212 0.98 -30.45 -6.32
CA SER C 212 2.33 -30.67 -6.83
C SER C 212 2.77 -29.67 -7.89
N LEU C 213 1.80 -29.09 -8.61
CA LEU C 213 2.10 -28.05 -9.60
C LEU C 213 2.70 -26.84 -8.92
N ASP C 214 2.01 -26.35 -7.89
CA ASP C 214 2.48 -25.23 -7.08
C ASP C 214 1.73 -25.18 -5.75
N ALA C 215 2.22 -24.37 -4.83
CA ALA C 215 1.69 -24.36 -3.46
C ALA C 215 0.24 -23.90 -3.32
N HIS C 216 -0.23 -23.08 -4.25
CA HIS C 216 -1.53 -22.41 -4.08
C HIS C 216 -2.65 -22.93 -4.97
N THR C 217 -2.57 -24.20 -5.37
CA THR C 217 -3.64 -24.80 -6.16
C THR C 217 -4.09 -26.14 -5.56
N ALA C 218 -5.37 -26.21 -5.22
CA ALA C 218 -5.97 -27.47 -4.78
C ALA C 218 -7.13 -27.78 -5.73
N TYR C 219 -7.64 -29.00 -5.67
CA TYR C 219 -8.79 -29.36 -6.49
C TYR C 219 -10.08 -29.38 -5.67
N PHE C 220 -11.14 -28.80 -6.20
CA PHE C 220 -12.41 -28.78 -5.50
C PHE C 220 -13.47 -29.61 -6.22
N SER C 221 -14.07 -30.56 -5.52
CA SER C 221 -15.19 -31.34 -6.04
C SER C 221 -16.47 -30.53 -5.93
N GLN C 222 -17.48 -30.91 -6.72
CA GLN C 222 -18.80 -30.29 -6.64
C GLN C 222 -19.32 -30.42 -5.21
N GLU C 223 -19.03 -31.57 -4.61
CA GLU C 223 -19.40 -31.85 -3.23
C GLU C 223 -18.74 -30.85 -2.29
N GLU C 224 -17.49 -30.50 -2.56
CA GLU C 224 -16.79 -29.48 -1.79
C GLU C 224 -17.09 -28.09 -2.35
N ALA C 225 -17.70 -28.05 -3.52
CA ALA C 225 -18.12 -26.78 -4.12
C ALA C 225 -19.61 -26.55 -3.88
N LEU C 226 -19.99 -26.44 -2.61
CA LEU C 226 -21.39 -26.24 -2.27
C LEU C 226 -21.92 -24.89 -2.73
N SER C 227 -21.02 -23.93 -2.90
CA SER C 227 -21.35 -22.53 -3.19
C SER C 227 -22.04 -21.83 -2.02
N ARG C 327 -12.15 -2.73 11.16
CA ARG C 327 -11.69 -2.34 9.84
C ARG C 327 -10.35 -1.60 9.92
N VAL C 328 -10.39 -0.37 10.43
CA VAL C 328 -9.19 0.44 10.53
C VAL C 328 -9.04 1.06 11.92
N ASP C 329 -7.99 0.65 12.63
CA ASP C 329 -7.70 1.19 13.94
C ASP C 329 -6.91 2.48 13.80
N VAL C 330 -7.28 3.50 14.58
CA VAL C 330 -6.64 4.80 14.47
C VAL C 330 -6.25 5.38 15.83
N SER C 331 -4.98 5.75 15.97
CA SER C 331 -4.48 6.40 17.18
C SER C 331 -3.41 7.40 16.78
N TYR C 332 -2.98 8.24 17.72
CA TYR C 332 -1.94 9.23 17.44
C TYR C 332 -1.15 9.57 18.70
N GLU C 333 0.01 10.18 18.51
CA GLU C 333 0.85 10.59 19.63
C GLU C 333 1.35 12.01 19.41
N PRO C 334 1.21 12.88 20.44
CA PRO C 334 1.66 14.27 20.35
C PRO C 334 3.17 14.37 20.15
N TYR C 335 3.60 15.28 19.29
CA TYR C 335 5.02 15.47 19.00
C TYR C 335 5.25 16.86 18.43
N GLY C 336 5.95 17.71 19.20
CA GLY C 336 6.16 19.09 18.82
C GLY C 336 4.90 19.93 18.92
N ASN C 337 4.58 20.65 17.86
CA ASN C 337 3.35 21.43 17.79
C ASN C 337 2.29 20.71 16.96
N GLY C 338 2.56 19.45 16.64
CA GLY C 338 1.63 18.63 15.89
C GLY C 338 1.54 17.23 16.44
N ILE C 339 1.06 16.29 15.62
CA ILE C 339 0.94 14.89 16.03
C ILE C 339 1.57 13.92 15.03
N ILE C 340 1.71 12.67 15.44
CA ILE C 340 2.14 11.60 14.55
C ILE C 340 1.02 10.56 14.46
N GLY C 341 0.54 10.31 13.24
CA GLY C 341 -0.58 9.40 13.05
C GLY C 341 -0.20 7.92 13.07
N LYS C 342 -1.00 7.13 13.79
CA LYS C 342 -0.82 5.68 13.81
C LYS C 342 -2.08 5.01 13.28
N ILE C 343 -1.97 4.37 12.11
CA ILE C 343 -3.12 3.75 11.46
C ILE C 343 -2.89 2.26 11.20
N THR C 344 -3.70 1.41 11.82
CA THR C 344 -3.61 -0.03 11.60
C THR C 344 -4.67 -0.48 10.59
N LEU C 345 -4.22 -1.13 9.52
CA LEU C 345 -5.11 -1.65 8.48
C LEU C 345 -4.99 -3.17 8.42
N HIS C 346 -6.07 -3.85 8.81
CA HIS C 346 -6.06 -5.31 8.93
C HIS C 346 -6.21 -6.05 7.61
N SER C 347 -6.90 -5.44 6.65
CA SER C 347 -7.07 -6.04 5.32
C SER C 347 -7.58 -5.06 4.28
N PHE C 348 -7.36 -5.37 3.01
CA PHE C 348 -7.91 -4.58 1.92
C PHE C 348 -9.31 -5.09 1.55
N TYR C 349 -10.33 -4.35 1.97
CA TYR C 349 -11.70 -4.77 1.79
C TYR C 349 -12.48 -3.77 0.93
N GLU C 350 -13.63 -4.20 0.43
CA GLU C 350 -14.46 -3.35 -0.43
C GLU C 350 -15.85 -3.95 -0.58
N GLN C 354 -19.75 2.84 0.17
CA GLN C 354 -18.88 3.98 0.44
C GLN C 354 -17.87 3.61 1.52
N VAL C 355 -17.91 2.36 1.97
CA VAL C 355 -16.96 1.86 2.95
C VAL C 355 -15.96 0.87 2.34
N SER C 356 -14.70 1.30 2.28
CA SER C 356 -13.61 0.45 1.78
C SER C 356 -12.31 0.85 2.47
N SER C 357 -11.23 0.13 2.16
CA SER C 357 -9.92 0.43 2.73
C SER C 357 -9.45 1.81 2.34
N GLU C 358 -9.67 2.16 1.07
CA GLU C 358 -9.31 3.48 0.55
C GLU C 358 -10.11 4.57 1.25
N GLN C 359 -11.40 4.32 1.45
CA GLN C 359 -12.30 5.30 2.04
C GLN C 359 -12.03 5.61 3.51
N ASP C 360 -11.82 4.57 4.30
CA ASP C 360 -11.61 4.73 5.74
C ASP C 360 -10.27 5.39 6.09
N LEU C 361 -9.23 5.07 5.34
CA LEU C 361 -7.94 5.73 5.49
C LEU C 361 -8.10 7.22 5.23
N ARG C 362 -8.83 7.54 4.16
CA ARG C 362 -9.13 8.93 3.81
C ARG C 362 -9.87 9.63 4.94
N LYS C 363 -10.80 8.90 5.56
CA LYS C 363 -11.54 9.42 6.71
C LYS C 363 -10.60 9.66 7.88
N ALA C 364 -9.72 8.69 8.15
CA ALA C 364 -8.76 8.79 9.25
C ALA C 364 -7.75 9.92 9.07
N ILE C 365 -7.00 9.86 7.97
CA ILE C 365 -5.97 10.86 7.66
C ILE C 365 -6.52 12.29 7.69
N ARG C 366 -7.71 12.48 7.15
CA ARG C 366 -8.37 13.79 7.17
C ARG C 366 -8.72 14.21 8.60
N GLU C 367 -9.19 13.25 9.39
CA GLU C 367 -9.55 13.51 10.78
C GLU C 367 -8.31 13.86 11.59
N LEU C 368 -7.18 13.25 11.24
CA LEU C 368 -5.92 13.51 11.91
C LEU C 368 -5.39 14.91 11.57
N GLN C 369 -5.64 15.35 10.33
CA GLN C 369 -5.16 16.64 9.84
C GLN C 369 -5.85 17.83 10.53
N GLU C 370 -6.92 17.55 11.26
CA GLU C 370 -7.52 18.55 12.13
C GLU C 370 -6.47 18.94 13.16
N LYS C 371 -5.89 17.92 13.81
CA LYS C 371 -4.69 18.11 14.60
C LYS C 371 -3.57 18.33 13.59
N ASN C 372 -2.46 18.93 14.00
CA ASN C 372 -1.38 19.13 13.03
C ASN C 372 -0.64 17.82 12.76
N LEU C 373 -0.99 17.16 11.65
CA LEU C 373 -0.35 15.91 11.29
C LEU C 373 1.06 16.19 10.76
N LEU C 374 2.05 15.60 11.42
CA LEU C 374 3.45 15.84 11.08
C LEU C 374 4.11 14.61 10.47
N GLY C 375 3.58 13.44 10.79
CA GLY C 375 4.11 12.18 10.29
C GLY C 375 3.05 11.10 10.29
N LEU C 376 3.36 9.94 9.71
CA LEU C 376 2.38 8.85 9.66
C LEU C 376 3.02 7.47 9.71
N VAL C 377 2.50 6.62 10.58
CA VAL C 377 2.88 5.21 10.60
C VAL C 377 1.70 4.39 10.09
N LEU C 378 1.97 3.50 9.12
CA LEU C 378 0.91 2.65 8.57
C LEU C 378 1.17 1.19 8.94
N ASP C 379 0.26 0.62 9.73
CA ASP C 379 0.44 -0.73 10.27
C ASP C 379 -0.30 -1.79 9.45
N ILE C 380 0.46 -2.65 8.78
CA ILE C 380 -0.08 -3.79 8.04
C ILE C 380 0.62 -5.09 8.43
N ARG C 381 1.03 -5.17 9.70
CA ARG C 381 1.72 -6.35 10.24
C ARG C 381 0.84 -7.60 10.17
N GLU C 382 -0.47 -7.40 10.28
CA GLU C 382 -1.41 -8.53 10.27
C GLU C 382 -2.30 -8.54 9.04
N ASN C 383 -1.95 -7.76 8.03
CA ASN C 383 -2.72 -7.72 6.79
C ASN C 383 -2.48 -8.96 5.92
N THR C 384 -3.49 -9.83 5.86
CA THR C 384 -3.36 -11.07 5.09
C THR C 384 -3.92 -10.93 3.67
N GLY C 385 -4.06 -9.69 3.21
CA GLY C 385 -4.39 -9.45 1.82
C GLY C 385 -5.73 -8.78 1.60
N GLY C 386 -6.25 -8.91 0.38
CA GLY C 386 -7.53 -8.34 0.03
C GLY C 386 -7.63 -8.03 -1.45
N PHE C 387 -8.53 -7.12 -1.81
CA PHE C 387 -8.71 -6.76 -3.21
C PHE C 387 -7.48 -6.04 -3.77
N LEU C 388 -6.99 -6.53 -4.91
CA LEU C 388 -5.95 -5.86 -5.68
C LEU C 388 -6.47 -4.46 -6.02
N SER C 389 -7.78 -4.39 -6.25
CA SER C 389 -8.46 -3.13 -6.54
C SER C 389 -8.22 -2.08 -5.48
N GLN C 390 -8.14 -2.52 -4.22
CA GLN C 390 -7.92 -1.62 -3.09
C GLN C 390 -6.45 -1.28 -2.87
N ALA C 391 -5.56 -2.22 -3.21
CA ALA C 391 -4.13 -1.99 -3.09
C ALA C 391 -3.68 -0.81 -3.97
N ILE C 392 -4.26 -0.74 -5.17
CA ILE C 392 -4.02 0.37 -6.10
C ILE C 392 -4.60 1.67 -5.54
N LYS C 393 -5.80 1.58 -4.97
CA LYS C 393 -6.49 2.74 -4.40
C LYS C 393 -5.76 3.37 -3.21
N VAL C 394 -5.27 2.52 -2.30
CA VAL C 394 -4.52 2.98 -1.14
C VAL C 394 -3.16 3.57 -1.55
N SER C 395 -2.48 2.88 -2.46
CA SER C 395 -1.17 3.32 -2.92
C SER C 395 -1.23 4.71 -3.56
N GLY C 396 -2.34 5.01 -4.22
CA GLY C 396 -2.51 6.29 -4.89
C GLY C 396 -2.67 7.47 -3.95
N LEU C 397 -2.97 7.18 -2.68
CA LEU C 397 -3.08 8.21 -1.66
C LEU C 397 -1.74 8.92 -1.43
N PHE C 398 -0.65 8.20 -1.69
CA PHE C 398 0.69 8.74 -1.47
C PHE C 398 1.47 8.88 -2.77
N LEU C 399 0.76 8.91 -3.90
CA LEU C 399 1.38 9.07 -5.21
C LEU C 399 0.56 10.04 -6.08
N THR C 400 1.16 10.54 -7.16
CA THR C 400 0.49 11.50 -8.04
C THR C 400 0.06 10.87 -9.37
N ASN C 401 0.96 10.11 -9.97
CA ASN C 401 0.71 9.42 -11.22
C ASN C 401 1.67 8.25 -11.36
N GLY C 402 1.34 7.26 -12.17
CA GLY C 402 2.28 6.18 -12.43
C GLY C 402 1.77 4.79 -12.16
N VAL C 403 2.52 3.80 -12.65
CA VAL C 403 2.22 2.40 -12.46
C VAL C 403 2.31 2.01 -10.98
N VAL C 404 1.41 1.14 -10.53
CA VAL C 404 1.41 0.67 -9.15
C VAL C 404 1.83 -0.79 -9.06
N VAL C 405 1.38 -1.58 -10.04
CA VAL C 405 1.66 -3.02 -10.05
C VAL C 405 1.55 -3.59 -11.47
N VAL C 406 2.37 -4.59 -11.77
CA VAL C 406 2.38 -5.23 -13.09
C VAL C 406 2.24 -6.75 -12.99
N SER C 407 1.47 -7.34 -13.89
CA SER C 407 1.25 -8.80 -13.89
C SER C 407 1.12 -9.37 -15.31
N ARG C 408 1.99 -10.31 -15.67
CA ARG C 408 2.05 -10.80 -17.05
C ARG C 408 0.94 -11.78 -17.43
N TYR C 409 0.76 -12.82 -16.61
CA TYR C 409 -0.04 -14.03 -16.91
C TYR C 409 0.66 -14.93 -17.91
N ALA C 410 -0.04 -15.97 -18.37
CA ALA C 410 0.50 -16.89 -19.36
C ALA C 410 0.85 -16.15 -20.64
N ASP C 411 0.07 -15.11 -20.93
CA ASP C 411 0.30 -14.30 -22.11
C ASP C 411 0.06 -12.81 -21.84
N GLY C 412 0.95 -11.97 -22.37
CA GLY C 412 0.77 -10.53 -22.32
C GLY C 412 1.20 -9.85 -21.03
N SER C 413 0.72 -8.62 -20.83
CA SER C 413 1.02 -7.84 -19.64
C SER C 413 0.04 -6.68 -19.50
N VAL C 414 -0.23 -6.28 -18.27
CA VAL C 414 -1.08 -5.12 -18.00
C VAL C 414 -0.50 -4.28 -16.86
N LYS C 415 -0.08 -3.06 -17.19
CA LYS C 415 0.44 -2.15 -16.20
C LYS C 415 -0.72 -1.38 -15.59
N ARG C 416 -1.15 -1.78 -14.39
CA ARG C 416 -2.27 -1.12 -13.74
C ARG C 416 -1.86 0.25 -13.20
N TYR C 417 -2.20 1.28 -13.97
CA TYR C 417 -1.83 2.66 -13.66
C TYR C 417 -2.54 3.18 -12.42
N ARG C 418 -2.04 4.31 -11.93
CA ARG C 418 -2.73 5.06 -10.88
C ARG C 418 -2.77 6.53 -11.30
N THR C 419 -3.97 7.08 -11.43
CA THR C 419 -4.11 8.47 -11.87
C THR C 419 -4.79 9.32 -10.80
N ILE C 420 -4.10 10.36 -10.35
CA ILE C 420 -4.70 11.34 -9.44
C ILE C 420 -4.19 12.76 -9.76
N SER C 421 -4.96 13.75 -9.31
CA SER C 421 -4.61 15.17 -9.38
C SER C 421 -3.21 15.38 -8.78
N PRO C 422 -2.59 16.54 -9.08
CA PRO C 422 -1.31 16.90 -8.44
C PRO C 422 -1.29 16.64 -6.93
N GLN C 423 -2.40 16.93 -6.25
CA GLN C 423 -2.49 16.65 -4.82
C GLN C 423 -2.42 15.15 -4.53
N LYS C 424 -1.56 14.80 -3.58
CA LYS C 424 -1.60 13.51 -2.93
C LYS C 424 -2.35 13.78 -1.64
N PHE C 425 -3.12 12.81 -1.15
CA PHE C 425 -3.91 13.04 0.04
C PHE C 425 -3.01 13.36 1.24
N TYR C 426 -2.01 12.53 1.45
CA TYR C 426 -1.02 12.75 2.50
C TYR C 426 0.38 12.94 1.90
N ASP C 427 0.91 14.15 2.02
CA ASP C 427 2.26 14.44 1.58
C ASP C 427 3.15 14.76 2.78
N GLY C 428 3.85 13.74 3.27
CA GLY C 428 4.75 13.89 4.41
C GLY C 428 5.48 12.59 4.71
N PRO C 429 6.28 12.58 5.81
CA PRO C 429 7.03 11.39 6.19
C PRO C 429 6.10 10.21 6.47
N LEU C 430 6.44 9.04 5.94
CA LEU C 430 5.57 7.88 6.01
C LEU C 430 6.35 6.61 6.32
N ALA C 431 5.99 5.94 7.40
CA ALA C 431 6.62 4.66 7.75
C ALA C 431 5.60 3.53 7.64
N VAL C 432 5.91 2.53 6.82
CA VAL C 432 5.03 1.38 6.67
C VAL C 432 5.52 0.21 7.53
N LEU C 433 4.78 -0.10 8.58
CA LEU C 433 5.17 -1.16 9.52
C LEU C 433 4.63 -2.51 9.07
N VAL C 434 5.53 -3.46 8.80
CA VAL C 434 5.14 -4.78 8.30
C VAL C 434 5.64 -5.91 9.18
N SER C 435 5.28 -7.14 8.80
CA SER C 435 5.75 -8.34 9.48
C SER C 435 5.85 -9.50 8.48
N LYS C 436 6.32 -10.65 8.94
CA LYS C 436 6.44 -11.82 8.09
C LYS C 436 5.08 -12.33 7.64
N SER C 437 4.03 -11.87 8.31
CA SER C 437 2.67 -12.29 7.97
C SER C 437 1.95 -11.28 7.07
N SER C 438 2.64 -10.20 6.71
CA SER C 438 2.10 -9.20 5.79
C SER C 438 1.95 -9.84 4.41
N ALA C 439 0.83 -9.59 3.74
CA ALA C 439 0.51 -10.38 2.55
C ALA C 439 0.72 -9.74 1.20
N ALA C 440 0.46 -10.54 0.17
CA ALA C 440 0.53 -10.13 -1.23
C ALA C 440 0.03 -8.71 -1.43
N ALA C 441 -1.26 -8.50 -1.19
CA ALA C 441 -1.88 -7.19 -1.30
C ALA C 441 -1.14 -6.14 -0.46
N ALA C 442 -0.78 -6.50 0.77
CA ALA C 442 0.00 -5.61 1.62
C ALA C 442 1.41 -5.43 1.06
N GLU C 443 2.01 -6.51 0.59
CA GLU C 443 3.35 -6.45 0.01
C GLU C 443 3.39 -5.61 -1.27
N ILE C 444 2.34 -5.70 -2.08
CA ILE C 444 2.26 -4.88 -3.30
C ILE C 444 2.31 -3.40 -2.93
N VAL C 445 1.54 -3.00 -1.92
CA VAL C 445 1.53 -1.61 -1.46
C VAL C 445 2.88 -1.21 -0.89
N ALA C 446 3.46 -2.08 -0.05
CA ALA C 446 4.76 -1.82 0.56
C ALA C 446 5.89 -1.71 -0.48
N GLN C 447 5.95 -2.68 -1.38
CA GLN C 447 6.97 -2.71 -2.43
C GLN C 447 6.86 -1.50 -3.39
N THR C 448 5.63 -1.06 -3.65
CA THR C 448 5.39 0.04 -4.57
C THR C 448 5.70 1.40 -3.93
N LEU C 449 5.31 1.58 -2.68
CA LEU C 449 5.60 2.81 -1.95
C LEU C 449 7.10 2.94 -1.66
N GLN C 450 7.82 1.83 -1.80
CA GLN C 450 9.26 1.81 -1.57
C GLN C 450 10.02 2.22 -2.84
N ASP C 451 9.56 1.74 -3.99
CA ASP C 451 10.18 2.07 -5.27
C ASP C 451 10.07 3.56 -5.57
N TYR C 452 8.96 4.17 -5.15
CA TYR C 452 8.76 5.61 -5.32
C TYR C 452 9.44 6.40 -4.19
N GLY C 453 9.91 5.69 -3.18
CA GLY C 453 10.64 6.32 -2.08
C GLY C 453 9.81 7.35 -1.31
N VAL C 454 8.53 7.07 -1.15
CA VAL C 454 7.65 7.92 -0.35
C VAL C 454 7.41 7.30 1.02
N ALA C 455 7.84 6.05 1.18
CA ALA C 455 7.65 5.31 2.42
C ALA C 455 8.90 4.54 2.81
N LEU C 456 9.24 4.57 4.10
CA LEU C 456 10.28 3.69 4.62
C LEU C 456 9.63 2.44 5.17
N ILE C 457 10.07 1.28 4.72
CA ILE C 457 9.48 0.02 5.13
C ILE C 457 10.15 -0.50 6.40
N VAL C 458 9.48 -0.34 7.54
CA VAL C 458 10.02 -0.81 8.81
C VAL C 458 9.30 -2.08 9.26
N GLY C 459 9.94 -2.85 10.13
CA GLY C 459 9.40 -4.12 10.58
C GLY C 459 10.38 -5.26 10.38
N ASP C 460 9.85 -6.48 10.28
CA ASP C 460 10.68 -7.65 9.97
C ASP C 460 11.42 -7.46 8.65
N GLN C 461 12.61 -8.05 8.54
CA GLN C 461 13.48 -7.87 7.38
C GLN C 461 12.81 -8.27 6.06
N GLN C 462 11.77 -9.09 6.14
CA GLN C 462 11.14 -9.64 4.95
C GLN C 462 9.67 -9.97 5.22
N THR C 463 8.82 -9.61 4.27
CA THR C 463 7.39 -9.92 4.35
C THR C 463 7.12 -11.37 3.94
N TYR C 464 5.85 -11.78 3.95
CA TYR C 464 5.48 -13.16 3.64
C TYR C 464 6.01 -13.63 2.28
N GLY C 465 5.95 -12.75 1.29
CA GLY C 465 6.49 -13.06 -0.01
C GLY C 465 5.52 -13.70 -0.99
N LYS C 466 4.23 -13.38 -0.88
CA LYS C 466 3.29 -13.91 -1.87
C LYS C 466 3.16 -12.95 -3.06
N GLY C 467 3.58 -13.41 -4.24
CA GLY C 467 3.58 -12.57 -5.42
C GLY C 467 2.94 -13.23 -6.65
N THR C 468 2.11 -14.23 -6.41
CA THR C 468 1.43 -14.94 -7.50
C THR C 468 -0.05 -14.58 -7.58
N ILE C 469 -0.66 -14.81 -8.73
CA ILE C 469 -2.09 -14.53 -8.93
C ILE C 469 -2.88 -15.82 -9.07
N GLN C 470 -3.95 -15.96 -8.29
CA GLN C 470 -4.82 -17.13 -8.41
C GLN C 470 -6.22 -16.71 -8.87
N HIS C 471 -6.83 -17.55 -9.71
CA HIS C 471 -8.20 -17.31 -10.16
C HIS C 471 -9.06 -18.53 -9.91
N GLN C 472 -10.38 -18.37 -10.07
CA GLN C 472 -11.30 -19.48 -9.83
C GLN C 472 -11.41 -20.38 -11.07
N THR C 473 -12.39 -21.27 -11.05
CA THR C 473 -12.61 -22.25 -12.11
C THR C 473 -11.37 -23.12 -12.34
N ASP C 482 -16.24 -27.64 -12.29
CA ASP C 482 -15.78 -27.26 -10.98
C ASP C 482 -14.85 -28.34 -10.38
N PHE C 483 -13.81 -27.94 -9.66
CA PHE C 483 -13.44 -26.53 -9.46
C PHE C 483 -11.94 -26.41 -9.25
N PHE C 484 -11.33 -25.40 -9.86
CA PHE C 484 -9.90 -25.16 -9.67
C PHE C 484 -9.64 -23.76 -9.12
N LYS C 485 -8.62 -23.66 -8.27
CA LYS C 485 -8.14 -22.37 -7.80
C LYS C 485 -6.65 -22.31 -8.13
N VAL C 486 -6.34 -21.81 -9.32
CA VAL C 486 -5.01 -21.97 -9.90
C VAL C 486 -4.20 -20.68 -9.99
N THR C 487 -2.91 -20.79 -9.71
CA THR C 487 -1.97 -19.70 -9.92
C THR C 487 -1.80 -19.45 -11.41
N VAL C 488 -2.00 -18.21 -11.85
CA VAL C 488 -2.00 -17.89 -13.28
C VAL C 488 -0.99 -16.82 -13.72
N GLY C 489 -0.69 -15.88 -12.82
CA GLY C 489 0.22 -14.79 -13.17
C GLY C 489 1.07 -14.32 -12.00
N ARG C 490 2.19 -13.67 -12.31
CA ARG C 490 3.08 -13.13 -11.28
C ARG C 490 2.84 -11.64 -11.09
N TYR C 491 3.00 -11.17 -9.86
CA TYR C 491 2.93 -9.73 -9.61
C TYR C 491 4.29 -9.06 -9.77
N TYR C 492 4.28 -7.81 -10.20
CA TYR C 492 5.50 -7.02 -10.29
C TYR C 492 5.28 -5.57 -9.83
N SER C 493 6.26 -5.03 -9.13
CA SER C 493 6.24 -3.63 -8.73
C SER C 493 6.79 -2.78 -9.87
N PRO C 494 6.50 -1.47 -9.87
CA PRO C 494 6.94 -0.56 -10.92
C PRO C 494 8.41 -0.72 -11.31
N SER C 495 9.28 -1.04 -10.34
CA SER C 495 10.70 -1.23 -10.63
C SER C 495 11.01 -2.64 -11.15
N GLY C 496 9.96 -3.44 -11.34
CA GLY C 496 10.13 -4.76 -11.91
C GLY C 496 10.70 -5.80 -10.96
N LYS C 497 10.82 -5.45 -9.68
CA LYS C 497 11.24 -6.42 -8.68
C LYS C 497 10.04 -7.15 -8.11
N SER C 498 10.15 -8.47 -7.97
CA SER C 498 9.03 -9.30 -7.54
C SER C 498 9.12 -9.71 -6.07
N THR C 499 7.96 -9.97 -5.48
CA THR C 499 7.87 -10.31 -4.07
C THR C 499 7.60 -11.80 -3.85
N GLN C 500 8.06 -12.66 -4.75
CA GLN C 500 7.62 -14.06 -4.77
C GLN C 500 8.23 -15.05 -3.74
N LEU C 501 9.54 -15.01 -3.53
CA LEU C 501 10.13 -15.87 -2.50
C LEU C 501 10.91 -15.03 -1.50
N GLU C 502 11.45 -13.94 -2.00
CA GLU C 502 11.87 -12.84 -1.15
C GLU C 502 10.65 -11.94 -1.09
N GLY C 503 10.45 -11.25 0.02
CA GLY C 503 9.31 -10.35 0.13
C GLY C 503 9.74 -8.91 -0.05
N VAL C 504 8.93 -7.98 0.44
CA VAL C 504 9.38 -6.60 0.55
C VAL C 504 10.46 -6.57 1.61
N LYS C 505 11.63 -6.06 1.25
CA LYS C 505 12.72 -5.96 2.22
C LYS C 505 12.51 -4.72 3.08
N SER C 506 12.78 -4.84 4.38
CA SER C 506 12.66 -3.70 5.27
C SER C 506 13.91 -2.85 5.28
N ASP C 507 13.74 -1.53 5.18
CA ASP C 507 14.86 -0.60 5.22
C ASP C 507 15.40 -0.48 6.64
N ILE C 508 14.51 -0.60 7.62
CA ILE C 508 14.87 -0.58 9.02
C ILE C 508 14.22 -1.75 9.76
N VAL C 509 15.03 -2.64 10.33
CA VAL C 509 14.53 -3.87 10.94
C VAL C 509 13.97 -3.67 12.36
N ILE C 510 12.71 -4.06 12.54
CA ILE C 510 12.08 -4.10 13.86
C ILE C 510 11.37 -5.45 14.00
N PRO C 511 12.01 -6.41 14.69
CA PRO C 511 11.47 -7.78 14.82
C PRO C 511 10.05 -7.83 15.39
N SER C 512 9.16 -8.56 14.73
CA SER C 512 7.80 -8.75 15.23
C SER C 512 7.64 -10.13 15.84
N ARG C 513 6.41 -10.47 16.23
CA ARG C 513 6.11 -11.74 16.89
C ARG C 513 6.70 -12.95 16.15
N TYR C 514 6.56 -12.93 14.83
CA TYR C 514 6.94 -14.06 13.99
C TYR C 514 8.42 -14.04 13.59
N ALA C 515 9.22 -13.19 14.26
CA ALA C 515 10.64 -13.06 13.93
C ALA C 515 11.41 -14.38 14.01
N GLU C 516 11.21 -15.13 15.08
CA GLU C 516 11.92 -16.39 15.25
C GLU C 516 11.15 -17.58 14.68
N ASP C 517 9.92 -17.33 14.24
CA ASP C 517 9.13 -18.36 13.59
C ASP C 517 9.43 -18.44 12.11
N LYS C 518 9.61 -19.66 11.61
CA LYS C 518 9.73 -19.88 10.17
C LYS C 518 8.37 -19.68 9.51
N LEU C 519 8.06 -18.42 9.20
CA LEU C 519 6.79 -18.06 8.57
C LEU C 519 7.06 -17.42 7.21
N GLY C 520 6.41 -17.93 6.18
CA GLY C 520 6.58 -17.42 4.83
C GLY C 520 6.31 -18.47 3.76
N GLU C 521 5.99 -18.01 2.55
CA GLU C 521 5.65 -18.91 1.45
C GLU C 521 6.83 -19.79 1.02
N ARG C 522 8.04 -19.27 1.17
CA ARG C 522 9.26 -20.00 0.81
C ARG C 522 9.33 -21.38 1.46
N PHE C 523 8.59 -21.54 2.56
CA PHE C 523 8.57 -22.81 3.28
C PHE C 523 7.35 -23.66 2.96
N LEU C 524 6.44 -23.12 2.16
CA LEU C 524 5.33 -23.91 1.63
C LEU C 524 5.93 -24.96 0.70
N GLU C 525 5.26 -26.10 0.56
CA GLU C 525 5.88 -27.27 -0.08
C GLU C 525 6.26 -27.10 -1.55
N TYR C 526 5.38 -26.52 -2.35
CA TYR C 526 5.69 -26.31 -3.76
C TYR C 526 5.56 -24.85 -4.18
N ALA C 527 6.51 -24.03 -3.75
CA ALA C 527 6.50 -22.60 -4.07
C ALA C 527 7.32 -22.32 -5.33
N LEU C 528 6.81 -21.43 -6.17
CA LEU C 528 7.47 -21.07 -7.42
C LEU C 528 8.64 -20.13 -7.18
N PRO C 529 9.72 -20.28 -7.98
CA PRO C 529 10.93 -19.45 -7.88
C PRO C 529 10.65 -17.97 -8.14
N ALA C 530 11.60 -17.11 -7.85
CA ALA C 530 11.43 -15.66 -8.00
C ALA C 530 11.86 -15.17 -9.39
N ASP C 531 11.22 -14.11 -9.87
CA ASP C 531 11.57 -13.52 -11.16
C ASP C 531 11.61 -12.01 -11.06
N GLN C 532 11.91 -11.36 -12.19
CA GLN C 532 11.88 -9.90 -12.27
C GLN C 532 11.38 -9.43 -13.64
N TYR C 533 10.77 -8.26 -13.67
CA TYR C 533 10.24 -7.69 -14.91
C TYR C 533 10.96 -6.38 -15.23
N ASP C 534 10.74 -5.85 -16.43
CA ASP C 534 11.35 -4.59 -16.84
C ASP C 534 10.92 -3.44 -15.93
N ASN C 535 11.82 -2.49 -15.69
CA ASN C 535 11.50 -1.31 -14.89
C ASN C 535 10.53 -0.38 -15.64
N VAL C 536 9.51 0.11 -14.93
CA VAL C 536 8.46 0.91 -15.55
C VAL C 536 8.15 2.23 -14.80
N ILE C 537 9.02 2.64 -13.88
CA ILE C 537 8.82 3.90 -13.13
C ILE C 537 8.55 5.07 -14.07
N ASN C 538 9.47 5.35 -14.98
CA ASN C 538 9.17 6.26 -16.06
C ASN C 538 8.33 5.51 -17.06
N ASP C 539 7.05 5.85 -17.16
CA ASP C 539 6.19 5.08 -18.04
C ASP C 539 6.20 5.58 -19.48
N ASN C 540 6.49 4.66 -20.38
CA ASN C 540 6.51 4.91 -21.81
C ASN C 540 5.12 4.86 -22.40
N LEU C 541 4.13 4.51 -21.56
CA LEU C 541 2.75 4.32 -22.00
C LEU C 541 2.74 3.28 -23.12
N GLY C 542 3.65 2.31 -23.02
CA GLY C 542 3.96 1.44 -24.14
C GLY C 542 3.08 0.23 -24.34
N ASP C 543 2.11 0.03 -23.45
CA ASP C 543 1.24 -1.14 -23.55
C ASP C 543 -0.21 -0.77 -23.88
N LEU C 544 -0.39 0.33 -24.60
CA LEU C 544 -1.73 0.83 -24.92
C LEU C 544 -2.01 0.79 -26.42
N ASP C 545 -3.26 1.06 -26.77
CA ASP C 545 -3.62 1.35 -28.17
C ASP C 545 -3.20 2.79 -28.48
N ILE C 546 -2.94 3.08 -29.75
CA ILE C 546 -2.43 4.37 -30.17
C ILE C 546 -3.53 5.44 -30.26
N ASN C 547 -4.75 5.06 -29.90
CA ASN C 547 -5.83 6.04 -29.79
C ASN C 547 -5.76 6.79 -28.45
N ILE C 548 -5.56 6.03 -27.37
CA ILE C 548 -5.44 6.60 -26.04
C ILE C 548 -4.02 7.05 -25.73
N ARG C 549 -3.02 6.32 -26.22
CA ARG C 549 -1.61 6.57 -25.89
C ARG C 549 -1.14 8.04 -26.02
N PRO C 550 -1.52 8.73 -27.10
CA PRO C 550 -1.18 10.16 -27.16
C PRO C 550 -1.75 10.95 -25.98
N TRP C 551 -2.99 10.66 -25.60
CA TRP C 551 -3.65 11.35 -24.48
C TRP C 551 -2.80 11.33 -23.19
N PHE C 552 -2.19 10.19 -22.90
CA PHE C 552 -1.30 10.07 -21.74
C PHE C 552 -0.13 11.06 -21.89
N GLN C 553 0.55 10.98 -23.02
CA GLN C 553 1.71 11.82 -23.33
C GLN C 553 1.46 13.30 -23.01
N LYS C 554 0.27 13.78 -23.37
CA LYS C 554 -0.09 15.18 -23.15
C LYS C 554 -0.41 15.49 -21.69
N TYR C 555 -1.09 14.55 -21.01
CA TYR C 555 -1.63 14.84 -19.67
C TYR C 555 -1.24 13.86 -18.55
N TYR C 556 -0.83 12.64 -18.87
CA TYR C 556 -0.47 11.67 -17.84
C TYR C 556 1.04 11.59 -17.58
N SER C 557 1.83 11.65 -18.65
CA SER C 557 3.28 11.63 -18.54
C SER C 557 3.98 12.87 -17.94
N PRO C 558 3.49 14.09 -18.20
CA PRO C 558 4.30 15.21 -17.70
C PRO C 558 4.17 15.37 -16.20
N HIS C 559 3.05 14.91 -15.64
CA HIS C 559 2.83 14.98 -14.20
C HIS C 559 3.07 13.64 -13.53
N LEU C 560 3.89 12.80 -14.18
CA LEU C 560 4.26 11.49 -13.65
C LEU C 560 5.01 11.66 -12.33
N GLN C 561 4.73 10.79 -11.37
CA GLN C 561 5.39 10.86 -10.06
C GLN C 561 6.88 10.55 -10.17
N LYS C 562 7.70 11.44 -9.63
CA LYS C 562 9.13 11.21 -9.56
C LYS C 562 9.46 10.53 -8.24
N PRO C 563 10.22 9.42 -8.29
CA PRO C 563 10.68 8.75 -7.07
C PRO C 563 11.51 9.72 -6.24
N GLU C 564 11.28 9.74 -4.93
CA GLU C 564 11.88 10.74 -4.07
C GLU C 564 13.19 10.26 -3.42
N LEU C 565 14.04 11.20 -3.04
CA LEU C 565 15.35 10.88 -2.49
C LEU C 565 15.48 11.26 -1.01
N VAL C 566 14.72 12.26 -0.59
CA VAL C 566 14.88 12.87 0.74
C VAL C 566 14.83 11.88 1.92
N TRP C 567 13.90 10.94 1.88
CA TRP C 567 13.72 10.00 2.98
C TRP C 567 14.76 8.87 2.97
N ARG C 568 15.01 8.30 1.80
CA ARG C 568 16.02 7.25 1.64
C ARG C 568 17.44 7.80 1.80
N GLU C 569 17.58 9.12 1.74
CA GLU C 569 18.86 9.80 1.93
C GLU C 569 19.28 9.80 3.40
N MET C 570 18.31 10.03 4.29
CA MET C 570 18.58 10.05 5.73
C MET C 570 18.52 8.64 6.33
N LEU C 571 18.41 7.62 5.47
CA LEU C 571 18.23 6.24 5.90
C LEU C 571 19.38 5.64 6.76
N PRO C 572 20.65 5.83 6.33
CA PRO C 572 21.75 5.29 7.16
C PRO C 572 21.81 5.91 8.55
N GLN C 573 21.35 7.14 8.70
CA GLN C 573 21.28 7.80 10.00
C GLN C 573 20.13 7.23 10.84
N LEU C 574 19.02 6.93 10.17
CA LEU C 574 17.82 6.39 10.83
C LEU C 574 18.02 4.95 11.29
N ALA C 575 18.70 4.15 10.47
CA ALA C 575 18.96 2.76 10.80
C ALA C 575 19.94 2.64 11.96
N HIS C 576 20.87 3.58 12.04
CA HIS C 576 21.85 3.61 13.13
C HIS C 576 21.18 3.89 14.48
N ASN C 577 20.28 4.87 14.49
CA ASN C 577 19.57 5.25 15.71
C ASN C 577 18.62 4.15 16.21
N SER C 578 17.91 3.52 15.27
CA SER C 578 17.00 2.41 15.59
C SER C 578 17.73 1.25 16.28
N GLN C 579 18.83 0.80 15.67
CA GLN C 579 19.65 -0.26 16.23
C GLN C 579 20.11 0.06 17.64
N GLU C 580 20.55 1.30 17.85
CA GLU C 580 21.01 1.75 19.17
C GLU C 580 19.86 1.86 20.17
N ARG C 581 18.70 2.35 19.71
CA ARG C 581 17.53 2.48 20.57
C ARG C 581 17.00 1.13 21.03
N LEU C 582 17.02 0.14 20.14
CA LEU C 582 16.54 -1.20 20.47
C LEU C 582 17.44 -1.92 21.46
N GLU C 583 18.75 -1.79 21.27
CA GLU C 583 19.74 -2.42 22.16
C GLU C 583 19.65 -1.85 23.57
N LYS C 584 19.42 -0.54 23.66
CA LYS C 584 19.38 0.15 24.96
C LYS C 584 18.00 0.11 25.61
N ASN C 585 17.02 -0.47 24.91
CA ASN C 585 15.69 -0.64 25.47
C ASN C 585 15.59 -1.99 26.16
N LYS C 586 15.38 -1.96 27.48
CA LYS C 586 15.29 -3.18 28.29
C LYS C 586 14.11 -4.05 27.87
N ASN C 587 12.93 -3.44 27.77
CA ASN C 587 11.73 -4.17 27.34
C ASN C 587 11.92 -4.86 25.98
N PHE C 588 12.53 -4.18 25.02
CA PHE C 588 12.78 -4.80 23.73
C PHE C 588 13.91 -5.82 23.81
N GLU C 589 14.85 -5.61 24.72
CA GLU C 589 15.94 -6.56 24.95
C GLU C 589 15.36 -7.89 25.48
N ILE C 590 14.37 -7.78 26.36
CA ILE C 590 13.66 -8.93 26.90
C ILE C 590 12.86 -9.65 25.80
N PHE C 591 12.10 -8.86 25.03
CA PHE C 591 11.25 -9.40 23.98
C PHE C 591 12.01 -10.29 22.99
N VAL C 592 13.24 -9.90 22.67
CA VAL C 592 14.09 -10.70 21.79
C VAL C 592 14.40 -12.07 22.42
N GLN C 593 14.88 -12.05 23.66
CA GLN C 593 15.14 -13.29 24.41
C GLN C 593 13.90 -14.17 24.46
N HIS C 594 12.76 -13.54 24.76
CA HIS C 594 11.48 -14.24 24.90
C HIS C 594 11.12 -15.04 23.64
N LEU C 595 11.55 -14.54 22.49
CA LEU C 595 11.31 -15.22 21.22
C LEU C 595 12.26 -16.40 21.04
N LYS C 596 13.47 -16.27 21.58
CA LYS C 596 14.50 -17.30 21.43
C LYS C 596 14.43 -18.33 22.55
N LYS C 597 13.42 -18.20 23.41
CA LYS C 597 13.19 -19.12 24.52
C LYS C 597 14.36 -19.18 25.49
N THR C 598 15.15 -18.10 25.53
CA THR C 598 16.29 -18.02 26.44
C THR C 598 15.96 -17.16 27.66
N ASN C 599 14.68 -16.83 27.81
CA ASN C 599 14.23 -16.08 28.98
C ASN C 599 14.02 -17.02 30.16
N LYS C 600 15.10 -17.69 30.59
CA LYS C 600 15.07 -18.57 31.74
C LYS C 600 14.57 -17.78 32.95
N GLN C 601 15.24 -16.68 33.22
CA GLN C 601 14.71 -15.70 34.16
C GLN C 601 13.45 -15.11 33.55
N ASP C 602 12.42 -14.91 34.36
CA ASP C 602 11.17 -14.38 33.85
C ASP C 602 11.14 -12.85 33.91
N ARG C 603 11.11 -12.23 32.74
CA ARG C 603 10.97 -10.79 32.64
C ARG C 603 9.76 -10.44 31.78
N SER C 604 9.12 -9.32 32.12
CA SER C 604 8.02 -8.81 31.32
C SER C 604 8.48 -7.61 30.51
N PHE C 605 7.99 -7.50 29.28
CA PHE C 605 8.37 -6.39 28.41
C PHE C 605 7.27 -5.33 28.29
N GLY C 606 6.40 -5.27 29.30
CA GLY C 606 5.35 -4.27 29.33
C GLY C 606 4.12 -4.59 28.51
N SER C 607 3.19 -3.64 28.46
CA SER C 607 1.94 -3.81 27.74
C SER C 607 1.82 -2.84 26.56
N ASN C 608 2.92 -2.17 26.22
CA ASN C 608 2.95 -1.28 25.07
C ASN C 608 3.33 -2.01 23.79
N ASP C 609 2.87 -1.49 22.65
CA ASP C 609 3.27 -2.04 21.35
C ASP C 609 4.70 -1.59 21.05
N LEU C 610 5.66 -2.51 21.19
CA LEU C 610 7.07 -2.18 21.02
C LEU C 610 7.45 -1.86 19.58
N GLN C 611 6.89 -2.61 18.63
CA GLN C 611 7.15 -2.39 17.21
C GLN C 611 6.64 -1.02 16.74
N MET C 612 5.49 -0.61 17.27
CA MET C 612 4.91 0.69 16.93
C MET C 612 5.67 1.85 17.55
N GLU C 613 6.02 1.71 18.82
CA GLU C 613 6.77 2.75 19.56
C GLU C 613 8.07 3.12 18.87
N GLU C 614 8.75 2.12 18.33
CA GLU C 614 10.00 2.35 17.58
C GLU C 614 9.70 3.07 16.26
N SER C 615 8.64 2.64 15.57
CA SER C 615 8.23 3.27 14.32
C SER C 615 7.89 4.74 14.51
N VAL C 616 7.24 5.06 15.63
CA VAL C 616 6.97 6.44 16.00
C VAL C 616 8.28 7.21 16.20
N ASN C 617 9.24 6.56 16.85
CA ASN C 617 10.56 7.16 17.07
C ASN C 617 11.34 7.39 15.78
N ILE C 618 11.13 6.52 14.79
CA ILE C 618 11.73 6.68 13.47
C ILE C 618 11.13 7.90 12.74
N VAL C 619 9.82 8.08 12.86
CA VAL C 619 9.13 9.23 12.28
C VAL C 619 9.52 10.53 12.98
N LYS C 620 9.67 10.47 14.30
CA LYS C 620 10.16 11.61 15.08
C LYS C 620 11.53 12.06 14.59
N ASP C 621 12.36 11.10 14.21
CA ASP C 621 13.68 11.39 13.67
C ASP C 621 13.60 11.98 12.26
N MET C 622 12.72 11.41 11.43
CA MET C 622 12.53 11.89 10.06
C MET C 622 12.10 13.36 10.01
N ILE C 623 11.17 13.72 10.89
CA ILE C 623 10.67 15.09 11.00
C ILE C 623 11.80 16.08 11.35
N LEU C 624 12.55 15.75 12.40
CA LEU C 624 13.66 16.60 12.85
C LEU C 624 14.77 16.70 11.81
N LEU C 625 15.08 15.58 11.16
CA LEU C 625 16.12 15.54 10.14
C LEU C 625 15.78 16.43 8.93
N LYS C 626 14.52 16.40 8.51
CA LYS C 626 14.05 17.27 7.44
C LYS C 626 14.09 18.73 7.86
N SER C 627 13.77 18.97 9.14
CA SER C 627 13.65 20.33 9.69
C SER C 627 15.00 21.04 9.87
N ILE C 628 16.10 20.33 9.63
CA ILE C 628 17.43 20.93 9.72
C ILE C 628 18.16 20.88 8.38
N SER C 629 17.49 20.32 7.37
CA SER C 629 18.03 20.29 6.01
C SER C 629 17.60 21.54 5.24
#